data_1GXD
#
_entry.id   1GXD
#
_cell.length_a   75.696
_cell.length_b   374.575
_cell.length_c   191.000
_cell.angle_alpha   90.00
_cell.angle_beta   90.00
_cell.angle_gamma   90.00
#
_symmetry.space_group_name_H-M   'C 2 2 21'
#
loop_
_entity.id
_entity.type
_entity.pdbx_description
1 polymer '72 KDA TYPE IV COLLAGENASE'
2 polymer 'METALLOPROTEINASE INHIBITOR 2'
3 non-polymer 'SULFATE ION'
4 non-polymer 'ZINC ION'
5 non-polymer 'CALCIUM ION'
#
loop_
_entity_poly.entity_id
_entity_poly.type
_entity_poly.pdbx_seq_one_letter_code
_entity_poly.pdbx_strand_id
1 'polypeptide(L)'
;APSPIIKFPGDVAPKTDKELAVQYLNTFYGCPKESCNLFVLKDTLKKMQKFFGLPQTGDLDQNTIETMRKPRCGNPDVAN
YNFFPRKPKWDKNQITYRIIGYTPDLDPETVDDAFARAFQVWSDVTPLRFSRIHDGEADIMINFGRWEHGDGYPFDGKDG
LLAHAFAPGTGVGGDSHFDDDELWTLGEGQVVRVKYGNADGEYCKFPFLFNGKEYNSCTDTGRSDGFLWCSTTYNFEKDG
KYGFCPHEALFTMGGNAEGQPCKFPFRFQGTSYDSCTTEGRTDGYRWCGTTEDYDRDKKYGFCPETAMSTVGGNSEGAPC
VFPFTFLGNKYESCTSAGRSDGKMWCATTANYDDDRKWGFCPDQGYSLFLVAAHAFGHAMGLEHSQDPGALMAPIYTYTK
NFRLSQDDIKGIQELYGASPDIDLGTGPTPTLGPVTPEICKQDIVFDGIAQIRGEIFFFKDRFIWRTVTPRDKPMGPLLV
ATFWPELPEKIDAVYEAPQEEKAVFFAGNEYWIYSASTLERGYPKPLTSLGLPPDVQRVDAAFNWSKNKKTYIFAGDKFW
RYNEVKKKMDPGFPKLIADAWNAIPDNLDAVVDLQGGGHSYFFKGAYYLKLENQSLKSVKFGSIKSDWLGC
;
A,B
2 'polypeptide(L)'
;CSCSPVHPQQAFCNADVVIRAKAVSEKEVDSGNDIYGNPIKRIQYEIKQIKMFKGPEKDIEFIYTAPSSAVCGVSLDVGG
KKEYLIAGKAEGDGKMHITLCDFIVPWDTLSTTQKKSLNHRYQMGCECKITRCPMIPCYISSPDECLWMDWVTEKNINGH
QAKFFACIKRSDGSCAWYRGAAPPKQEFLDIEDP
;
C,D
#
loop_
_chem_comp.id
_chem_comp.type
_chem_comp.name
_chem_comp.formula
CA non-polymer 'CALCIUM ION' 'Ca 2'
SO4 non-polymer 'SULFATE ION' 'O4 S -2'
ZN non-polymer 'ZINC ION' 'Zn 2'
#
# COMPACT_ATOMS: atom_id res chain seq x y z
N ALA A 1 -41.29 -5.80 -23.38
CA ALA A 1 -41.84 -4.59 -24.06
C ALA A 1 -41.47 -3.27 -23.37
N PRO A 2 -42.19 -2.86 -22.32
CA PRO A 2 -41.90 -1.60 -21.62
C PRO A 2 -40.57 -1.73 -20.86
N SER A 3 -39.61 -2.34 -21.52
CA SER A 3 -38.29 -2.63 -20.97
C SER A 3 -37.85 -1.86 -19.72
N PRO A 4 -37.84 -2.60 -18.62
CA PRO A 4 -37.43 -2.13 -17.29
C PRO A 4 -36.00 -1.66 -17.13
N ILE A 5 -35.79 -0.53 -16.47
CA ILE A 5 -34.43 -0.04 -16.25
C ILE A 5 -33.99 -0.15 -14.79
N ILE A 6 -32.86 -0.76 -14.56
CA ILE A 6 -32.40 -0.98 -13.20
C ILE A 6 -31.01 -0.40 -12.94
N LYS A 7 -30.70 -0.18 -11.68
CA LYS A 7 -29.40 0.30 -11.25
C LYS A 7 -28.68 -0.88 -10.65
N PHE A 8 -27.50 -1.20 -11.12
CA PHE A 8 -26.80 -2.34 -10.54
C PHE A 8 -25.84 -1.82 -9.48
N PRO A 9 -25.73 -2.53 -8.38
CA PRO A 9 -24.88 -2.06 -7.29
C PRO A 9 -23.46 -1.92 -7.78
N GLY A 10 -22.92 -0.72 -7.70
CA GLY A 10 -21.54 -0.50 -8.11
C GLY A 10 -21.48 0.34 -9.35
N ASP A 11 -22.43 0.13 -10.25
CA ASP A 11 -22.50 0.89 -11.48
C ASP A 11 -23.37 2.11 -11.15
N VAL A 12 -23.01 3.29 -11.63
CA VAL A 12 -23.87 4.44 -11.43
C VAL A 12 -24.41 4.76 -12.81
N ALA A 13 -25.66 4.39 -13.09
CA ALA A 13 -26.15 4.44 -14.47
C ALA A 13 -27.38 5.25 -14.79
N PRO A 14 -27.32 6.55 -14.55
CA PRO A 14 -28.41 7.42 -14.98
C PRO A 14 -28.27 7.56 -16.49
N LYS A 15 -27.64 8.65 -16.94
CA LYS A 15 -27.41 8.92 -18.36
C LYS A 15 -28.53 8.44 -19.26
N THR A 16 -29.55 9.26 -19.43
CA THR A 16 -30.67 8.89 -20.27
C THR A 16 -30.57 9.63 -21.60
N ASP A 17 -30.59 8.87 -22.70
CA ASP A 17 -30.56 9.49 -24.02
C ASP A 17 -29.54 10.59 -24.03
N LYS A 18 -30.01 11.79 -24.30
CA LYS A 18 -29.20 12.99 -24.33
C LYS A 18 -28.34 13.12 -23.09
N GLU A 19 -28.94 13.15 -21.90
CA GLU A 19 -28.17 13.29 -20.68
C GLU A 19 -26.68 13.04 -20.92
N LEU A 20 -26.34 11.89 -21.52
CA LEU A 20 -24.96 11.56 -21.83
C LEU A 20 -24.31 12.52 -22.85
N ALA A 21 -24.92 12.67 -24.01
CA ALA A 21 -24.45 13.59 -25.05
C ALA A 21 -23.91 14.85 -24.40
N VAL A 22 -24.49 15.21 -23.26
CA VAL A 22 -24.05 16.37 -22.50
C VAL A 22 -22.68 16.08 -21.88
N GLN A 23 -22.60 14.99 -21.14
CA GLN A 23 -21.35 14.61 -20.48
C GLN A 23 -20.35 14.12 -21.51
N TYR A 24 -20.83 13.81 -22.70
CA TYR A 24 -19.98 13.25 -23.73
C TYR A 24 -19.66 14.18 -24.90
N LEU A 25 -19.97 15.47 -24.74
CA LEU A 25 -19.64 16.46 -25.77
C LEU A 25 -18.57 17.44 -25.32
N ASN A 26 -18.40 17.56 -24.00
CA ASN A 26 -17.38 18.45 -23.48
C ASN A 26 -16.09 17.71 -23.12
N THR A 27 -16.15 16.39 -23.08
CA THR A 27 -14.96 15.63 -22.82
C THR A 27 -14.07 15.74 -24.06
N PHE A 28 -14.68 15.57 -25.24
CA PHE A 28 -13.93 15.66 -26.47
C PHE A 28 -14.33 16.88 -27.31
N TYR A 29 -15.14 17.77 -26.74
CA TYR A 29 -15.57 18.98 -27.46
C TYR A 29 -15.66 20.25 -26.61
N GLY A 30 -15.16 20.22 -25.38
CA GLY A 30 -15.16 21.40 -24.53
C GLY A 30 -16.48 22.14 -24.30
N CYS A 31 -17.19 21.75 -23.24
CA CYS A 31 -18.50 22.31 -22.91
C CYS A 31 -18.89 21.78 -21.51
N PRO A 32 -18.52 22.53 -20.47
CA PRO A 32 -18.64 22.07 -19.07
C PRO A 32 -20.03 22.02 -18.42
N LYS A 33 -20.05 22.27 -17.11
CA LYS A 33 -21.24 22.20 -16.24
C LYS A 33 -22.59 22.61 -16.83
N GLU A 34 -22.60 23.50 -17.81
CA GLU A 34 -23.85 23.90 -18.42
C GLU A 34 -24.27 22.89 -19.47
N SER A 35 -25.59 22.75 -19.65
CA SER A 35 -26.09 21.98 -20.77
C SER A 35 -25.60 22.81 -21.94
N CYS A 36 -24.82 22.21 -22.83
CA CYS A 36 -24.24 22.94 -23.94
C CYS A 36 -25.05 24.16 -24.40
N ASN A 37 -24.34 25.24 -24.73
CA ASN A 37 -25.00 26.45 -25.17
C ASN A 37 -25.44 26.38 -26.62
N LEU A 38 -26.09 25.28 -27.00
CA LEU A 38 -26.63 25.16 -28.35
C LEU A 38 -28.02 25.79 -28.43
N PHE A 39 -28.54 26.23 -27.29
CA PHE A 39 -29.87 26.85 -27.23
C PHE A 39 -29.98 28.12 -28.05
N VAL A 40 -29.27 29.18 -27.65
CA VAL A 40 -29.26 30.43 -28.41
C VAL A 40 -28.11 30.33 -29.41
N LEU A 41 -27.19 29.41 -29.12
CA LEU A 41 -26.07 29.12 -29.98
C LEU A 41 -26.41 27.82 -30.67
N LYS A 42 -25.62 27.42 -31.66
CA LYS A 42 -25.90 26.19 -32.39
C LYS A 42 -24.74 25.20 -32.44
N ASP A 43 -23.59 25.62 -31.93
CA ASP A 43 -22.38 24.80 -32.03
C ASP A 43 -22.23 23.69 -30.99
N THR A 44 -21.38 22.73 -31.33
CA THR A 44 -21.07 21.58 -30.49
C THR A 44 -21.32 20.28 -31.25
N LEU A 45 -22.52 19.74 -31.11
CA LEU A 45 -22.92 18.50 -31.78
C LEU A 45 -22.58 18.53 -33.27
N LYS A 46 -22.61 19.70 -33.87
CA LYS A 46 -22.29 19.84 -35.28
C LYS A 46 -20.91 19.29 -35.63
N LYS A 47 -19.86 19.86 -35.03
CA LYS A 47 -18.49 19.44 -35.27
C LYS A 47 -18.31 17.97 -34.92
N MET A 48 -19.12 17.49 -33.97
CA MET A 48 -19.11 16.09 -33.57
C MET A 48 -19.44 15.24 -34.78
N GLN A 49 -20.48 15.66 -35.49
CA GLN A 49 -20.93 14.95 -36.68
C GLN A 49 -20.07 15.24 -37.89
N LYS A 50 -19.31 16.34 -37.84
CA LYS A 50 -18.33 16.61 -38.88
C LYS A 50 -17.44 15.38 -38.84
N PHE A 51 -16.78 15.21 -37.70
CA PHE A 51 -16.03 14.01 -37.46
C PHE A 51 -16.99 12.87 -37.72
N PHE A 52 -16.45 11.68 -38.01
CA PHE A 52 -17.26 10.47 -38.09
C PHE A 52 -18.29 10.38 -39.22
N GLY A 53 -17.99 10.95 -40.38
CA GLY A 53 -18.93 10.90 -41.48
C GLY A 53 -19.98 11.95 -41.21
N LEU A 54 -20.29 12.75 -42.22
CA LEU A 54 -21.16 13.91 -42.07
C LEU A 54 -22.68 13.69 -42.19
N PRO A 55 -23.28 13.01 -41.22
CA PRO A 55 -24.74 12.88 -41.17
C PRO A 55 -25.27 14.06 -40.35
N GLN A 56 -24.88 15.27 -40.73
CA GLN A 56 -25.23 16.48 -39.99
C GLN A 56 -26.71 16.80 -40.02
N THR A 57 -27.41 16.48 -38.94
CA THR A 57 -28.83 16.78 -38.84
C THR A 57 -29.05 17.75 -37.70
N GLY A 58 -28.08 17.76 -36.80
CA GLY A 58 -28.18 18.55 -35.58
C GLY A 58 -27.88 17.53 -34.51
N ASP A 59 -28.67 17.52 -33.45
CA ASP A 59 -28.45 16.56 -32.38
C ASP A 59 -28.61 15.10 -32.83
N LEU A 60 -29.32 14.88 -33.94
CA LEU A 60 -29.53 13.53 -34.48
C LEU A 60 -29.56 12.48 -33.39
N ASP A 61 -30.41 12.67 -32.41
CA ASP A 61 -30.44 11.77 -31.25
C ASP A 61 -30.77 10.31 -31.60
N GLN A 62 -31.18 10.07 -32.84
CA GLN A 62 -31.56 8.72 -33.27
C GLN A 62 -30.39 7.89 -33.78
N ASN A 63 -29.45 8.53 -34.45
CA ASN A 63 -28.33 7.80 -35.06
C ASN A 63 -26.94 8.18 -34.52
N THR A 64 -26.82 9.40 -34.02
CA THR A 64 -25.53 9.89 -33.53
C THR A 64 -25.20 9.38 -32.14
N ILE A 65 -26.20 9.32 -31.25
CA ILE A 65 -25.95 8.87 -29.89
C ILE A 65 -25.35 7.48 -29.85
N GLU A 66 -25.41 6.76 -30.96
CA GLU A 66 -24.80 5.43 -30.98
C GLU A 66 -23.30 5.49 -31.21
N THR A 67 -22.80 6.64 -31.64
CA THR A 67 -21.39 6.80 -31.92
C THR A 67 -20.61 7.22 -30.67
N MET A 68 -21.22 8.03 -29.81
CA MET A 68 -20.55 8.38 -28.56
C MET A 68 -20.75 7.24 -27.58
N ARG A 69 -21.32 6.16 -28.08
CA ARG A 69 -21.60 4.98 -27.29
C ARG A 69 -20.58 3.89 -27.63
N LYS A 70 -19.68 4.22 -28.55
CA LYS A 70 -18.63 3.31 -28.97
C LYS A 70 -17.32 3.61 -28.22
N PRO A 71 -16.52 2.57 -28.03
CA PRO A 71 -15.28 2.66 -27.23
C PRO A 71 -14.29 3.51 -27.98
N ARG A 72 -13.75 4.54 -27.32
CA ARG A 72 -12.86 5.44 -28.03
C ARG A 72 -11.63 5.84 -27.23
N CYS A 73 -10.76 6.63 -27.84
CA CYS A 73 -9.56 7.13 -27.20
C CYS A 73 -9.99 8.19 -26.19
N GLY A 74 -9.19 8.40 -25.15
CA GLY A 74 -9.58 9.35 -24.13
C GLY A 74 -9.27 10.77 -24.54
N ASN A 75 -8.59 10.91 -25.67
CA ASN A 75 -8.15 12.20 -26.17
C ASN A 75 -9.21 13.02 -26.89
N PRO A 76 -9.09 14.33 -26.84
CA PRO A 76 -10.00 15.24 -27.54
C PRO A 76 -9.73 15.21 -29.04
N ASP A 77 -10.74 15.58 -29.83
CA ASP A 77 -10.60 15.62 -31.27
C ASP A 77 -10.25 17.02 -31.74
N VAL A 78 -10.67 18.01 -30.96
CA VAL A 78 -10.42 19.41 -31.26
C VAL A 78 -9.41 19.99 -30.28
N ALA A 79 -8.96 21.20 -30.58
CA ALA A 79 -8.02 21.92 -29.72
C ALA A 79 -6.84 21.06 -29.30
N ASN A 80 -5.78 21.06 -30.11
CA ASN A 80 -4.59 20.31 -29.74
C ASN A 80 -3.87 20.85 -28.50
N TYR A 81 -4.30 22.03 -28.04
CA TYR A 81 -3.67 22.67 -26.87
C TYR A 81 -3.79 21.94 -25.52
N ASN A 82 -4.57 20.87 -25.43
CA ASN A 82 -4.71 20.22 -24.12
C ASN A 82 -3.38 19.70 -23.60
N PHE A 83 -2.89 20.33 -22.53
CA PHE A 83 -1.52 20.14 -22.05
C PHE A 83 -0.63 19.00 -22.57
N PHE A 84 0.25 19.47 -23.45
CA PHE A 84 1.29 18.95 -24.28
C PHE A 84 1.74 20.27 -24.90
N PRO A 85 3.04 20.47 -25.13
CA PRO A 85 3.52 21.73 -25.74
C PRO A 85 3.07 21.99 -27.17
N ARG A 86 2.91 23.26 -27.53
CA ARG A 86 2.49 23.67 -28.88
C ARG A 86 3.14 22.86 -30.00
N LYS A 87 4.47 22.76 -29.97
CA LYS A 87 5.22 22.01 -30.99
C LYS A 87 5.19 20.50 -30.66
N PRO A 88 4.33 19.77 -31.37
CA PRO A 88 4.14 18.35 -31.10
C PRO A 88 5.14 17.48 -31.86
N LYS A 89 6.39 17.42 -31.39
CA LYS A 89 7.38 16.59 -32.03
C LYS A 89 8.61 16.46 -31.16
N TRP A 90 9.04 15.23 -30.94
CA TRP A 90 10.23 14.98 -30.15
C TRP A 90 11.44 15.67 -30.78
N ASP A 91 12.22 16.35 -29.96
CA ASP A 91 13.41 17.04 -30.45
C ASP A 91 14.59 16.07 -30.59
N LYS A 92 14.29 14.78 -30.46
CA LYS A 92 15.31 13.74 -30.44
C LYS A 92 14.93 12.61 -31.40
N ASN A 93 15.78 11.59 -31.48
CA ASN A 93 15.46 10.41 -32.28
C ASN A 93 15.67 9.12 -31.50
N GLN A 94 16.25 9.24 -30.30
CA GLN A 94 16.46 8.12 -29.41
C GLN A 94 15.55 8.41 -28.21
N ILE A 95 14.47 7.64 -28.09
CA ILE A 95 13.44 7.90 -27.08
C ILE A 95 13.23 6.76 -26.07
N THR A 96 13.42 7.07 -24.78
CA THR A 96 13.23 6.09 -23.73
C THR A 96 11.76 6.00 -23.33
N TYR A 97 11.40 4.89 -22.69
CA TYR A 97 10.06 4.65 -22.13
C TYR A 97 10.16 3.67 -20.97
N ARG A 98 9.27 3.80 -19.99
CA ARG A 98 9.31 2.92 -18.83
C ARG A 98 7.94 2.47 -18.31
N ILE A 99 7.79 1.15 -18.19
CA ILE A 99 6.55 0.55 -17.72
C ILE A 99 6.44 0.62 -16.20
N ILE A 100 5.68 1.61 -15.72
CA ILE A 100 5.49 1.80 -14.30
C ILE A 100 4.38 0.92 -13.75
N GLY A 101 3.29 0.83 -14.49
CA GLY A 101 2.15 0.06 -14.04
C GLY A 101 1.80 -1.01 -15.03
N TYR A 102 1.17 -2.08 -14.55
CA TYR A 102 0.79 -3.20 -15.39
C TYR A 102 -0.70 -3.40 -15.31
N THR A 103 -1.17 -4.60 -15.63
CA THR A 103 -2.59 -4.93 -15.51
C THR A 103 -2.77 -6.41 -15.26
N PRO A 104 -3.64 -6.75 -14.33
CA PRO A 104 -3.87 -8.15 -13.97
C PRO A 104 -4.39 -9.01 -15.11
N ASP A 105 -5.06 -8.44 -16.10
CA ASP A 105 -5.60 -9.30 -17.13
C ASP A 105 -4.55 -9.98 -17.95
N LEU A 106 -3.30 -9.58 -17.81
CA LEU A 106 -2.25 -10.11 -18.66
C LEU A 106 -0.96 -10.32 -17.90
N ASP A 107 -0.26 -11.41 -18.21
CA ASP A 107 1.01 -11.65 -17.57
C ASP A 107 1.99 -10.61 -18.08
N PRO A 108 2.80 -10.05 -17.18
CA PRO A 108 3.71 -8.96 -17.49
C PRO A 108 4.64 -9.23 -18.68
N GLU A 109 4.82 -10.50 -19.06
CA GLU A 109 5.61 -10.74 -20.25
C GLU A 109 4.76 -10.33 -21.44
N THR A 110 3.49 -10.69 -21.42
CA THR A 110 2.60 -10.32 -22.52
C THR A 110 2.49 -8.81 -22.62
N VAL A 111 2.34 -8.14 -21.48
CA VAL A 111 2.23 -6.68 -21.51
C VAL A 111 3.52 -6.06 -22.06
N ASP A 112 4.65 -6.44 -21.46
CA ASP A 112 5.93 -5.93 -21.91
C ASP A 112 6.00 -6.00 -23.43
N ASP A 113 5.72 -7.17 -23.97
CA ASP A 113 5.77 -7.37 -25.41
C ASP A 113 4.69 -6.55 -26.10
N ALA A 114 3.44 -6.67 -25.63
CA ALA A 114 2.35 -5.94 -26.24
C ALA A 114 2.78 -4.51 -26.57
N PHE A 115 3.29 -3.79 -25.58
CA PHE A 115 3.77 -2.43 -25.80
C PHE A 115 4.83 -2.39 -26.89
N ALA A 116 5.97 -2.98 -26.61
CA ALA A 116 7.11 -2.98 -27.54
C ALA A 116 6.67 -3.20 -28.97
N ARG A 117 5.59 -3.94 -29.17
CA ARG A 117 5.07 -4.17 -30.51
C ARG A 117 4.41 -2.89 -30.98
N ALA A 118 3.75 -2.19 -30.06
CA ALA A 118 3.08 -0.95 -30.41
C ALA A 118 4.08 0.07 -30.93
N PHE A 119 5.12 0.32 -30.15
CA PHE A 119 6.16 1.25 -30.55
C PHE A 119 6.67 0.89 -31.94
N GLN A 120 6.95 -0.39 -32.16
CA GLN A 120 7.49 -0.86 -33.43
C GLN A 120 6.67 -0.40 -34.61
N VAL A 121 5.36 -0.34 -34.41
CA VAL A 121 4.46 0.14 -35.45
C VAL A 121 4.98 1.45 -36.00
N TRP A 122 5.52 2.28 -35.12
CA TRP A 122 6.03 3.59 -35.50
C TRP A 122 7.47 3.56 -35.96
N SER A 123 8.28 2.73 -35.32
CA SER A 123 9.68 2.65 -35.68
C SER A 123 9.84 2.23 -37.12
N ASP A 124 9.19 1.12 -37.48
CA ASP A 124 9.32 0.55 -38.82
C ASP A 124 9.14 1.55 -39.95
N VAL A 125 8.65 2.74 -39.62
CA VAL A 125 8.45 3.79 -40.62
C VAL A 125 9.11 5.10 -40.19
N THR A 126 10.00 5.04 -39.21
CA THR A 126 10.71 6.23 -38.74
C THR A 126 12.11 5.92 -38.20
N PRO A 127 12.98 6.93 -38.21
CA PRO A 127 14.31 6.82 -37.61
C PRO A 127 14.18 6.85 -36.09
N LEU A 128 12.95 6.80 -35.59
CA LEU A 128 12.71 6.80 -34.16
C LEU A 128 13.09 5.45 -33.59
N ARG A 129 13.69 5.44 -32.40
CA ARG A 129 14.10 4.21 -31.76
C ARG A 129 13.77 4.21 -30.28
N PHE A 130 12.89 3.32 -29.88
CA PHE A 130 12.46 3.26 -28.49
C PHE A 130 13.19 2.17 -27.70
N SER A 131 13.77 2.57 -26.58
CA SER A 131 14.51 1.67 -25.70
C SER A 131 13.96 1.84 -24.31
N ARG A 132 13.57 0.73 -23.70
CA ARG A 132 12.95 0.73 -22.38
C ARG A 132 13.99 0.87 -21.28
N ILE A 133 13.67 1.69 -20.28
CA ILE A 133 14.55 1.84 -19.13
C ILE A 133 13.78 1.39 -17.90
N HIS A 134 14.50 0.90 -16.90
CA HIS A 134 13.89 0.40 -15.68
C HIS A 134 14.09 1.32 -14.49
N ASP A 135 14.70 2.48 -14.71
CA ASP A 135 14.95 3.35 -13.58
C ASP A 135 14.94 4.84 -13.90
N GLY A 136 14.40 5.61 -12.96
CA GLY A 136 14.33 7.05 -13.11
C GLY A 136 13.29 7.47 -14.13
N GLU A 137 13.31 8.75 -14.47
CA GLU A 137 12.35 9.28 -15.42
C GLU A 137 12.73 9.01 -16.87
N ALA A 138 11.75 8.58 -17.65
CA ALA A 138 11.95 8.33 -19.08
C ALA A 138 11.00 9.21 -19.90
N ASP A 139 11.14 9.15 -21.23
CA ASP A 139 10.32 9.97 -22.12
C ASP A 139 8.84 9.57 -22.14
N ILE A 140 8.58 8.32 -21.80
CA ILE A 140 7.21 7.84 -21.78
C ILE A 140 6.98 7.01 -20.53
N MET A 141 6.09 7.48 -19.66
CA MET A 141 5.75 6.70 -18.49
C MET A 141 4.48 5.95 -18.80
N ILE A 142 4.55 4.62 -18.87
CA ILE A 142 3.39 3.82 -19.18
C ILE A 142 2.74 3.36 -17.90
N ASN A 143 1.44 3.61 -17.74
CA ASN A 143 0.73 3.19 -16.55
C ASN A 143 -0.74 2.91 -16.78
N PHE A 144 -1.36 2.26 -15.80
CA PHE A 144 -2.76 1.94 -15.81
C PHE A 144 -3.32 2.64 -14.58
N GLY A 145 -4.58 3.07 -14.63
CA GLY A 145 -5.19 3.76 -13.51
C GLY A 145 -6.68 3.86 -13.73
N ARG A 146 -7.44 4.12 -12.68
CA ARG A 146 -8.89 4.23 -12.79
C ARG A 146 -9.32 5.68 -12.67
N TRP A 147 -10.63 5.94 -12.63
CA TRP A 147 -11.07 7.33 -12.55
C TRP A 147 -10.20 8.04 -11.57
N GLU A 148 -9.77 9.26 -11.87
CA GLU A 148 -8.92 9.98 -10.93
C GLU A 148 -7.60 9.20 -10.79
N HIS A 149 -6.80 9.18 -11.85
CA HIS A 149 -5.52 8.50 -11.77
C HIS A 149 -4.31 9.39 -11.47
N GLY A 150 -4.52 10.70 -11.36
CA GLY A 150 -3.46 11.61 -10.97
C GLY A 150 -3.13 12.80 -11.88
N ASP A 151 -3.75 12.85 -13.05
CA ASP A 151 -3.44 13.89 -14.03
C ASP A 151 -4.57 14.87 -14.20
N GLY A 152 -5.68 14.63 -13.52
CA GLY A 152 -6.82 15.53 -13.62
C GLY A 152 -7.84 15.18 -14.68
N TYR A 153 -7.48 14.25 -15.56
CA TYR A 153 -8.39 13.78 -16.62
C TYR A 153 -8.89 12.35 -16.30
N PRO A 154 -9.98 12.25 -15.56
CA PRO A 154 -10.50 10.97 -15.08
C PRO A 154 -11.02 10.07 -16.16
N PHE A 155 -10.97 8.78 -15.88
CA PHE A 155 -11.54 7.77 -16.75
C PHE A 155 -12.96 7.43 -16.27
N ASP A 156 -13.75 6.83 -17.15
CA ASP A 156 -15.11 6.43 -16.83
C ASP A 156 -15.14 4.94 -16.79
N GLY A 157 -15.51 4.37 -15.65
CA GLY A 157 -15.51 2.92 -15.46
C GLY A 157 -15.21 2.02 -16.65
N LYS A 158 -15.81 0.83 -16.67
CA LYS A 158 -15.59 -0.09 -17.77
C LYS A 158 -16.11 0.49 -19.08
N ASP A 159 -15.47 0.12 -20.19
CA ASP A 159 -15.84 0.62 -21.50
C ASP A 159 -15.61 2.12 -21.56
N GLY A 160 -16.19 2.78 -22.55
CA GLY A 160 -16.03 4.22 -22.72
C GLY A 160 -14.64 4.61 -23.17
N LEU A 161 -14.03 5.55 -22.47
CA LEU A 161 -12.68 6.00 -22.78
C LEU A 161 -11.74 4.85 -22.48
N LEU A 162 -10.84 4.55 -23.42
CA LEU A 162 -9.94 3.42 -23.24
C LEU A 162 -8.60 3.77 -22.64
N ALA A 163 -8.10 4.97 -22.93
CA ALA A 163 -6.78 5.38 -22.46
C ALA A 163 -6.53 6.82 -22.85
N HIS A 164 -5.30 7.30 -22.68
CA HIS A 164 -4.96 8.63 -23.17
C HIS A 164 -3.49 8.91 -22.97
N ALA A 165 -2.96 9.87 -23.72
CA ALA A 165 -1.54 10.17 -23.68
C ALA A 165 -1.28 11.61 -24.07
N PHE A 166 -0.34 12.25 -23.37
CA PHE A 166 0.03 13.62 -23.62
C PHE A 166 1.07 13.66 -24.74
N ALA A 167 1.05 14.73 -25.52
CA ALA A 167 1.99 14.87 -26.63
C ALA A 167 3.36 15.25 -26.09
N PRO A 168 4.41 15.02 -26.89
CA PRO A 168 5.79 15.24 -26.47
C PRO A 168 6.04 16.51 -25.66
N GLY A 169 6.82 16.38 -24.60
CA GLY A 169 7.12 17.48 -23.71
C GLY A 169 7.83 17.04 -22.45
N THR A 170 7.77 17.88 -21.42
CA THR A 170 8.47 17.60 -20.16
C THR A 170 7.65 16.76 -19.17
N GLY A 171 8.34 15.91 -18.43
CA GLY A 171 7.68 15.05 -17.45
C GLY A 171 6.47 14.35 -18.03
N VAL A 172 5.29 14.93 -17.79
CA VAL A 172 4.03 14.34 -18.24
C VAL A 172 3.93 14.25 -19.75
N GLY A 173 4.73 15.05 -20.45
CA GLY A 173 4.75 15.05 -21.89
C GLY A 173 5.10 13.70 -22.49
N GLY A 174 4.12 13.06 -23.10
CA GLY A 174 4.32 11.77 -23.73
C GLY A 174 3.84 10.58 -22.92
N ASP A 175 3.43 10.81 -21.68
CA ASP A 175 3.02 9.70 -20.83
C ASP A 175 1.79 9.02 -21.39
N SER A 176 1.70 7.71 -21.20
CA SER A 176 0.57 6.95 -21.69
C SER A 176 -0.15 6.24 -20.57
N HIS A 177 -1.41 6.63 -20.34
CA HIS A 177 -2.23 6.07 -19.29
C HIS A 177 -3.35 5.19 -19.86
N PHE A 178 -3.38 3.91 -19.50
CA PHE A 178 -4.44 3.02 -19.98
C PHE A 178 -5.44 2.75 -18.88
N ASP A 179 -6.71 2.58 -19.25
CA ASP A 179 -7.78 2.38 -18.26
C ASP A 179 -7.77 0.99 -17.61
N ASP A 180 -7.67 0.97 -16.29
CA ASP A 180 -7.57 -0.27 -15.54
C ASP A 180 -8.89 -1.01 -15.39
N ASP A 181 -9.99 -0.32 -15.56
CA ASP A 181 -11.27 -0.99 -15.37
C ASP A 181 -11.68 -1.76 -16.63
N GLU A 182 -10.89 -1.65 -17.68
CA GLU A 182 -11.21 -2.31 -18.92
C GLU A 182 -10.78 -3.73 -18.76
N LEU A 183 -11.09 -4.57 -19.74
CA LEU A 183 -10.63 -5.94 -19.75
C LEU A 183 -9.57 -5.98 -20.80
N TRP A 184 -8.30 -5.85 -20.42
CA TRP A 184 -7.26 -5.86 -21.44
C TRP A 184 -7.00 -7.26 -21.94
N THR A 185 -6.86 -7.36 -23.27
CA THR A 185 -6.58 -8.64 -23.92
C THR A 185 -5.71 -8.42 -25.15
N LEU A 186 -5.36 -9.50 -25.82
CA LEU A 186 -4.76 -9.36 -27.15
C LEU A 186 -5.78 -9.16 -28.27
N GLY A 187 -7.01 -8.82 -27.89
CA GLY A 187 -8.04 -8.51 -28.88
C GLY A 187 -9.26 -9.41 -28.95
N GLU A 188 -9.05 -10.72 -28.81
CA GLU A 188 -10.14 -11.67 -28.96
C GLU A 188 -10.50 -12.37 -27.66
N GLY A 189 -10.96 -11.63 -26.67
CA GLY A 189 -11.39 -12.23 -25.43
C GLY A 189 -10.30 -12.42 -24.38
N GLN A 190 -10.71 -12.83 -23.20
CA GLN A 190 -9.79 -12.98 -22.10
C GLN A 190 -8.59 -13.82 -22.44
N VAL A 191 -7.45 -13.46 -21.87
CA VAL A 191 -6.22 -14.19 -22.08
C VAL A 191 -5.73 -14.62 -20.70
N VAL A 192 -5.15 -15.82 -20.61
CA VAL A 192 -4.64 -16.35 -19.35
C VAL A 192 -3.45 -17.20 -19.66
N ARG A 193 -2.29 -16.83 -19.15
CA ARG A 193 -1.10 -17.63 -19.37
C ARG A 193 -1.10 -18.69 -18.30
N VAL A 194 -1.28 -19.93 -18.70
CA VAL A 194 -1.37 -21.09 -17.82
C VAL A 194 -0.16 -21.34 -16.91
N LYS A 195 -0.36 -21.98 -15.77
CA LYS A 195 0.74 -22.17 -14.82
C LYS A 195 1.32 -23.56 -14.64
N TYR A 196 0.52 -24.59 -14.44
CA TYR A 196 1.18 -25.88 -14.29
C TYR A 196 0.59 -26.97 -15.17
N GLY A 197 0.91 -28.22 -14.88
CA GLY A 197 0.36 -29.28 -15.69
C GLY A 197 1.27 -29.47 -16.87
N ASN A 198 0.73 -30.02 -17.95
CA ASN A 198 1.51 -30.39 -19.12
C ASN A 198 1.75 -29.30 -20.18
N ALA A 199 1.27 -28.08 -19.96
CA ALA A 199 1.51 -27.02 -20.93
C ALA A 199 1.84 -25.72 -20.21
N ASP A 200 2.70 -25.81 -19.20
CA ASP A 200 3.01 -24.68 -18.33
C ASP A 200 3.16 -23.31 -19.01
N GLY A 201 3.64 -23.28 -20.23
CA GLY A 201 3.85 -21.98 -20.84
C GLY A 201 2.72 -21.35 -21.63
N GLU A 202 1.81 -22.18 -22.15
CA GLU A 202 0.82 -21.69 -23.10
C GLU A 202 -0.27 -20.79 -22.61
N TYR A 203 -0.98 -20.22 -23.57
CA TYR A 203 -2.09 -19.37 -23.28
C TYR A 203 -3.29 -20.28 -23.24
N CYS A 204 -4.22 -19.98 -22.35
CA CYS A 204 -5.44 -20.74 -22.28
C CYS A 204 -6.05 -20.64 -23.66
N LYS A 205 -6.54 -21.75 -24.20
CA LYS A 205 -7.26 -21.69 -25.46
C LYS A 205 -8.76 -21.64 -25.22
N PHE A 206 -9.29 -20.43 -25.19
CA PHE A 206 -10.73 -20.23 -25.11
C PHE A 206 -11.21 -19.96 -26.53
N PRO A 207 -12.33 -20.56 -26.90
CA PRO A 207 -13.02 -21.48 -26.02
C PRO A 207 -12.28 -22.79 -26.11
N PHE A 208 -12.74 -23.79 -25.37
CA PHE A 208 -12.21 -25.15 -25.50
C PHE A 208 -13.33 -26.11 -25.14
N LEU A 209 -13.24 -27.31 -25.65
CA LEU A 209 -14.32 -28.27 -25.40
C LEU A 209 -13.97 -29.30 -24.33
N PHE A 210 -14.84 -29.43 -23.34
CA PHE A 210 -14.70 -30.45 -22.32
C PHE A 210 -16.08 -30.94 -21.90
N ASN A 211 -16.26 -32.25 -21.81
CA ASN A 211 -17.54 -32.81 -21.40
C ASN A 211 -18.72 -32.31 -22.23
N GLY A 212 -18.47 -31.99 -23.49
CA GLY A 212 -19.51 -31.54 -24.39
C GLY A 212 -20.07 -30.15 -24.10
N LYS A 213 -19.22 -29.27 -23.59
CA LYS A 213 -19.64 -27.90 -23.35
C LYS A 213 -18.45 -26.99 -23.57
N GLU A 214 -18.67 -25.89 -24.29
CA GLU A 214 -17.58 -24.96 -24.56
C GLU A 214 -17.29 -24.07 -23.38
N TYR A 215 -16.01 -23.89 -23.08
CA TYR A 215 -15.61 -23.07 -21.95
C TYR A 215 -14.87 -21.87 -22.52
N ASN A 216 -15.18 -20.68 -22.03
CA ASN A 216 -14.52 -19.48 -22.54
C ASN A 216 -13.66 -18.77 -21.50
N SER A 217 -13.66 -19.31 -20.29
CA SER A 217 -12.86 -18.75 -19.22
C SER A 217 -12.44 -19.91 -18.35
N CYS A 218 -11.38 -19.71 -17.58
CA CYS A 218 -10.89 -20.74 -16.70
C CYS A 218 -12.01 -21.28 -15.86
N THR A 219 -11.92 -22.55 -15.48
CA THR A 219 -12.96 -23.22 -14.70
C THR A 219 -12.43 -24.19 -13.65
N ASP A 220 -13.29 -24.52 -12.68
CA ASP A 220 -12.98 -25.54 -11.68
C ASP A 220 -13.82 -26.78 -11.89
N THR A 221 -14.55 -26.83 -13.00
CA THR A 221 -15.32 -28.01 -13.32
C THR A 221 -14.35 -29.15 -13.43
N GLY A 222 -14.75 -30.31 -12.96
CA GLY A 222 -13.85 -31.44 -12.89
C GLY A 222 -13.30 -31.49 -11.47
N ARG A 223 -12.44 -30.53 -11.14
CA ARG A 223 -11.77 -30.44 -9.85
C ARG A 223 -12.68 -30.47 -8.62
N SER A 224 -12.08 -30.75 -7.47
CA SER A 224 -12.80 -30.76 -6.22
C SER A 224 -12.21 -29.74 -5.26
N ASP A 225 -10.93 -29.45 -5.43
CA ASP A 225 -10.24 -28.53 -4.51
C ASP A 225 -10.62 -27.08 -4.72
N GLY A 226 -11.05 -26.74 -5.92
CA GLY A 226 -11.50 -25.39 -6.18
C GLY A 226 -10.59 -24.65 -7.13
N PHE A 227 -9.53 -25.31 -7.55
CA PHE A 227 -8.54 -24.69 -8.42
C PHE A 227 -9.07 -24.40 -9.80
N LEU A 228 -8.34 -23.59 -10.55
CA LEU A 228 -8.74 -23.21 -11.87
C LEU A 228 -7.81 -23.80 -12.93
N TRP A 229 -8.38 -24.54 -13.88
CA TRP A 229 -7.59 -25.09 -14.98
C TRP A 229 -8.28 -24.78 -16.29
N CYS A 230 -7.53 -24.70 -17.36
CA CYS A 230 -8.13 -24.44 -18.65
C CYS A 230 -7.40 -25.32 -19.64
N SER A 231 -8.06 -25.73 -20.71
CA SER A 231 -7.39 -26.61 -21.66
C SER A 231 -6.56 -25.73 -22.54
N THR A 232 -5.44 -26.27 -23.01
CA THR A 232 -4.53 -25.51 -23.84
C THR A 232 -4.73 -25.62 -25.34
N THR A 233 -5.84 -26.22 -25.74
CA THR A 233 -6.20 -26.27 -27.15
C THR A 233 -7.70 -26.46 -27.26
N TYR A 234 -8.24 -26.51 -28.47
CA TYR A 234 -9.68 -26.64 -28.57
C TYR A 234 -10.20 -27.95 -27.97
N ASN A 235 -9.69 -29.05 -28.51
CA ASN A 235 -10.15 -30.38 -28.12
C ASN A 235 -9.36 -30.97 -26.98
N PHE A 236 -9.92 -30.92 -25.77
CA PHE A 236 -9.24 -31.48 -24.62
C PHE A 236 -9.25 -33.00 -24.72
N GLU A 237 -10.41 -33.55 -25.07
CA GLU A 237 -10.60 -34.99 -25.21
C GLU A 237 -9.61 -35.63 -26.16
N LYS A 238 -9.05 -34.83 -27.07
CA LYS A 238 -8.12 -35.35 -28.04
C LYS A 238 -6.69 -34.95 -27.68
N ASP A 239 -6.44 -33.67 -27.46
CA ASP A 239 -5.10 -33.23 -27.15
C ASP A 239 -4.64 -33.56 -25.71
N GLY A 240 -5.44 -33.21 -24.70
CA GLY A 240 -5.09 -33.50 -23.32
C GLY A 240 -4.15 -32.52 -22.63
N LYS A 241 -3.96 -31.35 -23.23
CA LYS A 241 -3.04 -30.36 -22.67
C LYS A 241 -3.79 -29.25 -21.94
N TYR A 242 -3.28 -28.86 -20.78
CA TYR A 242 -3.94 -27.89 -19.93
C TYR A 242 -2.96 -27.40 -18.89
N GLY A 243 -3.41 -26.46 -18.08
CA GLY A 243 -2.58 -25.90 -17.03
C GLY A 243 -3.45 -25.20 -16.02
N PHE A 244 -2.86 -24.73 -14.94
CA PHE A 244 -3.69 -24.08 -13.93
C PHE A 244 -3.77 -22.57 -14.13
N CYS A 245 -4.87 -21.98 -13.73
CA CYS A 245 -5.03 -20.56 -13.92
C CYS A 245 -4.68 -19.76 -12.67
N PRO A 246 -3.72 -18.86 -12.87
CA PRO A 246 -3.20 -17.99 -11.81
C PRO A 246 -4.28 -17.30 -11.02
N HIS A 247 -4.08 -17.21 -9.71
CA HIS A 247 -4.99 -16.49 -8.84
C HIS A 247 -4.41 -16.39 -7.45
N GLU A 248 -4.15 -15.18 -6.99
CA GLU A 248 -3.50 -14.99 -5.71
C GLU A 248 -4.23 -15.76 -4.61
N ALA A 249 -5.51 -16.00 -4.79
CA ALA A 249 -6.23 -16.77 -3.80
C ALA A 249 -5.89 -18.23 -3.93
N LEU A 250 -5.25 -18.60 -5.03
CA LEU A 250 -4.97 -20.01 -5.34
C LEU A 250 -3.48 -20.38 -5.27
N PHE A 251 -2.63 -19.53 -5.81
CA PHE A 251 -1.18 -19.68 -5.71
C PHE A 251 -0.45 -18.41 -6.11
N THR A 252 0.87 -18.44 -6.04
CA THR A 252 1.65 -17.26 -6.37
C THR A 252 2.90 -17.64 -7.12
N MET A 253 3.69 -16.65 -7.49
CA MET A 253 4.91 -16.95 -8.22
C MET A 253 6.16 -16.55 -7.48
N GLY A 254 7.18 -17.38 -7.62
CA GLY A 254 8.47 -17.07 -7.05
C GLY A 254 8.44 -16.56 -5.64
N GLY A 255 9.29 -15.59 -5.35
CA GLY A 255 9.37 -15.05 -4.01
C GLY A 255 9.87 -16.19 -3.17
N ASN A 256 9.50 -16.21 -1.90
CA ASN A 256 9.94 -17.27 -1.00
C ASN A 256 8.75 -18.03 -0.40
N ALA A 257 7.59 -17.88 -1.01
CA ALA A 257 6.37 -18.47 -0.44
C ALA A 257 6.09 -19.88 -0.91
N GLU A 258 6.93 -20.39 -1.79
CA GLU A 258 6.79 -21.76 -2.31
C GLU A 258 5.46 -22.06 -3.00
N GLY A 259 4.88 -21.04 -3.63
CA GLY A 259 3.63 -21.18 -4.36
C GLY A 259 2.40 -20.90 -3.54
N GLN A 260 2.53 -20.92 -2.22
CA GLN A 260 1.45 -20.65 -1.29
C GLN A 260 0.57 -19.44 -1.63
N PRO A 261 -0.71 -19.48 -1.25
CA PRO A 261 -1.68 -18.44 -1.61
C PRO A 261 -1.56 -17.17 -0.77
N CYS A 262 -1.95 -16.03 -1.31
CA CYS A 262 -1.90 -14.80 -0.54
C CYS A 262 -2.75 -14.98 0.72
N LYS A 263 -2.37 -14.32 1.82
CA LYS A 263 -3.18 -14.33 3.02
C LYS A 263 -3.85 -12.99 3.16
N PHE A 264 -5.16 -12.98 3.33
CA PHE A 264 -5.86 -11.71 3.47
C PHE A 264 -6.62 -11.59 4.78
N PRO A 265 -6.37 -10.50 5.49
CA PRO A 265 -5.45 -9.47 5.02
C PRO A 265 -4.05 -9.79 5.48
N PHE A 266 -3.06 -9.03 5.04
CA PHE A 266 -1.69 -9.23 5.48
C PHE A 266 -1.13 -7.86 5.83
N ARG A 267 -0.56 -7.74 7.02
CA ARG A 267 -0.07 -6.47 7.49
C ARG A 267 1.31 -6.15 6.89
N PHE A 268 1.46 -4.93 6.39
CA PHE A 268 2.76 -4.47 5.94
C PHE A 268 2.97 -3.02 6.38
N GLN A 269 3.68 -2.86 7.48
CA GLN A 269 4.03 -1.53 7.95
C GLN A 269 2.83 -0.65 8.29
N GLY A 270 1.94 -1.13 9.15
CA GLY A 270 0.83 -0.29 9.55
C GLY A 270 -0.37 -0.22 8.61
N THR A 271 -0.34 -1.01 7.53
CA THR A 271 -1.46 -1.09 6.59
C THR A 271 -1.78 -2.55 6.36
N SER A 272 -3.05 -2.87 6.26
CA SER A 272 -3.46 -4.22 5.96
C SER A 272 -3.95 -4.32 4.53
N TYR A 273 -3.25 -5.12 3.74
CA TYR A 273 -3.60 -5.27 2.33
C TYR A 273 -4.58 -6.40 2.15
N ASP A 274 -5.48 -6.24 1.20
CA ASP A 274 -6.53 -7.20 1.06
C ASP A 274 -6.41 -7.84 -0.28
N SER A 275 -5.45 -7.31 -1.03
CA SER A 275 -5.13 -7.82 -2.33
C SER A 275 -3.67 -7.56 -2.41
N CYS A 276 -3.03 -7.98 -3.50
CA CYS A 276 -1.62 -7.68 -3.68
C CYS A 276 -1.45 -6.18 -3.92
N THR A 277 -0.26 -5.66 -3.66
CA THR A 277 0.04 -4.28 -3.97
C THR A 277 1.34 -4.25 -4.67
N THR A 278 1.74 -3.05 -5.01
CA THR A 278 3.03 -2.80 -5.57
C THR A 278 3.73 -1.92 -4.55
N GLU A 279 3.09 -1.73 -3.41
CA GLU A 279 3.65 -0.89 -2.36
C GLU A 279 5.04 -1.36 -2.09
N GLY A 280 6.00 -0.46 -2.18
CA GLY A 280 7.38 -0.82 -1.96
C GLY A 280 8.12 -1.18 -3.24
N ARG A 281 7.40 -1.29 -4.35
CA ARG A 281 8.04 -1.74 -5.60
C ARG A 281 8.00 -0.74 -6.73
N THR A 282 9.01 -0.79 -7.58
CA THR A 282 9.07 0.11 -8.72
C THR A 282 9.04 -0.61 -10.06
N ASP A 283 9.09 -1.94 -10.03
CA ASP A 283 8.99 -2.70 -11.27
C ASP A 283 7.54 -2.89 -11.59
N GLY A 284 6.69 -2.24 -10.80
CA GLY A 284 5.25 -2.30 -10.96
C GLY A 284 4.67 -3.69 -10.83
N TYR A 285 5.30 -4.53 -10.02
CA TYR A 285 4.88 -5.90 -9.82
C TYR A 285 4.02 -6.14 -8.58
N ARG A 286 2.79 -6.59 -8.75
CA ARG A 286 1.96 -6.94 -7.60
C ARG A 286 2.60 -8.06 -6.78
N TRP A 287 2.65 -7.86 -5.46
CA TRP A 287 3.15 -8.86 -4.52
C TRP A 287 2.21 -8.99 -3.33
N CYS A 288 2.52 -9.89 -2.41
CA CYS A 288 1.67 -10.01 -1.23
C CYS A 288 2.20 -10.93 -0.12
N GLY A 289 1.64 -10.73 1.07
CA GLY A 289 1.98 -11.54 2.22
C GLY A 289 1.36 -12.90 2.04
N THR A 290 1.99 -13.91 2.60
CA THR A 290 1.51 -15.26 2.43
C THR A 290 1.16 -15.72 3.82
N THR A 291 1.49 -14.84 4.76
CA THR A 291 1.28 -15.07 6.17
C THR A 291 0.58 -13.80 6.66
N GLU A 292 -0.06 -13.79 7.82
CA GLU A 292 -0.82 -12.60 8.20
C GLU A 292 -0.03 -11.35 8.63
N ASP A 293 1.30 -11.43 8.68
CA ASP A 293 2.13 -10.29 9.13
C ASP A 293 3.39 -10.24 8.28
N TYR A 294 3.33 -9.67 7.09
CA TYR A 294 4.51 -9.69 6.23
C TYR A 294 5.82 -9.30 6.90
N ASP A 295 5.75 -8.33 7.80
CA ASP A 295 6.95 -7.84 8.47
C ASP A 295 7.59 -8.87 9.38
N ARG A 296 6.76 -9.43 10.25
CA ARG A 296 7.21 -10.41 11.23
C ARG A 296 7.80 -11.61 10.53
N ASP A 297 6.98 -12.32 9.77
CA ASP A 297 7.39 -13.57 9.14
C ASP A 297 8.13 -13.40 7.80
N LYS A 298 7.98 -12.27 7.15
CA LYS A 298 8.71 -12.00 5.92
C LYS A 298 8.56 -13.11 4.88
N LYS A 299 7.31 -13.52 4.63
CA LYS A 299 7.02 -14.55 3.65
C LYS A 299 6.22 -13.94 2.52
N TYR A 300 6.63 -14.16 1.28
CA TYR A 300 5.95 -13.53 0.14
C TYR A 300 6.12 -14.20 -1.21
N GLY A 301 5.22 -13.88 -2.13
CA GLY A 301 5.23 -14.40 -3.49
C GLY A 301 4.58 -13.35 -4.37
N PHE A 302 4.74 -13.48 -5.69
CA PHE A 302 4.22 -12.47 -6.61
C PHE A 302 2.90 -12.87 -7.19
N CYS A 303 2.18 -11.90 -7.74
CA CYS A 303 0.87 -12.12 -8.33
C CYS A 303 0.83 -11.64 -9.79
N PRO A 304 1.47 -12.37 -10.70
CA PRO A 304 1.62 -11.96 -12.10
C PRO A 304 0.34 -11.88 -12.95
N GLU A 305 -0.75 -12.48 -12.54
CA GLU A 305 -1.98 -12.37 -13.31
C GLU A 305 -3.14 -12.95 -12.53
N THR A 306 -4.35 -12.52 -12.83
CA THR A 306 -5.52 -13.05 -12.16
C THR A 306 -6.57 -13.47 -13.14
N ALA A 307 -6.92 -14.75 -13.13
CA ALA A 307 -7.93 -15.28 -14.02
C ALA A 307 -9.30 -14.94 -13.47
N MET A 308 -10.28 -14.73 -14.33
CA MET A 308 -11.63 -14.48 -13.84
C MET A 308 -12.78 -14.78 -14.80
N SER A 309 -13.81 -15.43 -14.28
CA SER A 309 -14.93 -15.88 -15.07
C SER A 309 -15.83 -14.71 -15.42
N THR A 310 -15.94 -13.79 -14.46
CA THR A 310 -16.80 -12.65 -14.54
C THR A 310 -15.98 -11.37 -14.52
N VAL A 311 -16.51 -10.29 -15.07
CA VAL A 311 -15.77 -9.02 -15.04
C VAL A 311 -16.63 -7.88 -14.50
N GLY A 312 -16.02 -6.97 -13.76
CA GLY A 312 -16.73 -5.82 -13.25
C GLY A 312 -17.78 -6.23 -12.25
N GLY A 313 -18.85 -5.45 -12.18
CA GLY A 313 -19.92 -5.79 -11.26
C GLY A 313 -19.39 -5.84 -9.85
N ASN A 314 -20.03 -6.64 -9.00
CA ASN A 314 -19.64 -6.68 -7.61
C ASN A 314 -19.30 -8.06 -7.08
N SER A 315 -19.05 -9.01 -7.97
CA SER A 315 -18.71 -10.35 -7.52
C SER A 315 -17.24 -10.70 -7.60
N GLU A 316 -16.37 -9.70 -7.71
CA GLU A 316 -14.94 -9.97 -7.70
C GLU A 316 -14.50 -11.12 -8.61
N GLY A 317 -15.24 -11.43 -9.67
CA GLY A 317 -14.78 -12.46 -10.59
C GLY A 317 -15.50 -13.79 -10.53
N ALA A 318 -16.27 -13.97 -9.46
CA ALA A 318 -17.10 -15.14 -9.28
C ALA A 318 -17.78 -15.53 -10.58
N PRO A 319 -17.74 -16.80 -10.90
CA PRO A 319 -18.39 -17.32 -12.11
C PRO A 319 -19.90 -17.08 -12.11
N CYS A 320 -20.51 -17.12 -13.27
CA CYS A 320 -21.94 -16.94 -13.33
C CYS A 320 -22.59 -18.14 -12.68
N VAL A 321 -23.88 -18.05 -12.46
CA VAL A 321 -24.64 -19.15 -11.89
C VAL A 321 -25.92 -19.28 -12.70
N PHE A 322 -26.19 -20.48 -13.18
CA PHE A 322 -27.39 -20.71 -13.96
C PHE A 322 -28.14 -21.91 -13.40
N PRO A 323 -29.46 -21.82 -13.37
CA PRO A 323 -30.16 -20.62 -13.81
C PRO A 323 -30.14 -19.54 -12.73
N PHE A 324 -30.53 -18.33 -13.08
CA PHE A 324 -30.66 -17.29 -12.07
C PHE A 324 -31.93 -16.47 -12.27
N THR A 325 -32.55 -16.06 -11.18
CA THR A 325 -33.73 -15.23 -11.28
C THR A 325 -33.35 -13.78 -11.12
N PHE A 326 -34.03 -12.93 -11.87
CA PHE A 326 -33.82 -11.50 -11.84
C PHE A 326 -35.14 -10.86 -12.21
N LEU A 327 -35.62 -9.95 -11.37
CA LEU A 327 -36.92 -9.31 -11.61
C LEU A 327 -38.06 -10.31 -11.75
N GLY A 328 -37.86 -11.52 -11.27
CA GLY A 328 -38.91 -12.52 -11.27
C GLY A 328 -38.87 -13.58 -12.34
N ASN A 329 -37.87 -13.53 -13.21
CA ASN A 329 -37.77 -14.51 -14.28
C ASN A 329 -36.43 -15.21 -14.20
N LYS A 330 -36.41 -16.50 -14.52
CA LYS A 330 -35.15 -17.21 -14.48
C LYS A 330 -34.47 -17.08 -15.85
N TYR A 331 -33.15 -16.97 -15.82
CA TYR A 331 -32.34 -16.84 -17.02
C TYR A 331 -31.28 -17.94 -16.94
N GLU A 332 -31.06 -18.66 -18.04
CA GLU A 332 -30.06 -19.71 -18.05
C GLU A 332 -28.88 -19.32 -18.93
N SER A 333 -28.82 -18.04 -19.26
CA SER A 333 -27.75 -17.50 -20.09
C SER A 333 -27.55 -16.04 -19.76
N CYS A 334 -26.36 -15.51 -20.01
CA CYS A 334 -26.12 -14.09 -19.82
C CYS A 334 -27.24 -13.31 -20.45
N THR A 335 -27.63 -12.23 -19.82
CA THR A 335 -28.70 -11.43 -20.36
C THR A 335 -28.28 -9.99 -20.39
N SER A 336 -29.16 -9.15 -20.90
CA SER A 336 -28.95 -7.72 -20.86
C SER A 336 -30.12 -7.14 -20.07
N ALA A 337 -30.88 -8.03 -19.43
CA ALA A 337 -32.03 -7.63 -18.65
C ALA A 337 -31.56 -6.59 -17.64
N GLY A 338 -32.36 -5.55 -17.45
CA GLY A 338 -32.01 -4.52 -16.51
C GLY A 338 -31.01 -3.51 -17.06
N ARG A 339 -30.39 -3.84 -18.19
CA ARG A 339 -29.42 -2.93 -18.77
C ARG A 339 -29.98 -2.21 -19.99
N SER A 340 -29.62 -0.94 -20.14
CA SER A 340 -30.07 -0.15 -21.28
C SER A 340 -28.92 0.04 -22.27
N ASP A 341 -27.70 -0.26 -21.82
CA ASP A 341 -26.53 -0.06 -22.66
C ASP A 341 -26.10 -1.33 -23.40
N GLY A 342 -26.96 -2.34 -23.40
CA GLY A 342 -26.67 -3.58 -24.09
C GLY A 342 -25.64 -4.49 -23.45
N LYS A 343 -24.80 -3.95 -22.57
CA LYS A 343 -23.79 -4.78 -21.90
C LYS A 343 -24.46 -6.04 -21.34
N MET A 344 -23.73 -7.15 -21.35
CA MET A 344 -24.26 -8.45 -20.95
C MET A 344 -23.76 -8.90 -19.58
N TRP A 345 -24.70 -9.20 -18.70
CA TRP A 345 -24.36 -9.60 -17.35
C TRP A 345 -25.02 -10.92 -16.99
N CYS A 346 -24.68 -11.41 -15.81
CA CYS A 346 -25.25 -12.64 -15.30
C CYS A 346 -25.16 -12.55 -13.81
N ALA A 347 -25.78 -13.51 -13.12
CA ALA A 347 -25.80 -13.47 -11.68
C ALA A 347 -24.76 -14.41 -11.08
N THR A 348 -24.22 -14.05 -9.93
CA THR A 348 -23.21 -14.88 -9.29
C THR A 348 -23.81 -15.76 -8.19
N THR A 349 -25.15 -15.75 -8.10
CA THR A 349 -25.91 -16.60 -7.21
C THR A 349 -27.20 -16.88 -7.95
N ALA A 350 -27.89 -17.96 -7.60
CA ALA A 350 -29.10 -18.33 -8.33
C ALA A 350 -30.22 -17.29 -8.27
N ASN A 351 -30.03 -16.23 -7.50
CA ASN A 351 -31.11 -15.25 -7.39
C ASN A 351 -30.60 -13.84 -7.13
N TYR A 352 -30.63 -13.01 -8.16
CA TYR A 352 -30.18 -11.63 -8.02
C TYR A 352 -31.13 -10.84 -7.11
N ASP A 353 -32.42 -11.07 -7.25
CA ASP A 353 -33.38 -10.36 -6.44
C ASP A 353 -32.98 -10.38 -4.96
N ASP A 354 -32.61 -11.55 -4.45
CA ASP A 354 -32.27 -11.69 -3.04
C ASP A 354 -30.84 -11.32 -2.71
N ASP A 355 -29.92 -11.54 -3.63
CA ASP A 355 -28.52 -11.29 -3.31
C ASP A 355 -27.87 -10.09 -3.96
N ARG A 356 -28.41 -9.61 -5.06
CA ARG A 356 -27.80 -8.49 -5.76
C ARG A 356 -26.31 -8.75 -5.98
N LYS A 357 -25.99 -9.96 -6.44
CA LYS A 357 -24.61 -10.27 -6.73
C LYS A 357 -24.58 -10.62 -8.19
N TRP A 358 -23.84 -9.81 -8.96
CA TRP A 358 -23.77 -9.97 -10.38
C TRP A 358 -22.39 -9.62 -10.86
N GLY A 359 -22.19 -9.74 -12.17
CA GLY A 359 -20.95 -9.39 -12.82
C GLY A 359 -21.21 -9.21 -14.29
N PHE A 360 -20.15 -8.98 -15.06
CA PHE A 360 -20.30 -8.87 -16.50
C PHE A 360 -19.73 -10.14 -17.08
N CYS A 361 -20.39 -10.67 -18.11
CA CYS A 361 -19.88 -11.84 -18.78
C CYS A 361 -18.83 -11.20 -19.63
N PRO A 362 -17.62 -11.73 -19.63
CA PRO A 362 -16.52 -11.08 -20.31
C PRO A 362 -16.74 -11.10 -21.79
N ASP A 363 -16.69 -9.94 -22.43
CA ASP A 363 -16.80 -9.88 -23.89
C ASP A 363 -15.43 -10.08 -24.52
N GLN A 364 -15.18 -9.35 -25.60
CA GLN A 364 -13.94 -9.52 -26.33
C GLN A 364 -12.78 -8.72 -25.71
N GLY A 365 -13.11 -7.68 -24.95
CA GLY A 365 -12.10 -6.83 -24.35
C GLY A 365 -11.45 -5.87 -25.34
N TYR A 366 -10.29 -5.32 -24.99
CA TYR A 366 -9.56 -4.40 -25.87
C TYR A 366 -8.09 -4.79 -26.01
N SER A 367 -7.58 -4.77 -27.23
CA SER A 367 -6.19 -5.14 -27.45
C SER A 367 -5.22 -4.09 -26.95
N LEU A 368 -4.42 -4.46 -25.95
CA LEU A 368 -3.38 -3.57 -25.45
C LEU A 368 -2.49 -3.26 -26.64
N PHE A 369 -2.23 -4.26 -27.46
CA PHE A 369 -1.43 -3.99 -28.62
C PHE A 369 -1.94 -2.73 -29.33
N LEU A 370 -3.14 -2.81 -29.88
CA LEU A 370 -3.72 -1.71 -30.66
C LEU A 370 -3.92 -0.42 -29.88
N VAL A 371 -4.54 -0.51 -28.71
CA VAL A 371 -4.83 0.70 -27.95
C VAL A 371 -3.54 1.45 -27.67
N ALA A 372 -2.48 0.72 -27.35
CA ALA A 372 -1.21 1.38 -27.10
C ALA A 372 -0.64 1.96 -28.38
N ALA A 373 -0.94 1.33 -29.53
CA ALA A 373 -0.44 1.82 -30.81
C ALA A 373 -0.89 3.25 -30.97
N HIS A 374 -2.19 3.44 -31.17
CA HIS A 374 -2.82 4.75 -31.25
C HIS A 374 -2.20 5.66 -30.21
N ALA A 375 -2.32 5.27 -28.95
CA ALA A 375 -1.77 6.06 -27.85
C ALA A 375 -0.37 6.56 -28.17
N PHE A 376 0.52 5.63 -28.45
CA PHE A 376 1.90 5.99 -28.71
C PHE A 376 2.08 7.07 -29.77
N GLY A 377 1.29 7.01 -30.83
CA GLY A 377 1.35 8.05 -31.84
C GLY A 377 1.12 9.39 -31.17
N HIS A 378 0.04 9.46 -30.40
CA HIS A 378 -0.29 10.65 -29.63
C HIS A 378 0.99 11.15 -28.97
N ALA A 379 1.71 10.23 -28.34
CA ALA A 379 2.93 10.55 -27.62
C ALA A 379 4.08 10.91 -28.53
N MET A 380 3.94 10.62 -29.81
CA MET A 380 4.99 10.97 -30.75
C MET A 380 4.64 12.33 -31.35
N GLY A 381 3.52 12.88 -30.91
CA GLY A 381 3.05 14.17 -31.36
C GLY A 381 1.78 14.13 -32.18
N LEU A 382 1.45 12.96 -32.70
CA LEU A 382 0.29 12.81 -33.58
C LEU A 382 -1.03 13.20 -32.94
N GLU A 383 -2.01 13.51 -33.79
CA GLU A 383 -3.31 13.99 -33.35
C GLU A 383 -4.43 13.18 -34.00
N HIS A 384 -5.61 13.16 -33.39
CA HIS A 384 -6.75 12.37 -33.87
C HIS A 384 -7.13 12.53 -35.33
N SER A 385 -7.15 11.42 -36.05
CA SER A 385 -7.50 11.41 -37.47
C SER A 385 -8.99 11.27 -37.73
N GLN A 386 -9.40 11.66 -38.94
CA GLN A 386 -10.79 11.64 -39.34
C GLN A 386 -11.02 10.54 -40.37
N ASP A 387 -9.99 9.71 -40.54
CA ASP A 387 -10.00 8.66 -41.55
C ASP A 387 -10.30 7.30 -40.94
N PRO A 388 -11.51 6.81 -41.14
CA PRO A 388 -11.99 5.56 -40.54
C PRO A 388 -10.96 4.43 -40.49
N GLY A 389 -10.07 4.36 -41.47
CA GLY A 389 -9.07 3.30 -41.51
C GLY A 389 -7.77 3.70 -40.83
N ALA A 390 -7.74 4.91 -40.29
CA ALA A 390 -6.54 5.41 -39.64
C ALA A 390 -6.40 4.90 -38.21
N LEU A 391 -5.24 4.36 -37.89
CA LEU A 391 -4.99 3.92 -36.53
C LEU A 391 -5.31 5.07 -35.60
N MET A 392 -4.79 6.24 -35.93
CA MET A 392 -5.02 7.41 -35.10
C MET A 392 -6.46 7.90 -35.19
N ALA A 393 -7.38 7.00 -35.50
CA ALA A 393 -8.79 7.34 -35.47
C ALA A 393 -9.25 7.09 -34.04
N PRO A 394 -10.08 7.97 -33.51
CA PRO A 394 -10.53 7.89 -32.12
C PRO A 394 -11.24 6.59 -31.74
N ILE A 395 -12.25 6.19 -32.50
CA ILE A 395 -12.99 4.99 -32.15
C ILE A 395 -12.15 3.73 -32.21
N TYR A 396 -12.39 2.81 -31.28
CA TYR A 396 -11.66 1.54 -31.24
C TYR A 396 -12.23 0.57 -32.26
N THR A 397 -11.35 -0.15 -32.95
CA THR A 397 -11.75 -1.12 -33.95
C THR A 397 -10.75 -2.24 -34.01
N TYR A 398 -11.17 -3.44 -33.65
CA TYR A 398 -10.23 -4.55 -33.64
C TYR A 398 -9.98 -5.18 -34.98
N THR A 399 -8.73 -5.14 -35.41
CA THR A 399 -8.28 -5.70 -36.69
C THR A 399 -7.19 -6.75 -36.40
N LYS A 400 -7.44 -7.99 -36.78
CA LYS A 400 -6.47 -9.04 -36.51
C LYS A 400 -5.15 -8.69 -37.17
N ASN A 401 -5.21 -8.45 -38.48
CA ASN A 401 -4.01 -8.14 -39.23
C ASN A 401 -3.88 -6.63 -39.40
N PHE A 402 -3.44 -5.98 -38.33
CA PHE A 402 -3.34 -4.53 -38.29
C PHE A 402 -2.19 -3.94 -39.08
N ARG A 403 -2.49 -2.91 -39.86
CA ARG A 403 -1.45 -2.23 -40.62
C ARG A 403 -1.61 -0.73 -40.45
N LEU A 404 -0.51 -0.02 -40.26
CA LEU A 404 -0.58 1.42 -40.17
C LEU A 404 -1.20 1.86 -41.47
N SER A 405 -1.93 2.96 -41.44
CA SER A 405 -2.56 3.48 -42.63
C SER A 405 -1.69 4.57 -43.23
N GLN A 406 -1.69 4.68 -44.55
CA GLN A 406 -0.93 5.74 -45.17
C GLN A 406 -1.16 6.97 -44.31
N ASP A 407 -2.43 7.32 -44.12
CA ASP A 407 -2.77 8.46 -43.30
C ASP A 407 -1.83 8.55 -42.10
N ASP A 408 -1.61 7.42 -41.45
CA ASP A 408 -0.68 7.41 -40.32
C ASP A 408 0.73 7.64 -40.83
N ILE A 409 1.26 6.72 -41.63
CA ILE A 409 2.61 6.89 -42.15
C ILE A 409 2.82 8.34 -42.51
N LYS A 410 1.84 8.92 -43.18
CA LYS A 410 1.91 10.32 -43.57
C LYS A 410 2.19 11.17 -42.33
N GLY A 411 1.19 11.28 -41.46
CA GLY A 411 1.32 12.11 -40.26
C GLY A 411 2.61 11.95 -39.47
N ILE A 412 3.02 10.72 -39.24
CA ILE A 412 4.20 10.43 -38.43
C ILE A 412 5.50 10.76 -39.14
N GLN A 413 5.59 10.43 -40.42
CA GLN A 413 6.77 10.70 -41.24
C GLN A 413 6.91 12.19 -41.46
N GLU A 414 5.77 12.88 -41.48
CA GLU A 414 5.71 14.31 -41.67
C GLU A 414 6.51 15.02 -40.57
N LEU A 415 6.51 14.43 -39.38
CA LEU A 415 7.22 14.98 -38.24
C LEU A 415 8.65 14.44 -38.15
N TYR A 416 8.78 13.15 -38.44
CA TYR A 416 10.07 12.47 -38.33
C TYR A 416 10.51 11.94 -39.70
N GLY A 417 11.68 11.32 -39.75
CA GLY A 417 12.15 10.74 -41.00
C GLY A 417 11.29 9.61 -41.51
N ALA A 418 11.86 8.77 -42.38
CA ALA A 418 11.11 7.63 -42.90
C ALA A 418 11.81 6.30 -42.64
N SER A 419 13.03 6.14 -43.16
CA SER A 419 13.76 4.89 -42.96
C SER A 419 15.23 5.00 -43.31
N PRO A 420 16.05 5.12 -42.27
CA PRO A 420 17.51 5.24 -42.43
C PRO A 420 18.20 3.93 -42.81
N ASP A 421 19.45 4.06 -43.21
CA ASP A 421 20.32 2.92 -43.55
C ASP A 421 19.65 1.91 -44.47
N THR A 429 11.49 4.35 -53.63
CA THR A 429 11.23 4.39 -52.19
C THR A 429 9.80 3.93 -51.85
N PRO A 430 9.70 2.95 -50.95
CA PRO A 430 8.42 2.36 -50.53
C PRO A 430 7.40 3.33 -49.92
N THR A 431 6.18 2.84 -49.78
CA THR A 431 5.04 3.58 -49.23
C THR A 431 4.08 2.57 -48.59
N LEU A 432 2.98 3.05 -48.03
CA LEU A 432 1.97 2.16 -47.44
C LEU A 432 1.14 1.46 -48.50
N GLY A 433 0.78 2.18 -49.56
CA GLY A 433 0.01 1.60 -50.65
C GLY A 433 -1.33 2.25 -50.93
N PRO A 434 -2.40 1.54 -50.57
CA PRO A 434 -3.78 1.99 -50.78
C PRO A 434 -4.27 3.01 -49.75
N VAL A 435 -5.30 3.76 -50.13
CA VAL A 435 -5.91 4.73 -49.23
C VAL A 435 -7.40 4.41 -49.14
N THR A 436 -8.15 5.16 -48.34
CA THR A 436 -9.59 4.95 -48.18
C THR A 436 -10.47 5.40 -49.35
N PRO A 437 -11.13 4.45 -49.99
CA PRO A 437 -12.01 4.72 -51.12
C PRO A 437 -13.12 5.71 -50.78
N GLU A 438 -13.49 6.56 -51.73
CA GLU A 438 -14.56 7.53 -51.49
C GLU A 438 -15.85 7.18 -52.24
N ILE A 439 -16.94 7.12 -51.48
CA ILE A 439 -18.28 6.84 -51.97
C ILE A 439 -18.43 6.80 -53.49
N CYS A 440 -18.67 7.97 -54.09
CA CYS A 440 -18.91 8.05 -55.52
C CYS A 440 -17.78 8.78 -56.21
N LYS A 441 -17.37 9.90 -55.64
CA LYS A 441 -16.31 10.71 -56.19
C LYS A 441 -15.53 10.04 -57.31
N GLN A 442 -14.94 8.88 -57.04
CA GLN A 442 -14.16 8.19 -58.05
C GLN A 442 -14.74 6.84 -58.45
N ASP A 443 -14.27 6.33 -59.59
CA ASP A 443 -14.73 5.04 -60.09
C ASP A 443 -14.36 3.93 -59.12
N ILE A 444 -15.29 3.02 -58.89
CA ILE A 444 -15.01 1.95 -57.95
C ILE A 444 -15.56 0.60 -58.40
N VAL A 445 -14.65 -0.38 -58.50
CA VAL A 445 -15.05 -1.74 -58.79
C VAL A 445 -15.04 -2.47 -57.45
N PHE A 446 -16.22 -2.65 -56.88
CA PHE A 446 -16.35 -3.28 -55.58
C PHE A 446 -15.82 -4.70 -55.58
N ASP A 447 -15.35 -5.13 -54.42
CA ASP A 447 -14.80 -6.49 -54.30
C ASP A 447 -15.90 -7.52 -54.08
N GLY A 448 -17.04 -7.05 -53.60
CA GLY A 448 -18.19 -7.89 -53.38
C GLY A 448 -19.41 -7.11 -52.93
N ILE A 449 -20.55 -7.35 -53.56
CA ILE A 449 -21.79 -6.77 -53.13
C ILE A 449 -22.53 -7.96 -52.56
N ALA A 450 -23.30 -7.75 -51.50
CA ALA A 450 -24.02 -8.88 -50.91
C ALA A 450 -25.14 -8.51 -49.95
N GLN A 451 -26.13 -9.40 -49.87
CA GLN A 451 -27.22 -9.27 -48.93
C GLN A 451 -26.84 -10.10 -47.72
N ILE A 452 -26.25 -9.45 -46.72
CA ILE A 452 -25.78 -10.20 -45.56
C ILE A 452 -26.87 -10.52 -44.55
N ARG A 453 -27.58 -9.50 -44.08
CA ARG A 453 -28.63 -9.70 -43.08
C ARG A 453 -29.90 -9.04 -43.58
N GLY A 454 -29.97 -7.73 -43.40
CA GLY A 454 -31.06 -6.94 -43.93
C GLY A 454 -30.38 -5.87 -44.72
N GLU A 455 -29.15 -5.57 -44.30
CA GLU A 455 -28.31 -4.57 -44.93
C GLU A 455 -27.72 -5.09 -46.23
N ILE A 456 -27.37 -4.18 -47.12
CA ILE A 456 -26.76 -4.55 -48.40
C ILE A 456 -25.33 -4.01 -48.43
N PHE A 457 -24.39 -4.81 -47.94
CA PHE A 457 -22.98 -4.41 -47.84
C PHE A 457 -22.29 -4.26 -49.20
N PHE A 458 -21.41 -3.26 -49.29
CA PHE A 458 -20.57 -3.03 -50.46
C PHE A 458 -19.14 -3.22 -49.96
N PHE A 459 -18.35 -4.04 -50.66
CA PHE A 459 -16.99 -4.29 -50.18
C PHE A 459 -15.89 -3.62 -50.98
N LYS A 460 -14.67 -3.71 -50.46
CA LYS A 460 -13.50 -3.14 -51.10
C LYS A 460 -12.25 -3.74 -50.47
N ASP A 461 -11.22 -2.91 -50.27
CA ASP A 461 -10.00 -3.40 -49.67
C ASP A 461 -10.23 -3.73 -48.21
N ARG A 462 -10.34 -2.71 -47.37
CA ARG A 462 -10.57 -2.93 -45.95
C ARG A 462 -11.87 -2.26 -45.51
N PHE A 463 -12.79 -2.02 -46.44
CA PHE A 463 -13.99 -1.28 -46.12
C PHE A 463 -15.32 -1.79 -46.70
N ILE A 464 -16.38 -1.62 -45.92
CA ILE A 464 -17.72 -1.96 -46.36
C ILE A 464 -18.66 -0.78 -46.16
N TRP A 465 -19.42 -0.45 -47.20
CA TRP A 465 -20.47 0.53 -47.09
C TRP A 465 -21.69 -0.34 -47.14
N ARG A 466 -22.73 0.01 -46.41
CA ARG A 466 -23.94 -0.80 -46.53
C ARG A 466 -25.20 0.00 -46.22
N THR A 467 -26.33 -0.56 -46.63
CA THR A 467 -27.62 0.07 -46.39
C THR A 467 -28.74 -0.95 -46.54
N VAL A 468 -29.88 -0.63 -45.97
CA VAL A 468 -31.03 -1.51 -46.08
C VAL A 468 -31.65 -1.26 -47.45
N THR A 469 -32.66 -0.38 -47.47
CA THR A 469 -33.39 -0.10 -48.71
C THR A 469 -32.85 1.10 -49.51
N PRO A 470 -32.39 2.15 -48.84
CA PRO A 470 -31.92 3.37 -49.51
C PRO A 470 -30.93 3.15 -50.65
N ARG A 471 -31.36 3.48 -51.87
CA ARG A 471 -30.49 3.45 -53.02
C ARG A 471 -29.82 4.81 -53.04
N ASP A 472 -30.54 5.80 -52.50
CA ASP A 472 -30.10 7.19 -52.44
C ASP A 472 -28.66 7.38 -51.96
N LYS A 473 -28.31 6.75 -50.84
CA LYS A 473 -26.95 6.81 -50.33
C LYS A 473 -26.71 5.84 -49.19
N PRO A 474 -25.74 4.95 -49.37
CA PRO A 474 -25.37 3.97 -48.36
C PRO A 474 -24.68 4.69 -47.22
N MET A 475 -24.15 3.92 -46.26
CA MET A 475 -23.45 4.50 -45.12
C MET A 475 -21.98 4.11 -45.24
N GLY A 476 -21.15 4.55 -44.30
CA GLY A 476 -19.73 4.22 -44.36
C GLY A 476 -18.80 5.40 -44.62
N PRO A 477 -17.52 5.12 -44.82
CA PRO A 477 -16.98 3.76 -44.83
C PRO A 477 -16.70 3.21 -43.43
N LEU A 478 -16.67 1.88 -43.32
CA LEU A 478 -16.38 1.21 -42.06
C LEU A 478 -15.41 0.07 -42.31
N LEU A 479 -14.50 -0.15 -41.37
CA LEU A 479 -13.53 -1.23 -41.49
C LEU A 479 -14.26 -2.57 -41.52
N VAL A 480 -13.99 -3.38 -42.54
CA VAL A 480 -14.69 -4.66 -42.65
C VAL A 480 -14.49 -5.47 -41.39
N ALA A 481 -13.30 -5.33 -40.80
CA ALA A 481 -12.95 -6.06 -39.59
C ALA A 481 -13.83 -5.70 -38.40
N THR A 482 -14.70 -4.71 -38.58
CA THR A 482 -15.62 -4.33 -37.51
C THR A 482 -16.40 -5.57 -37.13
N PHE A 483 -16.93 -6.24 -38.14
CA PHE A 483 -17.76 -7.41 -37.94
C PHE A 483 -16.98 -8.72 -38.12
N TRP A 484 -16.01 -8.69 -39.03
CA TRP A 484 -15.23 -9.88 -39.33
C TRP A 484 -13.75 -9.54 -39.38
N PRO A 485 -13.04 -9.84 -38.31
CA PRO A 485 -11.60 -9.56 -38.22
C PRO A 485 -10.72 -10.53 -39.01
N GLU A 486 -10.89 -11.83 -38.80
CA GLU A 486 -10.05 -12.82 -39.49
C GLU A 486 -10.16 -12.79 -41.02
N LEU A 487 -10.80 -11.76 -41.54
CA LEU A 487 -10.99 -11.61 -42.98
C LEU A 487 -9.87 -10.78 -43.58
N PRO A 488 -9.27 -11.25 -44.67
CA PRO A 488 -8.16 -10.55 -45.32
C PRO A 488 -8.53 -9.17 -45.82
N GLU A 489 -7.51 -8.38 -46.15
CA GLU A 489 -7.71 -6.98 -46.53
C GLU A 489 -8.25 -6.76 -47.93
N LYS A 490 -8.75 -7.82 -48.56
CA LYS A 490 -9.34 -7.74 -49.91
C LYS A 490 -10.10 -9.01 -50.22
N ILE A 491 -11.40 -9.01 -49.96
CA ILE A 491 -12.21 -10.20 -50.19
C ILE A 491 -12.74 -10.17 -51.62
N ASP A 492 -13.28 -11.29 -52.08
CA ASP A 492 -13.77 -11.36 -53.45
C ASP A 492 -15.28 -11.60 -53.53
N ALA A 493 -15.72 -12.84 -53.63
CA ALA A 493 -17.14 -13.11 -53.68
C ALA A 493 -17.62 -13.36 -52.26
N VAL A 494 -18.91 -13.14 -52.00
CA VAL A 494 -19.44 -13.35 -50.66
C VAL A 494 -20.95 -13.53 -50.62
N TYR A 495 -21.41 -14.47 -49.81
CA TYR A 495 -22.84 -14.73 -49.66
C TYR A 495 -23.22 -15.31 -48.31
N GLU A 496 -24.52 -15.36 -48.06
CA GLU A 496 -25.04 -15.92 -46.82
C GLU A 496 -26.17 -16.88 -47.15
N ALA A 497 -26.08 -18.10 -46.64
CA ALA A 497 -27.09 -19.12 -46.91
C ALA A 497 -28.39 -18.84 -46.16
N PRO A 498 -29.44 -18.48 -46.90
CA PRO A 498 -30.75 -18.21 -46.31
C PRO A 498 -31.37 -19.46 -45.72
N GLN A 499 -30.69 -20.58 -45.83
CA GLN A 499 -31.18 -21.83 -45.28
C GLN A 499 -30.68 -22.03 -43.85
N GLU A 500 -29.60 -21.32 -43.49
CA GLU A 500 -29.05 -21.42 -42.14
C GLU A 500 -28.51 -20.08 -41.61
N GLU A 501 -28.64 -19.03 -42.41
CA GLU A 501 -28.19 -17.69 -42.03
C GLU A 501 -26.70 -17.64 -41.70
N LYS A 502 -25.87 -18.19 -42.59
CA LYS A 502 -24.43 -18.21 -42.38
C LYS A 502 -23.70 -17.36 -43.40
N ALA A 503 -22.96 -16.37 -42.93
CA ALA A 503 -22.21 -15.49 -43.79
C ALA A 503 -20.95 -16.15 -44.35
N VAL A 504 -20.98 -16.46 -45.65
CA VAL A 504 -19.84 -17.11 -46.30
C VAL A 504 -18.98 -16.10 -47.05
N PHE A 505 -17.69 -16.11 -46.79
CA PHE A 505 -16.77 -15.17 -47.43
C PHE A 505 -15.67 -15.88 -48.22
N PHE A 506 -15.53 -15.53 -49.50
CA PHE A 506 -14.52 -16.12 -50.36
C PHE A 506 -13.34 -15.17 -50.50
N ALA A 507 -12.13 -15.71 -50.58
CA ALA A 507 -10.94 -14.87 -50.70
C ALA A 507 -9.66 -15.67 -50.94
N GLY A 508 -9.01 -15.37 -52.06
CA GLY A 508 -7.76 -16.03 -52.42
C GLY A 508 -7.94 -17.52 -52.65
N ASN A 509 -7.10 -18.31 -52.00
CA ASN A 509 -7.15 -19.76 -52.14
C ASN A 509 -8.01 -20.39 -51.06
N GLU A 510 -8.47 -19.58 -50.12
CA GLU A 510 -9.28 -20.08 -49.02
C GLU A 510 -10.68 -19.46 -48.98
N TYR A 511 -11.48 -19.89 -48.00
CA TYR A 511 -12.79 -19.29 -47.77
C TYR A 511 -13.20 -19.35 -46.29
N TRP A 512 -13.88 -18.29 -45.84
CA TRP A 512 -14.34 -18.17 -44.46
C TRP A 512 -15.85 -18.30 -44.40
N ILE A 513 -16.36 -18.88 -43.31
CA ILE A 513 -17.81 -18.99 -43.12
C ILE A 513 -18.20 -18.63 -41.71
N TYR A 514 -18.52 -17.36 -41.49
CA TYR A 514 -18.96 -16.90 -40.19
C TYR A 514 -20.39 -17.32 -39.88
N SER A 515 -20.70 -17.38 -38.59
CA SER A 515 -22.04 -17.65 -38.12
C SER A 515 -22.07 -17.07 -36.72
N ALA A 516 -23.02 -16.18 -36.48
CA ALA A 516 -23.16 -15.58 -35.16
C ALA A 516 -21.89 -14.81 -34.76
N SER A 517 -21.35 -14.05 -35.71
CA SER A 517 -20.19 -13.20 -35.48
C SER A 517 -18.88 -13.93 -35.15
N THR A 518 -18.86 -15.23 -35.39
CA THR A 518 -17.66 -16.01 -35.13
C THR A 518 -17.50 -17.07 -36.21
N LEU A 519 -16.28 -17.25 -36.67
CA LEU A 519 -16.02 -18.27 -37.67
C LEU A 519 -16.02 -19.62 -36.98
N GLU A 520 -16.43 -20.66 -37.70
CA GLU A 520 -16.49 -21.98 -37.10
C GLU A 520 -15.13 -22.66 -37.10
N ARG A 521 -14.94 -23.60 -36.19
CA ARG A 521 -13.70 -24.34 -36.08
C ARG A 521 -13.41 -25.03 -37.42
N GLY A 522 -12.18 -24.92 -37.89
CA GLY A 522 -11.80 -25.59 -39.14
C GLY A 522 -11.67 -24.66 -40.32
N TYR A 523 -12.65 -23.78 -40.52
CA TYR A 523 -12.56 -22.79 -41.57
C TYR A 523 -11.52 -21.81 -41.02
N PRO A 524 -10.81 -21.08 -41.87
CA PRO A 524 -11.04 -20.97 -43.30
C PRO A 524 -10.33 -22.01 -44.17
N LYS A 525 -11.08 -22.93 -44.75
CA LYS A 525 -10.52 -23.97 -45.59
C LYS A 525 -10.33 -23.47 -47.01
N PRO A 526 -9.52 -24.19 -47.80
CA PRO A 526 -9.36 -23.87 -49.23
C PRO A 526 -10.65 -24.16 -49.98
N LEU A 527 -10.69 -23.88 -51.28
CA LEU A 527 -11.90 -24.12 -52.06
C LEU A 527 -11.99 -25.57 -52.52
N THR A 528 -10.89 -26.31 -52.36
CA THR A 528 -10.88 -27.72 -52.74
C THR A 528 -11.96 -28.46 -51.97
N SER A 529 -11.82 -28.46 -50.65
CA SER A 529 -12.79 -29.13 -49.79
C SER A 529 -14.17 -28.44 -49.91
N LEU A 530 -14.18 -27.27 -50.52
CA LEU A 530 -15.44 -26.58 -50.74
C LEU A 530 -16.27 -27.33 -51.78
N GLY A 531 -15.69 -27.55 -52.95
CA GLY A 531 -16.36 -28.29 -54.00
C GLY A 531 -15.69 -28.16 -55.36
N LEU A 532 -15.21 -26.97 -55.67
CA LEU A 532 -14.55 -26.69 -56.94
C LEU A 532 -13.21 -27.40 -57.05
N PRO A 533 -12.76 -27.60 -58.28
CA PRO A 533 -11.44 -28.20 -58.54
C PRO A 533 -10.32 -27.29 -58.01
N PRO A 534 -9.07 -27.73 -58.14
CA PRO A 534 -7.92 -26.92 -57.69
C PRO A 534 -7.83 -25.55 -58.38
N ASP A 535 -8.80 -25.23 -59.22
CA ASP A 535 -8.88 -23.94 -59.89
C ASP A 535 -8.93 -22.85 -58.81
N VAL A 536 -9.16 -23.30 -57.59
CA VAL A 536 -9.36 -22.45 -56.42
C VAL A 536 -8.46 -21.23 -56.24
N GLN A 537 -7.58 -20.96 -57.21
CA GLN A 537 -6.70 -19.81 -57.10
C GLN A 537 -7.46 -18.57 -56.62
N ARG A 538 -8.57 -18.27 -57.26
CA ARG A 538 -9.41 -17.14 -56.87
C ARG A 538 -10.83 -17.28 -57.41
N VAL A 539 -11.73 -16.44 -56.91
CA VAL A 539 -13.13 -16.47 -57.34
C VAL A 539 -13.54 -15.12 -57.92
N ASP A 540 -14.74 -15.05 -58.50
CA ASP A 540 -15.22 -13.81 -59.09
C ASP A 540 -16.54 -13.33 -58.47
N ALA A 541 -17.49 -14.22 -58.28
CA ALA A 541 -18.77 -13.87 -57.67
C ALA A 541 -19.54 -15.10 -57.21
N ALA A 542 -20.50 -14.90 -56.31
CA ALA A 542 -21.30 -16.01 -55.80
C ALA A 542 -22.58 -15.52 -55.10
N PHE A 543 -23.59 -16.39 -55.05
CA PHE A 543 -24.87 -16.03 -54.46
C PHE A 543 -25.79 -17.23 -54.35
N ASN A 544 -27.04 -16.96 -53.95
CA ASN A 544 -28.09 -17.98 -53.85
C ASN A 544 -29.21 -17.67 -54.83
N TRP A 545 -30.00 -18.67 -55.18
CA TRP A 545 -31.13 -18.42 -56.08
C TRP A 545 -32.35 -17.91 -55.33
N SER A 546 -33.13 -17.06 -55.99
CA SER A 546 -34.35 -16.52 -55.40
C SER A 546 -35.52 -17.45 -55.66
N LYS A 547 -35.26 -18.59 -56.30
CA LYS A 547 -36.32 -19.55 -56.60
C LYS A 547 -35.81 -20.99 -56.58
N ASN A 548 -34.55 -21.18 -56.94
CA ASN A 548 -33.93 -22.50 -56.93
C ASN A 548 -33.35 -22.75 -55.55
N LYS A 549 -32.94 -21.66 -54.91
CA LYS A 549 -32.38 -21.72 -53.57
C LYS A 549 -31.10 -22.55 -53.48
N LYS A 550 -30.21 -22.35 -54.45
CA LYS A 550 -28.91 -23.01 -54.45
C LYS A 550 -27.80 -21.97 -54.58
N THR A 551 -26.56 -22.42 -54.59
CA THR A 551 -25.44 -21.50 -54.71
C THR A 551 -24.82 -21.57 -56.09
N TYR A 552 -24.46 -20.41 -56.65
CA TYR A 552 -23.80 -20.36 -57.96
C TYR A 552 -22.48 -19.64 -57.86
N ILE A 553 -21.40 -20.39 -57.96
CA ILE A 553 -20.05 -19.83 -57.84
C ILE A 553 -19.47 -19.50 -59.21
N PHE A 554 -19.55 -18.23 -59.59
CA PHE A 554 -19.02 -17.80 -60.87
C PHE A 554 -17.52 -17.53 -60.78
N ALA A 555 -16.78 -18.15 -61.68
CA ALA A 555 -15.33 -18.00 -61.73
C ALA A 555 -14.80 -18.23 -63.14
N GLY A 556 -14.45 -17.15 -63.83
CA GLY A 556 -13.94 -17.25 -65.18
C GLY A 556 -15.04 -17.26 -66.23
N ASP A 557 -14.81 -17.99 -67.31
CA ASP A 557 -15.80 -18.09 -68.36
C ASP A 557 -16.83 -19.14 -67.95
N LYS A 558 -16.51 -19.87 -66.89
CA LYS A 558 -17.35 -20.96 -66.41
C LYS A 558 -17.90 -20.74 -65.01
N PHE A 559 -19.19 -21.04 -64.83
CA PHE A 559 -19.84 -20.90 -63.54
C PHE A 559 -19.85 -22.25 -62.82
N TRP A 560 -20.18 -22.23 -61.54
CA TRP A 560 -20.22 -23.47 -60.74
C TRP A 560 -21.53 -23.69 -60.00
N ARG A 561 -21.62 -24.81 -59.30
CA ARG A 561 -22.84 -25.16 -58.59
C ARG A 561 -22.50 -25.79 -57.23
N TYR A 562 -23.37 -25.60 -56.26
CA TYR A 562 -23.15 -26.11 -54.91
C TYR A 562 -24.47 -26.49 -54.24
N ASN A 563 -24.44 -27.52 -53.41
CA ASN A 563 -25.63 -27.95 -52.72
C ASN A 563 -25.74 -27.34 -51.33
N GLU A 564 -26.43 -26.20 -51.25
CA GLU A 564 -26.62 -25.55 -49.95
C GLU A 564 -27.71 -26.25 -49.16
N VAL A 565 -28.27 -27.30 -49.76
CA VAL A 565 -29.33 -28.07 -49.13
C VAL A 565 -28.82 -29.48 -48.81
N LYS A 566 -27.60 -29.76 -49.24
CA LYS A 566 -26.94 -31.04 -49.01
C LYS A 566 -25.44 -30.83 -49.07
N LYS A 567 -24.67 -31.84 -48.71
CA LYS A 567 -23.20 -31.72 -48.69
C LYS A 567 -22.58 -32.11 -50.03
N LYS A 568 -23.29 -32.93 -50.79
CA LYS A 568 -22.81 -33.43 -52.08
C LYS A 568 -22.52 -32.34 -53.11
N MET A 569 -22.24 -32.76 -54.34
CA MET A 569 -21.94 -31.85 -55.44
C MET A 569 -22.61 -32.33 -56.71
N ASP A 570 -22.92 -31.40 -57.61
CA ASP A 570 -23.58 -31.76 -58.86
C ASP A 570 -22.65 -32.37 -59.89
N PRO A 571 -23.18 -33.35 -60.63
CA PRO A 571 -22.40 -34.03 -61.67
C PRO A 571 -21.63 -33.04 -62.53
N GLY A 572 -20.41 -33.42 -62.86
CA GLY A 572 -19.56 -32.65 -63.74
C GLY A 572 -19.91 -31.23 -64.10
N PHE A 573 -19.66 -30.32 -63.17
CA PHE A 573 -19.54 -28.91 -63.48
C PHE A 573 -18.02 -29.02 -63.36
N PRO A 574 -17.22 -28.18 -63.99
CA PRO A 574 -17.61 -26.93 -64.64
C PRO A 574 -18.10 -27.03 -66.07
N LYS A 575 -19.32 -26.56 -66.29
CA LYS A 575 -19.82 -26.40 -67.63
C LYS A 575 -19.87 -24.89 -67.79
N LEU A 576 -19.61 -24.40 -69.00
CA LEU A 576 -19.60 -22.97 -69.25
C LEU A 576 -21.02 -22.41 -69.22
N ILE A 577 -21.11 -21.09 -69.31
CA ILE A 577 -22.38 -20.39 -69.34
C ILE A 577 -23.17 -20.81 -70.59
N ALA A 578 -22.56 -21.67 -71.40
CA ALA A 578 -23.15 -22.15 -72.64
C ALA A 578 -24.53 -22.79 -72.50
N ASP A 579 -24.99 -22.98 -71.26
CA ASP A 579 -26.29 -23.62 -71.05
C ASP A 579 -27.40 -22.71 -70.52
N ALA A 580 -27.43 -22.50 -69.21
CA ALA A 580 -28.53 -21.72 -68.61
C ALA A 580 -28.38 -20.19 -68.64
N TRP A 581 -27.23 -19.67 -68.17
CA TRP A 581 -27.05 -18.22 -68.12
C TRP A 581 -26.98 -17.62 -69.52
N ASN A 582 -27.50 -16.41 -69.66
CA ASN A 582 -27.59 -15.78 -70.98
C ASN A 582 -26.74 -14.53 -71.20
N ALA A 583 -27.34 -13.36 -71.03
CA ALA A 583 -26.63 -12.11 -71.24
C ALA A 583 -25.39 -12.00 -70.34
N ILE A 584 -25.47 -12.61 -69.16
CA ILE A 584 -24.38 -12.61 -68.18
C ILE A 584 -22.99 -12.65 -68.83
N PRO A 585 -22.24 -11.57 -68.64
CA PRO A 585 -20.89 -11.41 -69.22
C PRO A 585 -19.80 -12.29 -68.59
N ASP A 586 -18.62 -12.38 -69.20
CA ASP A 586 -17.54 -13.18 -68.63
C ASP A 586 -17.11 -12.54 -67.34
N ASN A 587 -16.99 -13.35 -66.30
CA ASN A 587 -16.54 -12.90 -64.99
C ASN A 587 -17.19 -11.63 -64.48
N LEU A 588 -18.32 -11.79 -63.81
CA LEU A 588 -19.03 -10.66 -63.25
C LEU A 588 -18.50 -10.38 -61.85
N ASP A 589 -18.26 -9.11 -61.55
CA ASP A 589 -17.72 -8.73 -60.25
C ASP A 589 -18.58 -9.19 -59.10
N ALA A 590 -19.89 -9.26 -59.29
CA ALA A 590 -20.79 -9.66 -58.21
C ALA A 590 -22.18 -10.08 -58.67
N VAL A 591 -22.93 -10.73 -57.79
CA VAL A 591 -24.30 -11.15 -58.06
C VAL A 591 -25.15 -11.06 -56.80
N VAL A 592 -26.32 -10.45 -56.90
CA VAL A 592 -27.18 -10.26 -55.73
C VAL A 592 -28.68 -10.56 -55.97
N ASP A 593 -29.30 -11.20 -54.99
CA ASP A 593 -30.73 -11.49 -55.01
C ASP A 593 -31.39 -10.80 -53.82
N LEU A 594 -32.39 -9.96 -54.09
CA LEU A 594 -33.05 -9.23 -53.01
C LEU A 594 -34.36 -9.87 -52.59
N GLN A 595 -34.94 -9.33 -51.52
CA GLN A 595 -36.22 -9.80 -51.01
C GLN A 595 -37.31 -9.69 -52.08
N GLY A 596 -37.99 -10.80 -52.34
CA GLY A 596 -39.03 -10.84 -53.36
C GLY A 596 -38.49 -10.47 -54.72
N GLY A 597 -39.40 -10.07 -55.61
CA GLY A 597 -39.04 -9.66 -56.95
C GLY A 597 -38.73 -10.81 -57.88
N GLY A 598 -37.70 -11.57 -57.53
CA GLY A 598 -37.27 -12.70 -58.34
C GLY A 598 -36.18 -12.26 -59.29
N HIS A 599 -35.65 -11.07 -59.06
CA HIS A 599 -34.57 -10.55 -59.89
C HIS A 599 -33.23 -10.82 -59.23
N SER A 600 -32.25 -11.23 -60.02
CA SER A 600 -30.91 -11.48 -59.52
C SER A 600 -29.93 -10.60 -60.27
N TYR A 601 -29.57 -9.47 -59.66
CA TYR A 601 -28.68 -8.50 -60.27
C TYR A 601 -27.27 -9.03 -60.44
N PHE A 602 -26.69 -8.81 -61.62
CA PHE A 602 -25.33 -9.23 -61.91
C PHE A 602 -24.47 -7.99 -62.08
N PHE A 603 -23.27 -8.02 -61.50
CA PHE A 603 -22.40 -6.85 -61.54
C PHE A 603 -21.10 -7.10 -62.28
N LYS A 604 -20.71 -6.12 -63.07
CA LYS A 604 -19.44 -6.12 -63.79
C LYS A 604 -19.19 -4.69 -64.22
N GLY A 605 -17.96 -4.36 -64.54
CA GLY A 605 -17.64 -3.00 -64.95
C GLY A 605 -18.30 -1.96 -64.05
N ALA A 606 -18.79 -0.89 -64.66
CA ALA A 606 -19.42 0.19 -63.89
C ALA A 606 -20.94 0.13 -63.92
N TYR A 607 -21.48 -0.97 -64.45
CA TYR A 607 -22.93 -1.11 -64.55
C TYR A 607 -23.45 -2.52 -64.29
N TYR A 608 -24.72 -2.63 -63.94
CA TYR A 608 -25.33 -3.92 -63.64
C TYR A 608 -26.28 -4.39 -64.73
N LEU A 609 -26.80 -5.60 -64.55
CA LEU A 609 -27.67 -6.23 -65.52
C LEU A 609 -28.77 -6.98 -64.77
N LYS A 610 -30.00 -6.49 -64.82
CA LYS A 610 -31.09 -7.15 -64.10
C LYS A 610 -31.47 -8.49 -64.73
N LEU A 611 -31.50 -9.53 -63.92
CA LEU A 611 -31.83 -10.87 -64.39
C LEU A 611 -33.14 -11.32 -63.74
N GLU A 612 -33.94 -12.05 -64.51
CA GLU A 612 -35.22 -12.54 -64.03
C GLU A 612 -35.14 -14.03 -63.71
N ASN A 613 -35.38 -14.40 -62.45
CA ASN A 613 -35.37 -15.80 -62.07
C ASN A 613 -36.55 -16.55 -62.66
N GLN A 614 -37.73 -15.95 -62.56
CA GLN A 614 -38.95 -16.54 -63.09
C GLN A 614 -38.76 -16.96 -64.54
N SER A 615 -37.96 -16.19 -65.26
CA SER A 615 -37.64 -16.47 -66.65
C SER A 615 -36.20 -16.08 -66.92
N LEU A 616 -35.33 -17.07 -67.06
CA LEU A 616 -33.92 -16.83 -67.32
C LEU A 616 -33.72 -16.12 -68.64
N LYS A 617 -33.80 -14.80 -68.63
CA LYS A 617 -33.65 -14.06 -69.87
C LYS A 617 -32.85 -12.78 -69.74
N SER A 618 -33.43 -11.74 -69.15
CA SER A 618 -32.72 -10.47 -69.01
C SER A 618 -33.63 -9.38 -68.48
N VAL A 619 -33.10 -8.16 -68.47
CA VAL A 619 -33.87 -6.93 -68.21
C VAL A 619 -32.94 -5.76 -67.94
N LYS A 620 -33.54 -4.58 -67.92
CA LYS A 620 -32.94 -3.42 -67.11
C LYS A 620 -31.43 -3.38 -66.98
N PHE A 621 -30.79 -2.62 -67.88
CA PHE A 621 -29.36 -2.41 -67.82
C PHE A 621 -29.14 -1.02 -67.22
N GLY A 622 -28.51 -0.96 -66.05
CA GLY A 622 -28.33 0.30 -65.34
C GLY A 622 -26.96 0.63 -64.77
N SER A 623 -26.77 1.91 -64.47
CA SER A 623 -25.51 2.43 -63.94
C SER A 623 -25.37 2.08 -62.47
N ILE A 624 -24.38 1.25 -62.14
CA ILE A 624 -24.19 0.85 -60.75
C ILE A 624 -24.27 2.05 -59.81
N LYS A 625 -23.38 3.01 -60.04
CA LYS A 625 -23.26 4.20 -59.19
C LYS A 625 -24.56 4.96 -59.00
N SER A 626 -25.29 5.16 -60.07
CA SER A 626 -26.53 5.93 -60.00
C SER A 626 -27.67 5.13 -59.37
N ASP A 627 -27.67 3.82 -59.59
CA ASP A 627 -28.77 2.98 -59.10
C ASP A 627 -28.55 2.51 -57.67
N TRP A 628 -27.55 1.65 -57.44
CA TRP A 628 -27.23 1.26 -56.08
C TRP A 628 -26.10 2.17 -55.61
N LEU A 629 -25.70 2.01 -54.35
CA LEU A 629 -24.61 2.83 -53.84
C LEU A 629 -24.95 4.28 -54.07
N GLY A 630 -26.18 4.63 -53.75
CA GLY A 630 -26.68 5.98 -53.90
C GLY A 630 -25.84 6.89 -54.77
N CYS A 631 -25.78 7.94 -56.53
CA CYS A 631 -25.10 9.19 -56.20
C CYS A 631 -26.04 10.36 -56.41
N PRO B 2 8.50 -29.08 40.20
CA PRO B 2 7.38 -29.10 39.21
C PRO B 2 6.76 -27.71 39.08
N SER B 3 7.25 -26.98 38.09
CA SER B 3 6.94 -25.57 37.92
C SER B 3 5.75 -25.25 37.04
N PRO B 4 5.67 -23.99 36.62
CA PRO B 4 4.57 -23.50 35.79
C PRO B 4 4.55 -24.10 34.40
N ILE B 5 3.98 -23.36 33.45
CA ILE B 5 3.76 -23.85 32.11
C ILE B 5 3.98 -22.75 31.11
N ILE B 6 4.32 -23.10 29.87
CA ILE B 6 4.61 -22.12 28.83
C ILE B 6 4.09 -22.51 27.45
N LYS B 7 3.76 -21.52 26.60
CA LYS B 7 3.30 -21.78 25.22
C LYS B 7 2.56 -20.55 24.72
N PHE B 8 2.69 -20.15 23.44
CA PHE B 8 1.79 -18.97 23.03
C PHE B 8 1.64 -18.57 21.56
N PRO B 9 0.44 -18.78 21.03
CA PRO B 9 0.04 -18.42 19.65
C PRO B 9 0.07 -16.96 19.29
N GLY B 10 0.21 -16.68 18.00
CA GLY B 10 0.23 -15.32 17.47
C GLY B 10 1.52 -14.57 17.78
N ASP B 11 2.65 -15.22 17.62
CA ASP B 11 3.97 -14.64 17.89
C ASP B 11 4.97 -15.76 18.23
N VAL B 12 6.26 -15.49 18.07
CA VAL B 12 7.29 -16.49 18.44
C VAL B 12 8.25 -15.84 19.43
N ALA B 13 8.31 -16.39 20.64
CA ALA B 13 9.12 -15.73 21.67
C ALA B 13 10.22 -16.55 22.37
N PRO B 14 10.37 -17.82 22.07
CA PRO B 14 11.43 -18.61 22.70
C PRO B 14 12.78 -18.05 22.27
N LYS B 15 13.40 -17.24 23.13
CA LYS B 15 14.71 -16.68 22.83
C LYS B 15 15.75 -17.35 23.71
N THR B 16 16.59 -18.20 23.10
CA THR B 16 17.63 -18.87 23.86
C THR B 16 18.36 -17.82 24.67
N ASP B 17 18.57 -18.08 25.95
CA ASP B 17 19.28 -17.14 26.82
C ASP B 17 20.57 -16.64 26.17
N LYS B 18 21.45 -17.56 25.79
CA LYS B 18 22.67 -17.13 25.14
C LYS B 18 22.35 -16.46 23.80
N GLU B 19 21.48 -17.06 22.99
CA GLU B 19 21.11 -16.43 21.74
C GLU B 19 20.77 -14.98 21.99
N LEU B 20 20.12 -14.71 23.12
CA LEU B 20 19.75 -13.34 23.47
C LEU B 20 21.00 -12.49 23.69
N ALA B 21 22.00 -13.04 24.39
CA ALA B 21 23.24 -12.31 24.62
C ALA B 21 23.88 -12.02 23.27
N VAL B 22 24.04 -13.07 22.48
CA VAL B 22 24.66 -12.99 21.17
C VAL B 22 24.07 -11.91 20.28
N GLN B 23 22.79 -11.64 20.45
CA GLN B 23 22.15 -10.60 19.68
C GLN B 23 22.51 -9.32 20.36
N TYR B 24 22.31 -9.28 21.68
CA TYR B 24 22.51 -8.05 22.44
C TYR B 24 23.96 -7.67 22.48
N LEU B 25 24.83 -8.52 21.98
CA LEU B 25 26.23 -8.15 21.92
C LEU B 25 26.50 -7.65 20.53
N ASN B 26 25.96 -8.33 19.52
CA ASN B 26 26.12 -7.91 18.14
C ASN B 26 25.73 -6.45 17.94
N THR B 27 24.44 -6.21 17.80
CA THR B 27 23.91 -4.87 17.66
C THR B 27 24.70 -3.78 18.42
N PHE B 28 24.81 -3.95 19.73
CA PHE B 28 25.40 -2.94 20.61
C PHE B 28 26.92 -3.00 20.75
N TYR B 29 27.50 -4.17 20.48
CA TYR B 29 28.95 -4.38 20.46
C TYR B 29 29.19 -5.36 19.30
N GLY B 30 29.87 -4.95 18.24
CA GLY B 30 30.00 -5.83 17.09
C GLY B 30 30.37 -7.28 17.39
N CYS B 31 29.66 -8.25 16.82
CA CYS B 31 29.94 -9.65 17.15
C CYS B 31 29.11 -10.70 16.38
N PRO B 32 29.20 -10.78 15.04
CA PRO B 32 28.22 -11.57 14.24
C PRO B 32 28.31 -13.12 14.26
N LYS B 33 28.40 -13.72 13.07
CA LYS B 33 28.36 -15.19 12.90
C LYS B 33 29.38 -15.98 13.72
N GLU B 34 30.38 -15.32 14.28
CA GLU B 34 31.30 -16.02 15.14
C GLU B 34 30.79 -15.92 16.56
N SER B 35 29.48 -15.77 16.70
CA SER B 35 28.85 -15.68 17.99
C SER B 35 29.42 -14.47 18.68
N CYS B 36 30.71 -14.54 18.95
CA CYS B 36 31.33 -13.43 19.61
C CYS B 36 32.85 -13.43 19.66
N ASN B 37 33.43 -12.25 19.79
CA ASN B 37 34.86 -12.20 19.97
C ASN B 37 35.07 -12.65 21.41
N LEU B 38 34.08 -12.31 22.23
CA LEU B 38 34.05 -12.55 23.67
C LEU B 38 34.66 -13.85 24.19
N PHE B 39 34.13 -14.99 23.74
CA PHE B 39 34.63 -16.27 24.26
C PHE B 39 35.98 -16.64 23.68
N VAL B 40 36.92 -16.91 24.57
CA VAL B 40 38.28 -17.31 24.21
C VAL B 40 39.14 -16.10 23.83
N LEU B 41 38.52 -14.93 23.74
CA LEU B 41 39.29 -13.73 23.45
C LEU B 41 39.34 -12.81 24.67
N LYS B 42 38.24 -12.78 25.42
CA LYS B 42 38.10 -11.91 26.58
C LYS B 42 37.63 -10.63 25.98
N ASP B 43 36.83 -10.76 24.93
CA ASP B 43 36.31 -9.59 24.22
C ASP B 43 35.05 -9.00 24.84
N THR B 44 33.88 -9.44 24.41
CA THR B 44 32.64 -8.82 24.85
C THR B 44 32.13 -9.43 26.12
N LEU B 45 31.02 -8.90 26.62
CA LEU B 45 30.36 -9.49 27.77
C LEU B 45 31.30 -9.31 28.95
N LYS B 46 32.04 -8.21 28.90
CA LYS B 46 32.92 -7.78 29.96
C LYS B 46 32.91 -6.31 29.65
N LYS B 47 33.06 -6.02 28.37
CA LYS B 47 33.02 -4.65 27.91
C LYS B 47 31.63 -4.18 28.19
N MET B 48 30.65 -5.01 27.82
CA MET B 48 29.24 -4.72 28.04
C MET B 48 29.00 -4.50 29.53
N GLN B 49 29.42 -5.46 30.33
CA GLN B 49 29.25 -5.39 31.77
C GLN B 49 29.84 -4.10 32.31
N LYS B 50 31.09 -3.83 31.95
CA LYS B 50 31.77 -2.62 32.39
C LYS B 50 30.87 -1.44 32.10
N PHE B 51 30.33 -1.41 30.88
CA PHE B 51 29.54 -0.28 30.45
C PHE B 51 28.44 0.02 31.45
N PHE B 52 27.69 -1.00 31.86
CA PHE B 52 26.60 -0.74 32.77
C PHE B 52 27.09 -0.70 34.20
N GLY B 53 28.28 -1.23 34.41
CA GLY B 53 28.85 -1.23 35.74
C GLY B 53 28.26 -2.40 36.49
N LEU B 54 28.95 -3.52 36.44
CA LEU B 54 28.50 -4.75 37.06
C LEU B 54 29.70 -5.60 37.28
N PRO B 55 29.46 -6.77 37.86
CA PRO B 55 30.53 -7.75 38.00
C PRO B 55 30.99 -8.16 36.61
N GLN B 56 32.26 -7.93 36.31
CA GLN B 56 32.84 -8.30 35.02
C GLN B 56 33.26 -9.75 35.06
N THR B 57 32.29 -10.64 35.27
CA THR B 57 32.55 -12.05 35.37
C THR B 57 32.91 -12.65 34.02
N GLY B 58 32.36 -12.09 32.96
CA GLY B 58 32.60 -12.60 31.63
C GLY B 58 31.64 -13.72 31.30
N ASP B 59 30.75 -14.00 32.24
CA ASP B 59 29.73 -15.03 32.12
C ASP B 59 28.73 -14.76 33.22
N LEU B 60 28.44 -13.49 33.48
CA LEU B 60 27.61 -13.13 34.64
C LEU B 60 26.15 -13.08 34.30
N ASP B 61 25.77 -13.90 33.33
CA ASP B 61 24.45 -13.85 32.76
C ASP B 61 23.32 -13.57 33.77
N GLN B 62 23.23 -14.41 34.79
CA GLN B 62 22.18 -14.25 35.80
C GLN B 62 21.79 -12.79 36.01
N ASN B 63 22.74 -11.99 36.45
CA ASN B 63 22.48 -10.58 36.73
C ASN B 63 22.59 -9.75 35.46
N THR B 64 23.44 -10.18 34.53
CA THR B 64 23.64 -9.43 33.30
C THR B 64 22.47 -9.64 32.38
N ILE B 65 22.02 -10.88 32.27
CA ILE B 65 20.95 -11.23 31.36
C ILE B 65 19.71 -10.43 31.64
N GLU B 66 19.50 -10.09 32.90
CA GLU B 66 18.39 -9.26 33.30
C GLU B 66 18.53 -7.93 32.60
N THR B 67 19.68 -7.26 32.80
CA THR B 67 19.91 -5.96 32.17
C THR B 67 19.67 -6.11 30.69
N MET B 68 20.09 -7.26 30.15
CA MET B 68 19.96 -7.51 28.73
C MET B 68 18.51 -7.51 28.26
N ARG B 69 17.56 -7.66 29.17
CA ARG B 69 16.18 -7.67 28.73
C ARG B 69 15.51 -6.30 28.74
N LYS B 70 15.96 -5.41 29.62
CA LYS B 70 15.34 -4.09 29.72
C LYS B 70 15.25 -3.40 28.36
N PRO B 71 14.09 -2.85 28.04
CA PRO B 71 13.92 -2.02 26.85
C PRO B 71 14.97 -0.92 26.73
N ARG B 72 15.65 -0.80 25.58
CA ARG B 72 16.69 0.21 25.38
C ARG B 72 16.68 0.87 23.99
N CYS B 73 17.53 1.88 23.79
CA CYS B 73 17.69 2.60 22.52
C CYS B 73 18.33 1.65 21.51
N GLY B 74 18.09 1.87 20.22
CA GLY B 74 18.61 0.95 19.22
C GLY B 74 20.03 1.20 18.73
N ASN B 75 20.66 2.27 19.25
CA ASN B 75 22.01 2.67 18.86
C ASN B 75 23.02 1.79 19.60
N PRO B 76 24.25 1.68 19.10
CA PRO B 76 25.26 0.85 19.74
C PRO B 76 25.77 1.51 20.99
N ASP B 77 26.54 0.78 21.79
CA ASP B 77 27.15 1.35 22.98
C ASP B 77 28.60 1.53 22.66
N VAL B 78 29.06 0.66 21.78
CA VAL B 78 30.45 0.68 21.33
C VAL B 78 30.75 1.89 20.47
N ALA B 79 31.72 2.65 20.92
CA ALA B 79 32.12 3.87 20.24
C ALA B 79 32.44 3.63 18.77
N ASN B 80 32.07 4.59 17.95
CA ASN B 80 32.44 4.56 16.55
C ASN B 80 32.18 3.20 15.87
N TYR B 81 30.95 3.08 15.34
CA TYR B 81 30.49 1.87 14.69
C TYR B 81 29.21 2.10 13.91
N ASN B 82 29.27 2.76 12.76
CA ASN B 82 28.08 2.81 11.89
C ASN B 82 28.45 2.56 10.46
N PHE B 83 27.43 2.39 9.63
CA PHE B 83 27.64 2.10 8.22
C PHE B 83 27.55 3.37 7.41
N PHE B 84 26.68 4.28 7.86
CA PHE B 84 26.44 5.52 7.15
C PHE B 84 27.46 6.55 7.53
N PRO B 85 27.76 7.44 6.59
CA PRO B 85 28.75 8.50 6.79
C PRO B 85 28.21 9.41 7.84
N ARG B 86 29.08 10.15 8.52
CA ARG B 86 28.63 11.07 9.56
C ARG B 86 29.66 12.14 9.85
N LYS B 87 29.23 13.20 10.53
CA LYS B 87 30.14 14.25 10.97
C LYS B 87 30.01 14.45 12.47
N PRO B 88 30.92 15.18 13.08
CA PRO B 88 30.86 15.39 14.51
C PRO B 88 29.61 16.15 14.90
N LYS B 89 29.14 17.06 14.04
CA LYS B 89 28.02 17.93 14.37
C LYS B 89 27.53 18.70 13.15
N TRP B 90 26.35 19.30 13.26
CA TRP B 90 25.74 20.08 12.18
C TRP B 90 26.51 21.36 11.83
N ASP B 91 26.81 21.54 10.55
CA ASP B 91 27.54 22.71 10.07
C ASP B 91 26.72 23.97 10.24
N LYS B 92 25.49 23.81 10.71
CA LYS B 92 24.59 24.95 10.88
C LYS B 92 24.03 24.96 12.29
N ASN B 93 23.30 26.00 12.64
CA ASN B 93 22.66 26.10 13.94
C ASN B 93 21.17 26.09 13.76
N GLN B 94 20.75 26.21 12.50
CA GLN B 94 19.35 26.25 12.16
C GLN B 94 19.00 24.97 11.47
N ILE B 95 18.55 24.01 12.28
CA ILE B 95 18.24 22.66 11.82
C ILE B 95 16.77 22.56 11.47
N THR B 96 16.44 21.63 10.57
CA THR B 96 15.07 21.39 10.17
C THR B 96 14.73 19.90 10.21
N TYR B 97 13.57 19.59 10.76
CA TYR B 97 13.10 18.23 10.86
C TYR B 97 11.71 18.17 10.31
N ARG B 98 11.22 16.94 10.12
CA ARG B 98 9.91 16.73 9.55
C ARG B 98 9.35 15.39 9.97
N ILE B 99 8.03 15.35 10.18
CA ILE B 99 7.33 14.17 10.67
C ILE B 99 6.71 13.45 9.49
N ILE B 100 7.29 12.33 9.10
CA ILE B 100 6.80 11.62 7.93
C ILE B 100 5.81 10.56 8.32
N GLY B 101 5.82 10.19 9.59
CA GLY B 101 4.96 9.15 10.09
C GLY B 101 4.47 9.41 11.50
N TYR B 102 3.37 8.76 11.87
CA TYR B 102 2.83 8.93 13.21
C TYR B 102 2.36 7.59 13.72
N THR B 103 2.22 7.48 15.03
CA THR B 103 1.66 6.28 15.63
C THR B 103 0.19 6.50 15.96
N PRO B 104 -0.60 5.48 15.66
CA PRO B 104 -2.03 5.47 15.98
C PRO B 104 -2.30 5.57 17.47
N ASP B 105 -1.28 5.60 18.32
CA ASP B 105 -1.51 5.61 19.76
C ASP B 105 -1.58 7.01 20.33
N LEU B 106 -1.51 7.99 19.45
CA LEU B 106 -1.45 9.36 19.91
C LEU B 106 -1.93 10.23 18.76
N ASP B 107 -2.90 11.09 19.03
CA ASP B 107 -3.40 11.97 18.00
C ASP B 107 -2.26 12.82 17.46
N PRO B 108 -2.44 13.35 16.25
CA PRO B 108 -1.42 14.16 15.58
C PRO B 108 -1.01 15.38 16.40
N GLU B 109 -1.98 16.05 17.00
CA GLU B 109 -1.61 17.19 17.83
C GLU B 109 -0.62 16.78 18.91
N THR B 110 -0.82 15.62 19.53
CA THR B 110 0.08 15.18 20.59
C THR B 110 1.47 14.81 20.04
N VAL B 111 1.54 13.83 19.15
CA VAL B 111 2.83 13.48 18.55
C VAL B 111 3.63 14.73 18.19
N ASP B 112 3.07 15.58 17.34
CA ASP B 112 3.77 16.80 16.93
C ASP B 112 4.35 17.47 18.17
N ASP B 113 3.46 17.90 19.05
CA ASP B 113 3.92 18.57 20.25
C ASP B 113 5.02 17.78 20.96
N ALA B 114 4.82 16.48 21.12
CA ALA B 114 5.79 15.69 21.85
C ALA B 114 7.15 15.87 21.22
N PHE B 115 7.19 15.89 19.89
CA PHE B 115 8.44 16.09 19.19
C PHE B 115 8.96 17.50 19.45
N ALA B 116 8.11 18.50 19.24
CA ALA B 116 8.53 19.88 19.47
C ALA B 116 9.29 19.94 20.78
N ARG B 117 8.63 19.47 21.86
CA ARG B 117 9.21 19.50 23.19
C ARG B 117 10.54 18.75 23.31
N ALA B 118 10.74 17.72 22.49
CA ALA B 118 12.01 16.95 22.52
C ALA B 118 13.19 17.80 22.05
N PHE B 119 12.96 18.56 20.98
CA PHE B 119 13.96 19.46 20.45
C PHE B 119 14.23 20.56 21.48
N GLN B 120 13.19 21.00 22.17
CA GLN B 120 13.39 22.02 23.17
C GLN B 120 14.45 21.52 24.15
N VAL B 121 14.37 20.24 24.50
CA VAL B 121 15.31 19.71 25.47
C VAL B 121 16.75 20.12 25.15
N TRP B 122 17.08 20.19 23.86
CA TRP B 122 18.42 20.53 23.43
C TRP B 122 18.64 22.02 23.19
N SER B 123 17.67 22.70 22.58
CA SER B 123 17.82 24.15 22.43
C SER B 123 18.10 24.78 23.78
N ASP B 124 17.10 24.77 24.65
CA ASP B 124 17.21 25.33 25.99
C ASP B 124 18.65 25.50 26.45
N VAL B 125 19.55 24.64 26.00
CA VAL B 125 20.94 24.69 26.45
C VAL B 125 22.01 24.83 25.36
N THR B 126 21.61 25.38 24.21
CA THR B 126 22.51 25.60 23.08
C THR B 126 21.91 26.63 22.11
N PRO B 127 22.67 26.99 21.08
CA PRO B 127 22.20 27.94 20.08
C PRO B 127 21.50 27.23 18.95
N LEU B 128 21.23 25.94 19.13
CA LEU B 128 20.50 25.18 18.11
C LEU B 128 19.04 25.66 18.02
N ARG B 129 18.52 25.74 16.81
CA ARG B 129 17.14 26.16 16.56
C ARG B 129 16.43 25.24 15.57
N PHE B 130 15.43 24.51 16.06
CA PHE B 130 14.71 23.57 15.21
C PHE B 130 13.43 24.16 14.61
N SER B 131 13.10 23.69 13.41
CA SER B 131 11.94 24.16 12.68
C SER B 131 11.36 23.03 11.85
N ARG B 132 10.05 22.85 11.95
CA ARG B 132 9.35 21.82 11.22
C ARG B 132 9.03 22.33 9.85
N ILE B 133 9.47 21.63 8.81
CA ILE B 133 9.10 22.01 7.44
C ILE B 133 8.28 20.90 6.85
N HIS B 134 7.14 21.22 6.27
CA HIS B 134 6.28 20.19 5.72
C HIS B 134 6.66 19.74 4.31
N ASP B 135 7.78 20.24 3.80
CA ASP B 135 8.10 19.90 2.42
C ASP B 135 9.57 19.77 2.06
N GLY B 136 9.89 18.75 1.28
CA GLY B 136 11.25 18.57 0.83
C GLY B 136 12.07 17.86 1.88
N GLU B 137 13.37 17.81 1.69
CA GLU B 137 14.23 17.07 2.60
C GLU B 137 14.69 17.90 3.79
N ALA B 138 14.30 17.43 4.97
CA ALA B 138 14.74 18.07 6.20
C ALA B 138 16.05 17.44 6.64
N ASP B 139 16.74 18.07 7.59
CA ASP B 139 17.95 17.52 8.12
C ASP B 139 17.57 16.29 8.90
N ILE B 140 16.53 16.42 9.72
CA ILE B 140 16.08 15.32 10.55
C ILE B 140 14.69 14.85 10.12
N MET B 141 14.63 13.69 9.47
CA MET B 141 13.35 13.14 9.07
C MET B 141 12.85 12.15 10.14
N ILE B 142 11.68 12.40 10.71
CA ILE B 142 11.14 11.55 11.77
C ILE B 142 10.07 10.65 11.23
N ASN B 143 10.16 9.36 11.53
CA ASN B 143 9.19 8.38 11.07
C ASN B 143 9.07 7.25 12.08
N PHE B 144 8.04 6.43 11.91
CA PHE B 144 7.81 5.29 12.77
C PHE B 144 7.93 4.04 11.90
N GLY B 145 8.19 2.87 12.48
CA GLY B 145 8.34 1.71 11.62
C GLY B 145 8.50 0.37 12.31
N ARG B 146 8.19 -0.71 11.58
CA ARG B 146 8.31 -2.06 12.11
C ARG B 146 9.60 -2.70 11.69
N TRP B 147 9.85 -3.92 12.15
CA TRP B 147 11.08 -4.59 11.82
C TRP B 147 11.49 -4.24 10.41
N GLU B 148 12.77 -4.07 10.18
CA GLU B 148 13.23 -3.77 8.81
C GLU B 148 12.46 -2.67 8.11
N HIS B 149 12.36 -1.51 8.74
CA HIS B 149 11.68 -0.37 8.17
C HIS B 149 12.58 0.38 7.19
N GLY B 150 13.19 -0.31 6.23
CA GLY B 150 13.99 0.40 5.24
C GLY B 150 15.43 0.80 5.48
N ASP B 151 15.94 0.81 6.71
CA ASP B 151 17.35 1.22 6.89
C ASP B 151 18.37 0.11 7.07
N GLY B 152 17.95 -1.15 7.01
CA GLY B 152 18.91 -2.23 7.22
C GLY B 152 19.18 -2.52 8.68
N TYR B 153 18.62 -1.67 9.54
CA TYR B 153 18.70 -1.86 10.97
C TYR B 153 17.30 -2.17 11.50
N PRO B 154 16.86 -3.42 11.39
CA PRO B 154 15.51 -3.80 11.79
C PRO B 154 15.18 -3.61 13.27
N PHE B 155 13.91 -3.43 13.58
CA PHE B 155 13.45 -3.34 14.95
C PHE B 155 13.01 -4.75 15.30
N ASP B 156 12.56 -4.96 16.54
CA ASP B 156 12.08 -6.26 16.93
C ASP B 156 10.78 -6.38 17.69
N GLY B 157 9.64 -6.15 17.07
CA GLY B 157 8.39 -6.30 17.79
C GLY B 157 8.31 -5.52 19.08
N LYS B 158 7.32 -5.85 19.89
CA LYS B 158 7.02 -5.13 21.13
C LYS B 158 8.19 -5.12 22.15
N ASP B 159 8.43 -3.94 22.73
CA ASP B 159 9.52 -3.72 23.70
C ASP B 159 10.86 -3.91 23.02
N GLY B 160 11.91 -4.10 23.83
CA GLY B 160 13.23 -4.43 23.33
C GLY B 160 13.86 -3.17 22.79
N LEU B 161 14.08 -3.13 21.49
CA LEU B 161 14.59 -1.90 20.88
C LEU B 161 13.40 -0.96 20.80
N LEU B 162 13.60 0.32 21.11
CA LEU B 162 12.53 1.29 21.10
C LEU B 162 12.59 2.23 19.92
N ALA B 163 13.80 2.61 19.54
CA ALA B 163 14.00 3.57 18.45
C ALA B 163 15.44 3.60 18.07
N HIS B 164 15.80 4.56 17.24
CA HIS B 164 17.21 4.74 16.86
C HIS B 164 17.28 6.01 16.05
N ALA B 165 18.47 6.56 15.93
CA ALA B 165 18.65 7.78 15.17
C ALA B 165 20.09 7.86 14.70
N PHE B 166 20.28 8.25 13.45
CA PHE B 166 21.60 8.32 12.88
C PHE B 166 22.24 9.67 13.14
N ALA B 167 23.52 9.65 13.50
CA ALA B 167 24.30 10.86 13.71
C ALA B 167 24.20 11.82 12.53
N PRO B 168 24.49 13.10 12.77
CA PRO B 168 24.42 14.14 11.74
C PRO B 168 25.31 13.82 10.57
N GLY B 169 24.79 14.01 9.36
CA GLY B 169 25.50 13.68 8.15
C GLY B 169 24.53 13.87 7.00
N THR B 170 24.85 13.36 5.81
CA THR B 170 23.96 13.52 4.67
C THR B 170 23.01 12.35 4.53
N GLY B 171 22.12 12.43 3.55
CA GLY B 171 21.17 11.37 3.28
C GLY B 171 20.40 11.00 4.52
N VAL B 172 20.62 9.80 5.02
CA VAL B 172 19.91 9.31 6.18
C VAL B 172 20.28 10.05 7.45
N GLY B 173 21.45 10.68 7.45
CA GLY B 173 21.93 11.42 8.62
C GLY B 173 20.89 12.22 9.41
N GLY B 174 20.90 12.08 10.72
CA GLY B 174 19.98 12.83 11.56
C GLY B 174 18.62 12.17 11.74
N ASP B 175 18.20 11.43 10.74
CA ASP B 175 16.90 10.78 10.80
C ASP B 175 16.68 10.01 12.09
N SER B 176 15.45 10.07 12.59
CA SER B 176 15.13 9.42 13.81
C SER B 176 13.92 8.54 13.58
N HIS B 177 14.06 7.26 13.90
CA HIS B 177 12.99 6.29 13.70
C HIS B 177 12.50 5.76 15.02
N PHE B 178 11.21 5.56 15.14
CA PHE B 178 10.69 4.97 16.34
C PHE B 178 9.98 3.68 15.97
N ASP B 179 10.03 2.71 16.87
CA ASP B 179 9.42 1.42 16.57
C ASP B 179 7.91 1.47 16.67
N ASP B 180 7.24 1.04 15.62
CA ASP B 180 5.79 1.10 15.56
C ASP B 180 5.06 0.05 16.36
N ASP B 181 5.77 -1.01 16.72
CA ASP B 181 5.11 -2.08 17.46
C ASP B 181 5.13 -1.77 18.93
N GLU B 182 5.59 -0.58 19.29
CA GLU B 182 5.60 -0.17 20.68
C GLU B 182 4.25 0.39 21.02
N LEU B 183 4.08 0.76 22.29
CA LEU B 183 2.86 1.38 22.76
C LEU B 183 3.29 2.74 23.18
N TRP B 184 3.29 3.68 22.26
CA TRP B 184 3.71 5.04 22.60
C TRP B 184 2.67 5.75 23.44
N THR B 185 3.14 6.47 24.43
CA THR B 185 2.27 7.15 25.35
C THR B 185 3.01 8.35 25.87
N LEU B 186 2.41 9.14 26.74
CA LEU B 186 3.20 10.21 27.34
C LEU B 186 3.94 9.70 28.58
N GLY B 187 4.02 8.38 28.70
CA GLY B 187 4.71 7.77 29.82
C GLY B 187 3.88 7.01 30.85
N GLU B 188 2.72 7.54 31.24
CA GLU B 188 1.96 6.89 32.29
C GLU B 188 0.72 6.12 31.82
N GLY B 189 0.90 5.23 30.86
CA GLY B 189 -0.22 4.45 30.35
C GLY B 189 -0.75 4.96 29.02
N GLN B 190 -1.66 4.19 28.46
CA GLN B 190 -2.27 4.54 27.20
C GLN B 190 -2.84 5.95 27.25
N VAL B 191 -2.88 6.61 26.09
CA VAL B 191 -3.46 7.94 25.98
C VAL B 191 -4.53 7.91 24.90
N VAL B 192 -5.73 8.39 25.20
CA VAL B 192 -6.76 8.52 24.19
C VAL B 192 -7.28 9.94 24.21
N ARG B 193 -7.19 10.66 23.10
CA ARG B 193 -7.77 11.99 23.05
C ARG B 193 -9.21 11.85 22.57
N VAL B 194 -10.15 12.24 23.43
CA VAL B 194 -11.57 12.06 23.20
C VAL B 194 -12.15 13.15 22.31
N LYS B 195 -13.33 12.95 21.73
CA LYS B 195 -13.92 14.07 20.98
C LYS B 195 -15.41 14.38 21.04
N TYR B 196 -16.30 13.41 20.83
CA TYR B 196 -17.70 13.81 20.84
C TYR B 196 -18.29 13.87 22.26
N GLY B 197 -18.94 14.97 22.59
CA GLY B 197 -19.56 15.11 23.89
C GLY B 197 -18.80 16.17 24.66
N ASN B 198 -19.37 16.66 25.76
CA ASN B 198 -18.68 17.63 26.61
C ASN B 198 -17.27 17.16 26.94
N ALA B 199 -16.33 18.09 27.10
CA ALA B 199 -14.97 17.66 27.40
C ALA B 199 -14.37 17.04 26.16
N ASP B 200 -14.78 17.56 25.00
CA ASP B 200 -14.33 17.04 23.72
C ASP B 200 -12.82 17.08 23.45
N GLY B 201 -12.10 17.97 24.10
CA GLY B 201 -10.69 18.03 23.81
C GLY B 201 -9.73 17.23 24.68
N GLU B 202 -10.14 16.93 25.90
CA GLU B 202 -9.20 16.36 26.86
C GLU B 202 -8.80 14.92 26.65
N TYR B 203 -7.65 14.56 27.21
CA TYR B 203 -7.22 13.20 27.15
C TYR B 203 -8.15 12.46 28.10
N CYS B 204 -8.39 11.19 27.80
CA CYS B 204 -9.18 10.36 28.68
C CYS B 204 -8.40 10.33 29.98
N LYS B 205 -9.05 9.91 31.06
CA LYS B 205 -8.38 9.81 32.34
C LYS B 205 -8.46 8.38 32.88
N PHE B 206 -7.46 7.56 32.59
CA PHE B 206 -7.45 6.23 33.14
C PHE B 206 -6.48 6.29 34.30
N PRO B 207 -6.83 5.68 35.41
CA PRO B 207 -8.07 4.94 35.56
C PRO B 207 -9.23 5.90 35.80
N PHE B 208 -10.46 5.46 35.57
CA PHE B 208 -11.65 6.23 35.93
C PHE B 208 -12.62 5.35 36.69
N LEU B 209 -13.54 5.96 37.42
CA LEU B 209 -14.43 5.19 38.27
C LEU B 209 -15.89 5.33 37.89
N PHE B 210 -16.47 4.26 37.37
CA PHE B 210 -17.88 4.23 37.02
C PHE B 210 -18.47 2.98 37.65
N ASN B 211 -19.59 3.11 38.33
CA ASN B 211 -20.25 1.96 38.93
C ASN B 211 -19.43 1.05 39.83
N GLY B 212 -18.66 1.61 40.75
CA GLY B 212 -17.85 0.79 41.62
C GLY B 212 -16.97 -0.17 40.83
N LYS B 213 -16.34 0.34 39.78
CA LYS B 213 -15.45 -0.47 38.97
C LYS B 213 -14.54 0.50 38.27
N GLU B 214 -13.24 0.21 38.26
CA GLU B 214 -12.32 1.13 37.66
C GLU B 214 -12.03 0.71 36.23
N TYR B 215 -11.90 1.70 35.36
CA TYR B 215 -11.69 1.43 33.96
C TYR B 215 -10.38 2.07 33.54
N ASN B 216 -9.43 1.26 33.11
CA ASN B 216 -8.13 1.79 32.67
C ASN B 216 -7.97 1.93 31.16
N SER B 217 -9.04 1.67 30.42
CA SER B 217 -9.06 1.86 28.99
C SER B 217 -10.46 2.25 28.61
N CYS B 218 -10.67 2.59 27.34
CA CYS B 218 -12.00 2.96 26.88
C CYS B 218 -12.90 1.75 26.94
N THR B 219 -14.18 1.98 27.16
CA THR B 219 -15.15 0.90 27.21
C THR B 219 -16.44 1.27 26.48
N ASP B 220 -17.26 0.26 26.20
CA ASP B 220 -18.55 0.50 25.60
C ASP B 220 -19.57 0.11 26.63
N THR B 221 -19.11 -0.04 27.86
CA THR B 221 -19.97 -0.40 28.96
C THR B 221 -21.04 0.67 29.04
N GLY B 222 -22.26 0.27 29.28
CA GLY B 222 -23.31 1.26 29.28
C GLY B 222 -23.87 1.38 27.88
N ARG B 223 -22.99 1.47 26.90
CA ARG B 223 -23.42 1.60 25.51
C ARG B 223 -24.17 0.39 24.97
N SER B 224 -25.04 0.67 24.02
CA SER B 224 -25.81 -0.35 23.32
C SER B 224 -25.31 -0.48 21.91
N ASP B 225 -24.69 0.59 21.43
CA ASP B 225 -24.30 0.68 20.03
C ASP B 225 -22.83 0.55 19.69
N GLY B 226 -22.08 -0.20 20.47
CA GLY B 226 -20.67 -0.43 20.16
C GLY B 226 -19.68 0.71 20.39
N PHE B 227 -20.16 1.93 20.53
CA PHE B 227 -19.25 3.07 20.71
C PHE B 227 -18.40 3.00 21.97
N LEU B 228 -17.18 3.48 21.87
CA LEU B 228 -16.28 3.48 23.01
C LEU B 228 -16.33 4.87 23.60
N TRP B 229 -16.18 4.95 24.92
CA TRP B 229 -16.16 6.25 25.60
C TRP B 229 -15.28 6.12 26.85
N CYS B 230 -15.00 7.22 27.52
CA CYS B 230 -14.20 7.18 28.72
C CYS B 230 -14.50 8.46 29.45
N SER B 231 -14.31 8.49 30.77
CA SER B 231 -14.56 9.72 31.51
C SER B 231 -13.29 10.57 31.49
N THR B 232 -13.45 11.88 31.52
CA THR B 232 -12.31 12.80 31.41
C THR B 232 -11.57 13.03 32.73
N THR B 233 -12.16 12.57 33.82
CA THR B 233 -11.56 12.72 35.13
C THR B 233 -11.83 11.47 35.91
N TYR B 234 -11.09 11.23 36.99
CA TYR B 234 -11.30 10.05 37.81
C TYR B 234 -12.77 9.81 38.21
N ASN B 235 -13.36 10.75 38.93
CA ASN B 235 -14.72 10.51 39.39
C ASN B 235 -15.82 10.96 38.43
N PHE B 236 -16.35 10.02 37.67
CA PHE B 236 -17.40 10.32 36.70
C PHE B 236 -18.68 10.69 37.40
N GLU B 237 -18.96 10.02 38.52
CA GLU B 237 -20.16 10.30 39.29
C GLU B 237 -20.23 11.80 39.60
N LYS B 238 -19.19 12.33 40.23
CA LYS B 238 -19.17 13.72 40.65
C LYS B 238 -18.93 14.74 39.53
N ASP B 239 -18.03 14.42 38.61
CA ASP B 239 -17.72 15.33 37.51
C ASP B 239 -18.68 15.19 36.32
N GLY B 240 -18.91 13.95 35.88
CA GLY B 240 -19.81 13.66 34.78
C GLY B 240 -19.30 14.10 33.43
N LYS B 241 -17.98 14.09 33.25
CA LYS B 241 -17.40 14.55 32.01
C LYS B 241 -16.79 13.41 31.22
N TYR B 242 -17.14 13.35 29.94
CA TYR B 242 -16.66 12.31 29.06
C TYR B 242 -16.67 12.77 27.63
N GLY B 243 -16.24 11.88 26.74
CA GLY B 243 -16.26 12.12 25.31
C GLY B 243 -16.14 10.75 24.71
N PHE B 244 -16.07 10.62 23.39
CA PHE B 244 -15.93 9.27 22.82
C PHE B 244 -14.51 8.93 22.35
N CYS B 245 -14.17 7.65 22.42
CA CYS B 245 -12.85 7.21 22.04
C CYS B 245 -12.83 6.89 20.57
N PRO B 246 -11.87 7.46 19.87
CA PRO B 246 -11.74 7.28 18.43
C PRO B 246 -11.56 5.81 18.06
N HIS B 247 -11.94 5.49 16.82
CA HIS B 247 -11.80 4.16 16.22
C HIS B 247 -12.48 4.15 14.84
N GLU B 248 -11.69 3.89 13.81
CA GLU B 248 -12.21 4.00 12.45
C GLU B 248 -13.28 2.97 12.16
N ALA B 249 -13.43 2.00 13.04
CA ALA B 249 -14.50 1.04 12.86
C ALA B 249 -15.78 1.65 13.39
N LEU B 250 -15.69 2.85 13.98
CA LEU B 250 -16.86 3.52 14.56
C LEU B 250 -17.14 4.83 13.88
N PHE B 251 -16.12 5.68 13.75
CA PHE B 251 -16.28 6.96 13.04
C PHE B 251 -14.92 7.49 12.62
N THR B 252 -14.93 8.55 11.83
CA THR B 252 -13.70 9.10 11.28
C THR B 252 -13.72 10.60 11.42
N MET B 253 -12.58 11.25 11.22
CA MET B 253 -12.51 12.70 11.36
C MET B 253 -12.39 13.41 10.02
N GLY B 254 -12.76 14.67 10.01
CA GLY B 254 -12.62 15.50 8.85
C GLY B 254 -13.02 14.74 7.62
N GLY B 255 -12.44 15.09 6.47
CA GLY B 255 -12.77 14.45 5.20
C GLY B 255 -14.20 14.80 4.84
N ASN B 256 -14.75 14.16 3.82
CA ASN B 256 -16.12 14.48 3.46
C ASN B 256 -17.11 13.44 3.94
N ALA B 257 -16.60 12.27 4.32
CA ALA B 257 -17.43 11.16 4.77
C ALA B 257 -18.46 11.50 5.85
N GLU B 258 -18.34 12.71 6.40
CA GLU B 258 -19.26 13.25 7.41
C GLU B 258 -19.37 12.47 8.71
N GLY B 259 -18.25 11.89 9.14
CA GLY B 259 -18.20 11.16 10.40
C GLY B 259 -18.21 9.66 10.23
N GLN B 260 -18.89 9.19 9.19
CA GLN B 260 -19.01 7.76 8.93
C GLN B 260 -17.72 6.95 9.10
N PRO B 261 -17.85 5.70 9.50
CA PRO B 261 -16.70 4.81 9.73
C PRO B 261 -16.08 4.25 8.46
N CYS B 262 -14.85 3.78 8.51
CA CYS B 262 -14.24 3.26 7.30
C CYS B 262 -14.95 1.99 6.80
N LYS B 263 -14.86 1.77 5.50
CA LYS B 263 -15.40 0.56 4.90
C LYS B 263 -14.24 -0.39 4.62
N PHE B 264 -14.28 -1.58 5.21
CA PHE B 264 -13.18 -2.48 5.01
C PHE B 264 -13.72 -3.75 4.43
N PRO B 265 -13.18 -4.15 3.29
CA PRO B 265 -12.12 -3.41 2.62
C PRO B 265 -12.64 -2.33 1.68
N PHE B 266 -11.80 -1.35 1.37
CA PHE B 266 -12.15 -0.33 0.36
C PHE B 266 -11.11 -0.37 -0.75
N ARG B 267 -11.51 -0.09 -1.97
CA ARG B 267 -10.57 -0.17 -3.07
C ARG B 267 -10.13 1.19 -3.51
N PHE B 268 -8.82 1.40 -3.57
CA PHE B 268 -8.30 2.67 -4.05
C PHE B 268 -7.92 2.48 -5.52
N GLN B 269 -6.67 2.25 -5.85
CA GLN B 269 -6.41 2.14 -7.28
C GLN B 269 -6.27 0.71 -7.76
N GLY B 270 -5.12 0.08 -7.55
CA GLY B 270 -4.99 -1.31 -7.91
C GLY B 270 -5.02 -2.17 -6.67
N THR B 271 -5.57 -1.61 -5.59
CA THR B 271 -5.52 -2.26 -4.29
C THR B 271 -6.69 -2.06 -3.35
N SER B 272 -7.04 -3.10 -2.61
CA SER B 272 -8.10 -3.01 -1.60
C SER B 272 -7.45 -2.90 -0.23
N TYR B 273 -7.81 -1.86 0.50
CA TYR B 273 -7.25 -1.66 1.82
C TYR B 273 -8.22 -2.16 2.85
N ASP B 274 -7.65 -2.64 3.94
CA ASP B 274 -8.42 -3.28 4.99
C ASP B 274 -8.22 -2.47 6.25
N SER B 275 -7.67 -1.27 6.08
CA SER B 275 -7.37 -0.40 7.21
C SER B 275 -6.96 0.93 6.64
N CYS B 276 -6.84 1.93 7.51
CA CYS B 276 -6.46 3.25 7.07
C CYS B 276 -5.03 3.26 6.59
N THR B 277 -4.77 3.76 5.39
CA THR B 277 -3.41 3.85 4.90
C THR B 277 -3.12 5.26 4.50
N THR B 278 -1.85 5.63 4.48
CA THR B 278 -1.46 6.96 4.07
C THR B 278 -1.26 7.01 2.58
N GLU B 279 -1.44 5.89 1.91
CA GLU B 279 -1.22 5.87 0.47
C GLU B 279 -1.67 7.15 -0.20
N GLY B 280 -0.81 7.73 -0.99
CA GLY B 280 -1.14 8.94 -1.69
C GLY B 280 -0.92 10.20 -0.90
N ARG B 281 -0.30 10.12 0.26
CA ARG B 281 -0.11 11.32 1.06
C ARG B 281 1.32 11.61 1.48
N THR B 282 1.59 12.88 1.77
CA THR B 282 2.91 13.29 2.25
C THR B 282 2.86 13.70 3.72
N ASP B 283 1.69 14.20 4.15
CA ASP B 283 1.53 14.65 5.53
C ASP B 283 1.57 13.54 6.58
N GLY B 284 1.54 12.27 6.15
CA GLY B 284 1.61 11.19 7.12
C GLY B 284 0.31 10.78 7.79
N TYR B 285 -0.76 11.56 7.61
CA TYR B 285 -2.05 11.30 8.22
C TYR B 285 -2.80 10.14 7.60
N ARG B 286 -3.06 9.06 8.35
CA ARG B 286 -3.82 7.92 7.84
C ARG B 286 -5.20 8.35 7.38
N TRP B 287 -5.71 7.67 6.37
CA TRP B 287 -7.07 7.90 5.88
C TRP B 287 -7.64 6.61 5.37
N CYS B 288 -8.88 6.63 4.90
CA CYS B 288 -9.47 5.43 4.34
C CYS B 288 -10.67 5.79 3.55
N GLY B 289 -11.15 4.84 2.76
CA GLY B 289 -12.39 5.02 2.04
C GLY B 289 -13.45 4.95 3.10
N THR B 290 -14.70 5.07 2.72
CA THR B 290 -15.78 5.06 3.70
C THR B 290 -16.93 4.34 3.02
N THR B 291 -16.61 3.93 1.79
CA THR B 291 -17.51 3.25 0.91
C THR B 291 -16.68 2.06 0.45
N GLU B 292 -17.21 1.16 -0.38
CA GLU B 292 -16.39 0.02 -0.79
C GLU B 292 -15.39 0.28 -1.93
N ASP B 293 -15.66 1.30 -2.74
CA ASP B 293 -14.78 1.67 -3.85
C ASP B 293 -14.48 3.17 -3.78
N TYR B 294 -13.36 3.53 -3.17
CA TYR B 294 -12.99 4.94 -3.02
C TYR B 294 -12.91 5.76 -4.31
N ASP B 295 -12.41 5.16 -5.38
CA ASP B 295 -12.28 5.84 -6.66
C ASP B 295 -13.63 6.24 -7.19
N ARG B 296 -14.60 5.37 -6.97
CA ARG B 296 -15.93 5.52 -7.53
C ARG B 296 -16.73 6.58 -6.82
N ASP B 297 -16.75 6.53 -5.50
CA ASP B 297 -17.57 7.44 -4.69
C ASP B 297 -16.82 8.60 -4.04
N LYS B 298 -15.50 8.53 -4.06
CA LYS B 298 -14.67 9.57 -3.47
C LYS B 298 -15.13 10.02 -2.08
N LYS B 299 -15.54 9.07 -1.26
CA LYS B 299 -15.95 9.38 0.11
C LYS B 299 -14.88 8.91 1.08
N TYR B 300 -14.39 9.82 1.93
CA TYR B 300 -13.34 9.47 2.90
C TYR B 300 -13.33 10.29 4.18
N GLY B 301 -12.59 9.77 5.17
CA GLY B 301 -12.39 10.42 6.45
C GLY B 301 -10.99 10.10 6.88
N PHE B 302 -10.50 10.75 7.93
CA PHE B 302 -9.15 10.47 8.41
C PHE B 302 -9.30 9.66 9.68
N CYS B 303 -8.21 9.03 10.11
CA CYS B 303 -8.22 8.22 11.32
C CYS B 303 -7.09 8.71 12.23
N PRO B 304 -7.30 9.86 12.87
CA PRO B 304 -6.25 10.47 13.71
C PRO B 304 -5.71 9.59 14.83
N GLU B 305 -6.54 8.89 15.57
CA GLU B 305 -6.07 8.11 16.72
C GLU B 305 -6.90 6.84 16.85
N THR B 306 -6.27 5.76 17.26
CA THR B 306 -7.00 4.52 17.36
C THR B 306 -7.00 3.99 18.78
N ALA B 307 -8.12 4.10 19.47
CA ALA B 307 -8.22 3.67 20.85
C ALA B 307 -8.15 2.17 20.88
N MET B 308 -7.36 1.62 21.79
CA MET B 308 -7.17 0.17 21.89
C MET B 308 -7.34 -0.34 23.32
N SER B 309 -8.06 -1.45 23.46
CA SER B 309 -8.36 -2.00 24.78
C SER B 309 -7.31 -2.99 25.15
N THR B 310 -6.97 -3.81 24.18
CA THR B 310 -5.93 -4.79 24.36
C THR B 310 -4.89 -4.36 23.38
N VAL B 311 -3.64 -4.78 23.56
CA VAL B 311 -2.60 -4.39 22.63
C VAL B 311 -1.77 -5.59 22.18
N GLY B 312 -1.20 -5.51 20.99
CA GLY B 312 -0.45 -6.63 20.47
C GLY B 312 -1.35 -7.84 20.44
N GLY B 313 -0.79 -9.05 20.53
CA GLY B 313 -1.63 -10.22 20.52
C GLY B 313 -2.22 -10.49 19.14
N ASN B 314 -3.36 -11.18 19.08
CA ASN B 314 -3.99 -11.53 17.82
C ASN B 314 -5.44 -11.14 17.74
N SER B 315 -5.88 -10.26 18.63
CA SER B 315 -7.28 -9.86 18.65
C SER B 315 -7.53 -8.40 18.21
N GLU B 316 -6.58 -7.87 17.44
CA GLU B 316 -6.74 -6.52 16.92
C GLU B 316 -7.29 -5.51 17.90
N GLY B 317 -7.03 -5.67 19.18
CA GLY B 317 -7.42 -4.64 20.13
C GLY B 317 -8.63 -4.97 20.95
N ALA B 318 -9.36 -6.00 20.54
CA ALA B 318 -10.52 -6.47 21.28
C ALA B 318 -10.26 -6.47 22.79
N PRO B 319 -11.26 -6.13 23.58
CA PRO B 319 -11.10 -6.02 25.03
C PRO B 319 -10.97 -7.36 25.73
N CYS B 320 -10.40 -7.32 26.93
CA CYS B 320 -10.27 -8.51 27.73
C CYS B 320 -11.67 -9.00 28.04
N VAL B 321 -11.78 -10.26 28.45
CA VAL B 321 -13.06 -10.87 28.73
C VAL B 321 -12.92 -11.69 29.97
N PHE B 322 -13.59 -11.31 31.04
CA PHE B 322 -13.55 -12.09 32.26
C PHE B 322 -14.94 -12.65 32.59
N PRO B 323 -14.97 -13.82 33.22
CA PRO B 323 -13.76 -14.57 33.51
C PRO B 323 -13.39 -15.32 32.26
N PHE B 324 -12.13 -15.71 32.11
CA PHE B 324 -11.73 -16.50 30.97
C PHE B 324 -10.96 -17.69 31.47
N THR B 325 -11.10 -18.81 30.80
CA THR B 325 -10.38 -19.99 31.23
C THR B 325 -9.19 -20.19 30.32
N PHE B 326 -8.05 -20.47 30.93
CA PHE B 326 -6.80 -20.70 30.22
C PHE B 326 -6.12 -21.95 30.76
N LEU B 327 -5.89 -22.92 29.88
CA LEU B 327 -5.28 -24.17 30.30
C LEU B 327 -6.08 -24.84 31.41
N GLY B 328 -7.38 -24.58 31.45
CA GLY B 328 -8.26 -25.26 32.38
C GLY B 328 -8.54 -24.61 33.73
N ASN B 329 -8.18 -23.35 33.88
CA ASN B 329 -8.48 -22.61 35.10
C ASN B 329 -9.14 -21.33 34.67
N LYS B 330 -9.96 -20.73 35.54
CA LYS B 330 -10.60 -19.49 35.14
C LYS B 330 -9.81 -18.33 35.71
N TYR B 331 -9.77 -17.24 34.96
CA TYR B 331 -9.02 -16.06 35.37
C TYR B 331 -9.94 -14.86 35.36
N GLU B 332 -9.83 -14.04 36.39
CA GLU B 332 -10.65 -12.85 36.52
C GLU B 332 -9.82 -11.60 36.20
N SER B 333 -8.53 -11.80 36.01
CA SER B 333 -7.66 -10.67 35.76
C SER B 333 -6.49 -11.05 34.87
N CYS B 334 -6.01 -10.11 34.08
CA CYS B 334 -4.88 -10.38 33.20
C CYS B 334 -3.81 -11.14 33.96
N THR B 335 -3.20 -12.12 33.29
CA THR B 335 -2.18 -12.90 33.94
C THR B 335 -0.98 -13.06 33.04
N SER B 336 0.02 -13.74 33.58
CA SER B 336 1.22 -14.04 32.84
C SER B 336 1.20 -15.55 32.60
N ALA B 337 0.17 -16.20 33.13
CA ALA B 337 0.03 -17.64 32.95
C ALA B 337 0.45 -18.03 31.55
N GLY B 338 1.33 -19.01 31.44
CA GLY B 338 1.77 -19.45 30.14
C GLY B 338 2.98 -18.71 29.61
N ARG B 339 3.10 -17.42 29.91
CA ARG B 339 4.24 -16.63 29.45
C ARG B 339 5.46 -16.75 30.35
N SER B 340 6.65 -16.69 29.74
CA SER B 340 7.91 -16.79 30.48
C SER B 340 8.57 -15.43 30.74
N ASP B 341 7.88 -14.34 30.47
CA ASP B 341 8.54 -13.05 30.63
C ASP B 341 7.78 -12.01 31.46
N GLY B 342 6.87 -12.46 32.30
CA GLY B 342 6.09 -11.55 33.13
C GLY B 342 5.08 -10.67 32.42
N LYS B 343 5.00 -10.73 31.09
CA LYS B 343 4.07 -9.84 30.39
C LYS B 343 2.62 -10.22 30.64
N MET B 344 1.85 -9.33 31.28
CA MET B 344 0.44 -9.63 31.58
C MET B 344 -0.43 -9.73 30.33
N TRP B 345 -1.09 -10.87 30.15
CA TRP B 345 -1.97 -11.07 29.01
C TRP B 345 -3.35 -11.49 29.49
N CYS B 346 -4.37 -11.15 28.72
CA CYS B 346 -5.73 -11.57 29.03
C CYS B 346 -6.25 -12.21 27.76
N ALA B 347 -7.45 -12.77 27.81
CA ALA B 347 -8.01 -13.45 26.64
C ALA B 347 -9.21 -12.69 26.11
N THR B 348 -9.48 -12.81 24.82
CA THR B 348 -10.56 -12.04 24.22
C THR B 348 -11.89 -12.77 24.05
N THR B 349 -11.99 -13.96 24.64
CA THR B 349 -13.21 -14.71 24.66
C THR B 349 -13.18 -15.42 25.97
N ALA B 350 -14.24 -16.12 26.34
CA ALA B 350 -14.27 -16.77 27.64
C ALA B 350 -13.37 -18.00 27.72
N ASN B 351 -12.96 -18.52 26.57
CA ASN B 351 -12.16 -19.72 26.59
C ASN B 351 -10.92 -19.67 25.68
N TYR B 352 -9.74 -19.58 26.29
CA TYR B 352 -8.53 -19.55 25.50
C TYR B 352 -8.27 -20.90 24.84
N ASP B 353 -8.51 -21.97 25.58
CA ASP B 353 -8.24 -23.28 25.05
C ASP B 353 -8.96 -23.53 23.72
N ASP B 354 -10.23 -23.16 23.67
CA ASP B 354 -11.00 -23.40 22.45
C ASP B 354 -10.66 -22.41 21.33
N ASP B 355 -10.76 -21.12 21.63
CA ASP B 355 -10.60 -20.13 20.58
C ASP B 355 -9.15 -19.74 20.31
N ARG B 356 -8.33 -19.72 21.35
CA ARG B 356 -6.94 -19.30 21.21
C ARG B 356 -6.88 -17.85 20.72
N LYS B 357 -7.61 -16.97 21.38
CA LYS B 357 -7.64 -15.56 21.04
C LYS B 357 -7.23 -14.78 22.27
N TRP B 358 -6.33 -13.83 22.10
CA TRP B 358 -5.76 -13.15 23.25
C TRP B 358 -5.11 -11.82 22.86
N GLY B 359 -4.60 -11.13 23.88
CA GLY B 359 -3.96 -9.84 23.72
C GLY B 359 -3.24 -9.42 25.00
N PHE B 360 -2.39 -8.41 24.89
CA PHE B 360 -1.66 -7.95 26.05
C PHE B 360 -2.50 -6.91 26.77
N CYS B 361 -2.27 -6.71 28.06
CA CYS B 361 -2.99 -5.70 28.80
C CYS B 361 -2.08 -4.50 28.87
N PRO B 362 -2.49 -3.42 28.23
CA PRO B 362 -1.62 -2.25 28.06
C PRO B 362 -0.93 -1.83 29.34
N ASP B 363 0.39 -1.80 29.26
CA ASP B 363 1.21 -1.34 30.36
C ASP B 363 1.36 0.19 30.28
N GLN B 364 2.40 0.71 30.92
CA GLN B 364 2.66 2.13 30.94
C GLN B 364 3.04 2.67 29.57
N GLY B 365 3.50 1.80 28.70
CA GLY B 365 3.97 2.24 27.41
C GLY B 365 5.28 3.00 27.58
N TYR B 366 5.71 3.67 26.52
CA TYR B 366 6.96 4.41 26.55
C TYR B 366 6.69 5.84 26.16
N SER B 367 7.20 6.77 26.96
CA SER B 367 6.95 8.18 26.71
C SER B 367 7.60 8.63 25.41
N LEU B 368 6.79 8.93 24.39
CA LEU B 368 7.33 9.41 23.14
C LEU B 368 8.24 10.60 23.41
N PHE B 369 7.87 11.47 24.33
CA PHE B 369 8.70 12.63 24.61
C PHE B 369 10.13 12.26 25.00
N LEU B 370 10.28 11.45 26.03
CA LEU B 370 11.61 11.06 26.50
C LEU B 370 12.34 10.21 25.48
N VAL B 371 11.65 9.24 24.86
CA VAL B 371 12.37 8.44 23.88
C VAL B 371 12.83 9.32 22.74
N ALA B 372 12.02 10.33 22.43
CA ALA B 372 12.34 11.21 21.33
C ALA B 372 13.52 12.06 21.73
N ALA B 373 13.50 12.55 22.96
CA ALA B 373 14.59 13.40 23.42
C ALA B 373 15.94 12.66 23.36
N HIS B 374 15.91 11.35 23.57
CA HIS B 374 17.12 10.52 23.51
C HIS B 374 17.59 10.39 22.08
N ALA B 375 16.64 10.28 21.16
CA ALA B 375 17.00 10.09 19.76
C ALA B 375 17.57 11.37 19.20
N PHE B 376 16.85 12.47 19.31
CA PHE B 376 17.38 13.70 18.74
C PHE B 376 18.80 14.00 19.28
N GLY B 377 19.08 13.59 20.51
CA GLY B 377 20.40 13.74 21.08
C GLY B 377 21.38 13.05 20.15
N HIS B 378 21.01 11.86 19.71
CA HIS B 378 21.83 11.14 18.74
C HIS B 378 21.87 11.97 17.49
N ALA B 379 20.71 12.50 17.11
CA ALA B 379 20.62 13.31 15.91
C ALA B 379 21.50 14.57 15.94
N MET B 380 21.86 15.04 17.14
CA MET B 380 22.76 16.20 17.21
C MET B 380 24.23 15.78 17.23
N GLY B 381 24.49 14.48 17.30
CA GLY B 381 25.85 14.01 17.34
C GLY B 381 26.24 13.29 18.61
N LEU B 382 25.37 13.29 19.62
CA LEU B 382 25.69 12.65 20.89
C LEU B 382 25.85 11.14 20.79
N GLU B 383 26.42 10.55 21.83
CA GLU B 383 26.78 9.14 21.88
C GLU B 383 26.28 8.62 23.22
N HIS B 384 25.94 7.33 23.33
CA HIS B 384 25.40 6.79 24.59
C HIS B 384 26.30 7.03 25.79
N SER B 385 25.67 7.28 26.94
CA SER B 385 26.39 7.59 28.18
C SER B 385 26.32 6.50 29.24
N GLN B 386 27.31 6.46 30.11
CA GLN B 386 27.35 5.46 31.18
C GLN B 386 26.66 5.96 32.45
N ASP B 387 26.40 7.26 32.52
CA ASP B 387 25.77 7.86 33.69
C ASP B 387 24.30 7.50 33.78
N PRO B 388 23.97 6.58 34.66
CA PRO B 388 22.60 6.06 34.77
C PRO B 388 21.56 7.16 34.90
N GLY B 389 22.00 8.35 35.28
CA GLY B 389 21.04 9.42 35.49
C GLY B 389 20.96 10.37 34.32
N ALA B 390 21.62 10.00 33.22
CA ALA B 390 21.69 10.88 32.04
C ALA B 390 20.89 10.41 30.82
N LEU B 391 20.01 11.28 30.35
CA LEU B 391 19.16 11.01 29.19
C LEU B 391 19.79 10.13 28.12
N MET B 392 21.01 10.46 27.74
CA MET B 392 21.67 9.70 26.69
C MET B 392 22.02 8.29 27.09
N ALA B 393 21.78 7.90 28.33
CA ALA B 393 22.00 6.52 28.68
C ALA B 393 20.97 5.77 27.85
N PRO B 394 21.24 4.53 27.46
CA PRO B 394 20.34 3.79 26.58
C PRO B 394 19.11 3.15 27.26
N ILE B 395 19.29 2.57 28.44
CA ILE B 395 18.14 1.89 29.02
C ILE B 395 17.03 2.87 29.38
N TYR B 396 15.92 2.77 28.68
CA TYR B 396 14.79 3.66 28.92
C TYR B 396 14.30 3.59 30.36
N THR B 397 14.01 4.75 30.94
CA THR B 397 13.60 4.88 32.33
C THR B 397 12.66 6.07 32.47
N TYR B 398 11.51 5.84 33.08
CA TYR B 398 10.52 6.88 33.21
C TYR B 398 10.75 7.79 34.37
N THR B 399 10.58 9.08 34.13
CA THR B 399 10.74 10.10 35.14
C THR B 399 9.59 11.10 35.00
N LYS B 400 8.86 11.37 36.08
CA LYS B 400 7.74 12.30 35.98
C LYS B 400 8.25 13.68 35.61
N ASN B 401 9.33 14.11 36.25
CA ASN B 401 9.90 15.43 35.99
C ASN B 401 11.28 15.29 35.39
N PHE B 402 11.33 15.20 34.08
CA PHE B 402 12.59 15.04 33.39
C PHE B 402 13.36 16.34 33.45
N ARG B 403 14.67 16.21 33.65
CA ARG B 403 15.60 17.33 33.62
C ARG B 403 16.85 16.83 32.92
N LEU B 404 17.32 17.56 31.92
CA LEU B 404 18.59 17.21 31.32
C LEU B 404 19.60 17.15 32.45
N SER B 405 20.31 16.03 32.56
CA SER B 405 21.39 15.91 33.53
C SER B 405 22.56 16.73 33.02
N GLN B 406 23.51 17.01 33.90
CA GLN B 406 24.67 17.80 33.47
C GLN B 406 25.46 17.01 32.44
N ASP B 407 25.55 15.71 32.66
CA ASP B 407 26.27 14.82 31.75
C ASP B 407 25.83 15.01 30.32
N ASP B 408 24.55 15.31 30.13
CA ASP B 408 24.02 15.52 28.79
C ASP B 408 24.40 16.91 28.28
N ILE B 409 24.31 17.91 29.16
CA ILE B 409 24.63 19.28 28.79
C ILE B 409 26.09 19.41 28.42
N LYS B 410 26.97 18.97 29.31
CA LYS B 410 28.39 18.99 29.04
C LYS B 410 28.56 18.40 27.65
N GLY B 411 27.93 17.25 27.43
CA GLY B 411 27.99 16.56 26.16
C GLY B 411 27.59 17.50 25.04
N ILE B 412 26.30 17.75 24.94
CA ILE B 412 25.77 18.62 23.89
C ILE B 412 26.48 19.95 23.77
N GLN B 413 26.92 20.53 24.89
CA GLN B 413 27.59 21.83 24.84
C GLN B 413 28.97 21.76 24.22
N GLU B 414 29.59 20.57 24.27
CA GLU B 414 30.94 20.39 23.76
C GLU B 414 30.99 20.53 22.25
N LEU B 415 29.83 20.40 21.61
CA LEU B 415 29.76 20.43 20.17
C LEU B 415 29.08 21.66 19.63
N TYR B 416 28.36 22.37 20.49
CA TYR B 416 27.56 23.48 19.99
C TYR B 416 27.67 24.82 20.72
N GLY B 417 27.78 24.77 22.05
CA GLY B 417 27.83 25.99 22.84
C GLY B 417 26.70 25.98 23.84
N ALA B 418 26.95 26.53 25.02
CA ALA B 418 26.01 26.50 26.13
C ALA B 418 24.73 27.32 25.97
N SER B 419 24.82 28.46 25.31
CA SER B 419 23.63 29.30 25.26
C SER B 419 23.41 30.04 23.94
N PRO B 420 22.94 31.28 24.03
CA PRO B 420 22.52 32.07 22.86
C PRO B 420 23.56 32.29 21.79
N ASP B 421 23.13 32.22 20.52
CA ASP B 421 23.98 32.52 19.37
C ASP B 421 25.04 31.47 19.09
N THR B 429 22.01 24.61 44.28
CA THR B 429 22.54 23.24 44.15
C THR B 429 23.28 23.05 42.80
N PRO B 430 23.48 21.83 42.30
CA PRO B 430 24.33 21.61 41.11
C PRO B 430 24.16 22.61 39.96
N THR B 431 25.29 23.03 39.40
CA THR B 431 25.32 24.01 38.31
C THR B 431 24.55 23.56 37.07
N LEU B 432 24.15 24.52 36.24
CA LEU B 432 23.39 24.22 35.02
C LEU B 432 23.42 22.74 34.68
N GLY B 433 22.41 22.00 35.13
CA GLY B 433 22.33 20.56 34.92
C GLY B 433 22.70 19.77 36.16
N PRO B 434 21.84 18.83 36.55
CA PRO B 434 22.09 17.99 37.73
C PRO B 434 23.38 17.17 37.62
N VAL B 435 23.79 16.55 38.71
CA VAL B 435 24.99 15.73 38.73
C VAL B 435 24.79 14.54 39.67
N THR B 436 24.98 13.34 39.12
CA THR B 436 24.73 12.12 39.85
C THR B 436 25.81 11.78 40.88
N PRO B 437 25.36 11.53 42.10
CA PRO B 437 26.25 11.19 43.22
C PRO B 437 27.35 10.21 42.88
N GLU B 438 28.31 10.12 43.79
CA GLU B 438 29.43 9.19 43.69
C GLU B 438 29.81 8.81 45.13
N ILE B 439 29.64 7.55 45.46
CA ILE B 439 29.78 7.09 46.84
C ILE B 439 31.15 7.14 47.52
N CYS B 440 32.15 6.43 47.00
CA CYS B 440 33.42 6.43 47.73
C CYS B 440 34.35 7.59 47.38
N LYS B 441 34.14 8.19 46.22
CA LYS B 441 34.97 9.31 45.80
C LYS B 441 34.49 10.62 46.39
N GLN B 442 33.23 10.67 46.79
CA GLN B 442 32.68 11.90 47.37
C GLN B 442 31.91 11.58 48.64
N ASP B 443 32.23 12.30 49.72
CA ASP B 443 31.54 12.08 50.97
C ASP B 443 30.05 12.33 50.80
N ILE B 444 29.26 11.30 51.07
CA ILE B 444 27.81 11.39 50.93
C ILE B 444 27.09 11.19 52.26
N VAL B 445 25.98 11.91 52.42
CA VAL B 445 25.13 11.73 53.59
C VAL B 445 23.78 11.27 53.02
N PHE B 446 23.55 9.97 53.06
CA PHE B 446 22.35 9.38 52.48
C PHE B 446 21.07 9.94 53.06
N ASP B 447 19.95 9.46 52.54
CA ASP B 447 18.63 9.89 53.01
C ASP B 447 17.93 8.74 53.71
N GLY B 448 18.32 7.53 53.34
CA GLY B 448 17.79 6.34 53.96
C GLY B 448 18.62 5.13 53.60
N ILE B 449 18.55 4.12 54.43
CA ILE B 449 19.21 2.85 54.18
C ILE B 449 18.26 1.82 54.75
N ALA B 450 18.24 0.63 54.19
CA ALA B 450 17.32 -0.41 54.68
C ALA B 450 17.41 -1.69 53.89
N GLN B 451 17.34 -2.82 54.59
CA GLN B 451 17.32 -4.11 53.93
C GLN B 451 15.92 -4.38 53.46
N ILE B 452 15.79 -4.91 52.25
CA ILE B 452 14.49 -5.24 51.71
C ILE B 452 14.66 -6.53 50.91
N ARG B 453 14.19 -7.64 51.48
CA ARG B 453 14.35 -8.96 50.90
C ARG B 453 15.83 -9.24 50.56
N GLY B 454 16.65 -9.38 51.59
CA GLY B 454 18.04 -9.72 51.40
C GLY B 454 18.95 -8.62 50.87
N GLU B 455 18.40 -7.66 50.14
CA GLU B 455 19.22 -6.59 49.59
C GLU B 455 19.13 -5.28 50.36
N ILE B 456 20.29 -4.69 50.62
CA ILE B 456 20.41 -3.43 51.34
C ILE B 456 20.39 -2.29 50.33
N PHE B 457 19.48 -1.33 50.51
CA PHE B 457 19.41 -0.19 49.61
C PHE B 457 19.91 1.10 50.25
N PHE B 458 20.65 1.90 49.48
CA PHE B 458 21.20 3.17 49.93
C PHE B 458 20.58 4.32 49.14
N PHE B 459 19.82 5.17 49.79
CA PHE B 459 19.11 6.23 49.09
C PHE B 459 19.80 7.60 49.05
N LYS B 460 19.37 8.39 48.08
CA LYS B 460 19.81 9.77 47.91
C LYS B 460 19.03 10.33 46.74
N ASP B 461 18.76 11.63 46.77
CA ASP B 461 17.99 12.26 45.71
C ASP B 461 18.39 11.71 44.34
N ARG B 462 17.43 11.15 43.63
CA ARG B 462 17.66 10.66 42.28
C ARG B 462 18.56 9.44 42.16
N PHE B 463 18.72 8.62 43.20
CA PHE B 463 19.62 7.44 43.09
C PHE B 463 19.60 6.44 44.25
N ILE B 464 19.73 5.15 43.94
CA ILE B 464 19.78 4.10 44.98
C ILE B 464 20.89 3.08 44.77
N TRP B 465 21.69 2.84 45.80
CA TRP B 465 22.76 1.84 45.72
C TRP B 465 22.32 0.57 46.45
N ARG B 466 22.44 -0.57 45.77
CA ARG B 466 22.01 -1.83 46.35
C ARG B 466 23.15 -2.83 46.48
N THR B 467 23.16 -3.55 47.61
CA THR B 467 24.19 -4.55 47.85
C THR B 467 23.63 -5.72 48.67
N VAL B 468 24.22 -6.89 48.49
CA VAL B 468 23.81 -8.09 49.21
C VAL B 468 24.75 -8.32 50.38
N THR B 469 26.04 -8.24 50.12
CA THR B 469 27.06 -8.41 51.15
C THR B 469 28.23 -7.45 50.93
N PRO B 470 28.58 -6.70 51.97
CA PRO B 470 29.64 -5.68 51.90
C PRO B 470 30.93 -6.12 51.19
N ARG B 471 31.19 -7.43 51.12
CA ARG B 471 32.37 -7.94 50.41
C ARG B 471 32.37 -7.31 49.03
N ASP B 472 31.42 -7.72 48.20
CA ASP B 472 31.24 -7.08 46.92
C ASP B 472 30.77 -5.67 47.24
N LYS B 473 30.90 -4.76 46.29
CA LYS B 473 30.49 -3.38 46.54
C LYS B 473 29.04 -3.22 46.14
N PRO B 474 28.42 -2.11 46.51
CA PRO B 474 27.06 -1.82 46.07
C PRO B 474 27.02 -1.78 44.55
N MET B 475 25.95 -2.25 43.94
CA MET B 475 25.86 -2.34 42.49
C MET B 475 25.47 -1.04 41.79
N GLY B 476 25.11 -0.01 42.54
CA GLY B 476 24.65 1.22 41.92
C GLY B 476 25.70 2.06 41.20
N PRO B 477 25.34 3.28 40.83
CA PRO B 477 24.01 3.84 41.05
C PRO B 477 22.95 3.38 40.07
N LEU B 478 21.70 3.56 40.46
CA LEU B 478 20.55 3.27 39.63
C LEU B 478 19.51 4.28 40.09
N LEU B 479 18.62 4.66 39.18
CA LEU B 479 17.59 5.63 39.53
C LEU B 479 16.58 4.93 40.41
N VAL B 480 15.99 5.66 41.35
CA VAL B 480 14.95 5.08 42.20
C VAL B 480 13.77 4.80 41.29
N ALA B 481 13.37 5.81 40.52
CA ALA B 481 12.26 5.70 39.59
C ALA B 481 12.20 4.32 38.96
N THR B 482 13.32 3.62 38.96
CA THR B 482 13.37 2.30 38.36
C THR B 482 12.58 1.26 39.13
N PHE B 483 12.32 1.50 40.42
CA PHE B 483 11.55 0.57 41.22
C PHE B 483 10.35 1.24 41.85
N TRP B 484 10.45 2.55 42.06
CA TRP B 484 9.39 3.32 42.69
C TRP B 484 9.21 4.64 41.96
N PRO B 485 8.70 4.57 40.73
CA PRO B 485 8.53 5.76 39.89
C PRO B 485 7.64 6.80 40.54
N GLU B 486 6.60 6.32 41.24
CA GLU B 486 5.67 7.20 41.92
C GLU B 486 6.31 7.86 43.16
N LEU B 487 7.42 7.30 43.62
CA LEU B 487 8.12 7.82 44.78
C LEU B 487 8.88 9.09 44.43
N PRO B 488 8.68 10.15 45.21
CA PRO B 488 9.31 11.45 44.96
C PRO B 488 10.80 11.44 45.23
N GLU B 489 11.47 12.50 44.81
CA GLU B 489 12.91 12.65 44.98
C GLU B 489 13.31 13.04 46.41
N LYS B 490 14.39 12.45 46.90
CA LYS B 490 14.90 12.74 48.22
C LYS B 490 14.03 12.15 49.32
N ILE B 491 13.73 10.86 49.22
CA ILE B 491 12.91 10.19 50.22
C ILE B 491 13.54 10.25 51.61
N ASP B 492 12.73 10.09 52.65
CA ASP B 492 13.23 10.21 54.02
C ASP B 492 13.28 8.93 54.86
N ALA B 493 12.68 7.84 54.39
CA ALA B 493 12.69 6.61 55.18
C ALA B 493 12.15 5.38 54.46
N VAL B 494 12.51 4.21 54.99
CA VAL B 494 12.10 2.95 54.39
C VAL B 494 12.00 1.88 55.46
N TYR B 495 10.80 1.35 55.69
CA TYR B 495 10.71 0.23 56.62
C TYR B 495 10.27 -1.09 56.02
N GLU B 496 10.88 -2.14 56.55
CA GLU B 496 10.52 -3.51 56.25
C GLU B 496 9.21 -3.68 57.00
N ALA B 497 8.17 -4.13 56.30
CA ALA B 497 6.88 -4.30 56.96
C ALA B 497 7.04 -5.09 58.24
N PRO B 498 6.29 -4.68 59.25
CA PRO B 498 6.39 -5.28 60.58
C PRO B 498 5.98 -6.74 60.56
N GLN B 499 4.71 -7.00 60.26
CA GLN B 499 4.19 -8.34 60.15
C GLN B 499 3.37 -8.38 58.87
N GLU B 500 3.91 -7.76 57.84
CA GLU B 500 3.23 -7.61 56.56
C GLU B 500 4.28 -7.61 55.44
N GLU B 501 4.11 -8.47 54.45
CA GLU B 501 5.08 -8.59 53.36
C GLU B 501 5.16 -7.35 52.45
N LYS B 502 4.98 -6.17 53.04
CA LYS B 502 4.96 -4.91 52.28
C LYS B 502 6.18 -4.04 52.56
N ALA B 503 6.58 -3.23 51.58
CA ALA B 503 7.68 -2.30 51.78
C ALA B 503 7.11 -0.93 52.15
N VAL B 504 7.52 -0.40 53.30
CA VAL B 504 6.99 0.90 53.73
C VAL B 504 7.97 2.03 53.49
N PHE B 505 7.50 3.08 52.84
CA PHE B 505 8.34 4.24 52.51
C PHE B 505 7.91 5.54 53.17
N PHE B 506 8.80 6.53 53.09
CA PHE B 506 8.60 7.84 53.71
C PHE B 506 9.23 8.91 52.81
N ALA B 507 8.53 10.02 52.62
CA ALA B 507 9.09 11.11 51.81
C ALA B 507 8.36 12.43 52.04
N GLY B 508 9.01 13.33 52.78
CA GLY B 508 8.44 14.64 53.07
C GLY B 508 7.25 14.61 54.01
N ASN B 509 6.13 15.19 53.57
CA ASN B 509 4.92 15.25 54.38
C ASN B 509 3.90 14.18 54.01
N GLU B 510 4.30 13.24 53.17
CA GLU B 510 3.40 12.18 52.76
C GLU B 510 4.03 10.82 53.02
N TYR B 511 3.21 9.77 53.11
CA TYR B 511 3.73 8.42 53.27
C TYR B 511 3.40 7.56 52.04
N TRP B 512 4.19 6.52 51.82
CA TRP B 512 4.00 5.62 50.68
C TRP B 512 4.29 4.18 51.04
N ILE B 513 3.30 3.31 50.91
CA ILE B 513 3.51 1.89 51.19
C ILE B 513 3.59 1.12 49.88
N TYR B 514 4.61 0.29 49.75
CA TYR B 514 4.82 -0.49 48.54
C TYR B 514 4.86 -1.98 48.85
N SER B 515 4.38 -2.78 47.91
CA SER B 515 4.36 -4.22 48.05
C SER B 515 4.48 -4.85 46.69
N ALA B 516 5.49 -5.71 46.52
CA ALA B 516 5.67 -6.39 45.24
C ALA B 516 5.68 -5.43 44.07
N SER B 517 6.28 -4.25 44.28
CA SER B 517 6.39 -3.23 43.25
C SER B 517 5.04 -2.73 42.75
N THR B 518 4.06 -2.66 43.63
CA THR B 518 2.74 -2.16 43.25
C THR B 518 2.22 -1.16 44.27
N LEU B 519 1.94 0.06 43.81
CA LEU B 519 1.45 1.10 44.71
C LEU B 519 -0.03 0.86 45.04
N GLU B 520 -0.35 0.98 46.33
CA GLU B 520 -1.71 0.76 46.79
C GLU B 520 -2.58 2.00 46.59
N ARG B 521 -3.86 1.77 46.31
CA ARG B 521 -4.81 2.86 46.15
C ARG B 521 -4.94 3.53 47.52
N GLY B 522 -5.02 4.85 47.55
CA GLY B 522 -5.13 5.57 48.80
C GLY B 522 -3.87 6.35 49.09
N TYR B 523 -2.73 5.67 49.04
CA TYR B 523 -1.43 6.32 49.19
C TYR B 523 -1.14 6.82 47.77
N PRO B 524 -0.65 8.05 47.64
CA PRO B 524 -0.24 8.89 48.76
C PRO B 524 -1.35 9.71 49.42
N LYS B 525 -1.12 10.00 50.69
CA LYS B 525 -1.98 10.81 51.52
C LYS B 525 -1.03 11.52 52.44
N PRO B 526 -1.42 12.68 52.97
CA PRO B 526 -0.54 13.43 53.87
C PRO B 526 -0.12 12.62 55.10
N LEU B 527 1.13 12.79 55.52
CA LEU B 527 1.67 12.11 56.67
C LEU B 527 1.07 12.70 57.94
N THR B 528 0.17 13.67 57.75
CA THR B 528 -0.45 14.36 58.88
C THR B 528 -1.43 13.49 59.65
N SER B 529 -1.68 12.28 59.18
CA SER B 529 -2.62 11.39 59.85
C SER B 529 -1.97 10.21 60.57
N LEU B 530 -0.83 9.75 60.08
CA LEU B 530 -0.12 8.64 60.72
C LEU B 530 -0.03 8.86 62.22
N GLY B 531 -0.42 7.85 62.99
CA GLY B 531 -0.46 7.89 64.45
C GLY B 531 0.20 9.04 65.20
N LEU B 532 0.70 10.03 64.47
CA LEU B 532 1.35 11.18 65.11
C LEU B 532 0.55 12.47 64.89
N PRO B 533 0.92 13.53 65.61
CA PRO B 533 0.29 14.84 65.44
C PRO B 533 0.65 15.44 64.09
N PRO B 534 -0.26 16.22 63.51
CA PRO B 534 -0.02 16.84 62.20
C PRO B 534 0.99 18.00 62.24
N ASP B 535 2.09 17.85 62.98
CA ASP B 535 3.11 18.90 63.06
C ASP B 535 4.52 18.40 62.81
N VAL B 536 4.78 17.14 63.17
CA VAL B 536 6.09 16.54 62.94
C VAL B 536 6.03 15.74 61.64
N GLN B 537 5.83 16.46 60.54
CA GLN B 537 5.63 15.89 59.21
C GLN B 537 6.75 15.00 58.62
N ARG B 538 8.00 15.42 58.71
CA ARG B 538 9.08 14.62 58.14
C ARG B 538 9.75 13.68 59.14
N VAL B 539 9.59 12.38 58.90
CA VAL B 539 10.14 11.33 59.77
C VAL B 539 11.56 10.93 59.35
N ASP B 540 12.56 11.49 60.05
CA ASP B 540 13.97 11.28 59.71
C ASP B 540 14.50 9.85 59.70
N ALA B 541 13.79 8.93 60.32
CA ALA B 541 14.22 7.53 60.32
C ALA B 541 13.09 6.55 60.60
N ALA B 542 13.38 5.26 60.48
CA ALA B 542 12.39 4.22 60.70
C ALA B 542 13.06 2.86 60.65
N PHE B 543 12.36 1.83 61.13
CA PHE B 543 12.89 0.48 61.12
C PHE B 543 12.12 -0.45 62.04
N ASN B 544 12.19 -1.75 61.75
CA ASN B 544 11.55 -2.78 62.56
C ASN B 544 12.58 -3.87 62.90
N TRP B 545 12.66 -4.28 64.17
CA TRP B 545 13.63 -5.30 64.56
C TRP B 545 13.16 -6.40 65.52
N SER B 546 13.86 -7.52 65.46
CA SER B 546 13.63 -8.74 66.23
C SER B 546 12.54 -8.76 67.31
N LYS B 547 12.93 -8.40 68.52
CA LYS B 547 12.07 -8.48 69.71
C LYS B 547 10.75 -7.72 69.64
N ASN B 548 10.84 -6.39 69.68
CA ASN B 548 9.67 -5.52 69.68
C ASN B 548 8.77 -5.64 68.45
N LYS B 549 9.34 -6.07 67.33
CA LYS B 549 8.59 -6.21 66.08
C LYS B 549 7.68 -5.01 65.82
N LYS B 550 8.24 -3.82 65.92
CA LYS B 550 7.50 -2.59 65.67
C LYS B 550 8.34 -1.63 64.85
N THR B 551 7.77 -0.48 64.52
CA THR B 551 8.50 0.53 63.78
C THR B 551 8.78 1.72 64.68
N TYR B 552 10.01 2.22 64.66
CA TYR B 552 10.39 3.35 65.47
C TYR B 552 10.60 4.59 64.62
N ILE B 553 9.64 5.50 64.68
CA ILE B 553 9.70 6.73 63.91
C ILE B 553 10.49 7.79 64.67
N PHE B 554 11.66 8.13 64.16
CA PHE B 554 12.53 9.11 64.80
C PHE B 554 12.37 10.50 64.18
N ALA B 555 12.48 11.53 65.01
CA ALA B 555 12.32 12.91 64.55
C ALA B 555 13.27 13.90 65.23
N GLY B 556 14.33 13.37 65.85
CA GLY B 556 15.32 14.22 66.49
C GLY B 556 15.26 14.22 68.00
N ASP B 557 14.36 15.01 68.56
CA ASP B 557 14.23 15.13 70.01
C ASP B 557 13.33 14.05 70.60
N LYS B 558 12.32 13.68 69.85
CA LYS B 558 11.36 12.65 70.28
C LYS B 558 11.19 11.58 69.22
N PHE B 559 10.73 10.40 69.62
CA PHE B 559 10.54 9.30 68.69
C PHE B 559 9.23 8.57 68.96
N TRP B 560 8.68 7.94 67.92
CA TRP B 560 7.40 7.26 68.03
C TRP B 560 7.50 5.76 67.79
N ARG B 561 6.38 5.07 68.04
CA ARG B 561 6.31 3.62 67.82
C ARG B 561 5.00 3.23 67.17
N TYR B 562 5.10 2.60 66.01
CA TYR B 562 3.95 2.21 65.22
C TYR B 562 3.66 0.71 65.37
N ASN B 563 2.42 0.32 65.11
CA ASN B 563 2.04 -1.10 65.16
C ASN B 563 1.07 -1.46 64.04
N GLU B 564 1.55 -2.24 63.07
CA GLU B 564 0.74 -2.63 61.93
C GLU B 564 -0.44 -3.54 62.28
N VAL B 565 -0.40 -4.11 63.48
CA VAL B 565 -1.46 -5.03 63.91
C VAL B 565 -2.56 -4.33 64.70
N LYS B 566 -2.37 -3.04 64.96
CA LYS B 566 -3.39 -2.23 65.63
C LYS B 566 -3.54 -0.93 64.86
N LYS B 567 -2.62 -0.71 63.92
CA LYS B 567 -2.58 0.49 63.09
C LYS B 567 -2.64 1.78 63.89
N LYS B 568 -2.85 1.66 65.20
CA LYS B 568 -2.91 2.82 66.08
C LYS B 568 -1.55 3.08 66.73
N MET B 569 -1.14 4.34 66.76
CA MET B 569 0.12 4.69 67.40
C MET B 569 -0.17 5.02 68.86
N ASP B 570 0.62 4.41 69.74
CA ASP B 570 0.40 4.47 71.19
C ASP B 570 0.20 5.85 71.83
N PRO B 571 -0.53 5.84 72.95
CA PRO B 571 -0.93 7.06 73.65
C PRO B 571 0.22 7.95 74.05
N GLY B 572 0.30 9.07 73.37
CA GLY B 572 1.25 10.09 73.67
C GLY B 572 2.61 9.67 74.19
N PHE B 573 3.45 9.13 73.33
CA PHE B 573 4.84 9.16 73.68
C PHE B 573 4.63 10.69 73.82
N PRO B 574 5.59 11.58 73.88
CA PRO B 574 6.97 11.40 73.49
C PRO B 574 7.84 10.81 74.55
N LYS B 575 9.10 10.96 74.26
CA LYS B 575 10.16 10.44 75.04
C LYS B 575 11.29 11.34 74.66
N LEU B 576 12.49 10.87 74.94
CA LEU B 576 13.70 11.49 74.50
C LEU B 576 14.41 10.24 74.03
N ILE B 577 14.65 10.16 72.73
CA ILE B 577 15.26 8.96 72.17
C ILE B 577 16.32 8.34 73.09
N ALA B 578 17.19 9.19 73.63
CA ALA B 578 18.28 8.72 74.48
C ALA B 578 17.83 8.17 75.83
N ASP B 579 16.52 8.23 76.09
CA ASP B 579 15.95 7.73 77.33
C ASP B 579 15.87 6.20 77.31
N ALA B 580 15.75 5.63 76.11
CA ALA B 580 15.66 4.18 75.95
C ALA B 580 16.98 3.59 75.50
N TRP B 581 17.36 3.90 74.28
CA TRP B 581 18.61 3.42 73.71
C TRP B 581 19.80 4.09 74.40
N ASN B 582 20.99 3.54 74.21
CA ASN B 582 22.19 4.10 74.80
C ASN B 582 23.17 4.54 73.72
N ALA B 583 23.56 5.81 73.77
CA ALA B 583 24.50 6.38 72.81
C ALA B 583 23.84 6.61 71.45
N ILE B 584 22.60 7.08 71.45
CA ILE B 584 21.89 7.38 70.21
C ILE B 584 21.50 8.85 70.22
N PRO B 585 22.20 9.64 69.41
CA PRO B 585 22.07 11.10 69.42
C PRO B 585 20.84 11.62 68.70
N ASP B 586 20.68 12.94 68.75
CA ASP B 586 19.57 13.62 68.11
C ASP B 586 19.87 13.78 66.63
N ASN B 587 18.87 13.57 65.79
CA ASN B 587 18.99 13.75 64.36
C ASN B 587 19.69 12.61 63.62
N LEU B 588 19.22 11.38 63.84
CA LEU B 588 19.74 10.21 63.16
C LEU B 588 19.36 10.24 61.69
N ASP B 589 20.06 9.46 60.87
CA ASP B 589 19.76 9.42 59.44
C ASP B 589 19.16 8.09 59.00
N ALA B 590 19.37 7.03 59.78
CA ALA B 590 18.84 5.71 59.44
C ALA B 590 19.19 4.66 60.49
N VAL B 591 18.71 3.44 60.26
CA VAL B 591 18.97 2.29 61.10
C VAL B 591 18.23 1.09 60.52
N VAL B 592 18.94 -0.01 60.28
CA VAL B 592 18.29 -1.16 59.65
C VAL B 592 19.08 -2.47 59.69
N ASP B 593 18.51 -3.48 60.35
CA ASP B 593 19.09 -4.81 60.35
C ASP B 593 18.12 -5.82 60.96
N LEU B 594 18.16 -7.05 60.46
CA LEU B 594 17.28 -8.10 60.97
C LEU B 594 18.01 -9.42 61.24
N GLN B 595 18.16 -9.76 62.52
CA GLN B 595 18.82 -11.00 62.93
C GLN B 595 20.28 -11.06 62.51
N GLY B 596 20.93 -9.90 62.43
CA GLY B 596 22.33 -9.85 62.06
C GLY B 596 23.21 -9.98 63.27
N GLY B 597 23.77 -11.17 63.49
CA GLY B 597 24.60 -11.42 64.64
C GLY B 597 23.91 -10.91 65.89
N GLY B 598 22.60 -10.71 65.78
CA GLY B 598 21.81 -10.20 66.89
C GLY B 598 22.08 -8.73 67.14
N HIS B 599 22.09 -7.95 66.07
CA HIS B 599 22.35 -6.53 66.16
C HIS B 599 21.33 -5.68 65.41
N SER B 600 21.39 -4.38 65.64
CA SER B 600 20.58 -3.40 64.94
C SER B 600 21.45 -2.17 64.77
N TYR B 601 22.08 -2.04 63.60
CA TYR B 601 23.02 -0.95 63.33
C TYR B 601 22.32 0.41 63.22
N PHE B 602 22.92 1.44 63.80
CA PHE B 602 22.35 2.79 63.73
C PHE B 602 23.24 3.74 62.93
N PHE B 603 22.65 4.40 61.93
CA PHE B 603 23.38 5.34 61.10
C PHE B 603 23.08 6.79 61.46
N LYS B 604 24.11 7.62 61.47
CA LYS B 604 23.99 9.04 61.77
C LYS B 604 25.21 9.72 61.15
N GLY B 605 25.02 10.93 60.64
CA GLY B 605 26.12 11.68 60.04
C GLY B 605 26.93 10.88 59.03
N ALA B 606 27.98 10.22 59.52
CA ALA B 606 28.85 9.44 58.65
C ALA B 606 29.51 8.28 59.40
N TYR B 607 28.84 7.80 60.45
CA TYR B 607 29.35 6.70 61.25
C TYR B 607 28.20 5.85 61.75
N TYR B 608 28.38 4.53 61.75
CA TYR B 608 27.31 3.65 62.21
C TYR B 608 27.57 3.14 63.62
N LEU B 609 26.49 2.95 64.37
CA LEU B 609 26.58 2.39 65.71
C LEU B 609 26.02 0.98 65.67
N LYS B 610 26.74 0.04 66.29
CA LYS B 610 26.29 -1.35 66.31
C LYS B 610 25.54 -1.64 67.60
N LEU B 611 24.22 -1.52 67.55
CA LEU B 611 23.38 -1.78 68.73
C LEU B 611 23.12 -3.27 68.89
N GLU B 612 23.05 -3.74 70.14
CA GLU B 612 22.77 -5.15 70.41
C GLU B 612 21.27 -5.35 70.59
N ASN B 613 20.79 -6.54 70.28
CA ASN B 613 19.36 -6.82 70.39
C ASN B 613 18.87 -7.04 71.82
N GLN B 614 18.81 -8.30 72.27
CA GLN B 614 18.34 -8.60 73.62
C GLN B 614 18.62 -7.48 74.63
N SER B 615 19.89 -7.13 74.82
CA SER B 615 20.25 -6.04 75.72
C SER B 615 21.04 -4.97 74.97
N LEU B 616 20.36 -3.88 74.63
CA LEU B 616 20.97 -2.78 73.88
C LEU B 616 22.24 -2.23 74.54
N LYS B 617 23.25 -3.09 74.70
CA LYS B 617 24.47 -2.67 75.37
C LYS B 617 25.74 -2.91 74.54
N SER B 618 25.60 -3.61 73.43
CA SER B 618 26.75 -3.85 72.57
C SER B 618 26.85 -2.70 71.59
N VAL B 619 28.06 -2.20 71.41
CA VAL B 619 28.27 -1.11 70.49
C VAL B 619 29.58 -1.25 69.74
N LYS B 620 29.52 -0.93 68.45
CA LYS B 620 30.69 -0.89 67.60
C LYS B 620 30.44 0.31 66.70
N PHE B 621 31.20 1.37 66.95
CA PHE B 621 31.06 2.61 66.20
C PHE B 621 32.09 2.62 65.09
N GLY B 622 31.65 2.50 63.84
CA GLY B 622 32.55 2.43 62.71
C GLY B 622 32.08 3.10 61.42
N SER B 623 33.01 3.37 60.51
CA SER B 623 32.74 4.04 59.26
C SER B 623 31.84 3.29 58.27
N ILE B 624 30.71 3.90 57.91
CA ILE B 624 29.78 3.33 56.94
C ILE B 624 30.40 3.46 55.56
N LYS B 625 31.31 4.42 55.45
CA LYS B 625 32.02 4.66 54.20
C LYS B 625 33.05 3.56 53.99
N SER B 626 33.16 2.64 54.94
CA SER B 626 34.15 1.57 54.85
C SER B 626 33.61 0.17 55.14
N ASP B 627 32.52 0.07 55.90
CA ASP B 627 31.94 -1.22 56.24
C ASP B 627 30.68 -1.53 55.44
N TRP B 628 30.01 -0.47 54.97
CA TRP B 628 28.80 -0.63 54.18
C TRP B 628 29.12 -0.27 52.73
N LEU B 629 29.55 0.96 52.51
CA LEU B 629 29.97 1.39 51.19
C LEU B 629 31.36 0.86 50.97
N GLY B 630 31.69 0.55 49.72
CA GLY B 630 33.01 0.04 49.40
C GLY B 630 33.77 -0.43 50.62
N CYS B 631 35.79 0.27 50.59
CA CYS B 631 36.76 1.34 50.39
C CYS B 631 37.26 1.82 51.74
N CYS C 1 -25.88 10.14 -97.16
CA CYS C 1 -26.01 8.81 -96.51
C CYS C 1 -25.87 8.96 -95.00
N SER C 2 -26.98 8.74 -94.30
CA SER C 2 -27.01 8.78 -92.85
C SER C 2 -27.68 7.49 -92.41
N CYS C 3 -26.88 6.45 -92.18
CA CYS C 3 -27.43 5.15 -91.83
C CYS C 3 -27.60 4.89 -90.34
N SER C 4 -28.80 4.46 -89.98
CA SER C 4 -29.13 4.16 -88.59
C SER C 4 -28.47 2.86 -88.11
N PRO C 5 -28.26 2.77 -86.80
CA PRO C 5 -27.61 1.61 -86.18
C PRO C 5 -28.49 0.37 -86.07
N VAL C 6 -27.87 -0.81 -86.21
CA VAL C 6 -28.58 -2.09 -86.09
C VAL C 6 -27.64 -3.26 -85.79
N HIS C 7 -28.18 -4.30 -85.16
CA HIS C 7 -27.41 -5.49 -84.80
C HIS C 7 -27.28 -6.44 -85.98
N PRO C 8 -26.06 -6.90 -86.25
CA PRO C 8 -25.79 -7.84 -87.33
C PRO C 8 -26.78 -8.99 -87.45
N GLN C 9 -27.78 -9.07 -86.57
CA GLN C 9 -28.82 -10.09 -86.72
C GLN C 9 -29.89 -9.54 -87.64
N GLN C 10 -30.40 -8.36 -87.29
CA GLN C 10 -31.39 -7.69 -88.10
C GLN C 10 -30.97 -7.70 -89.57
N ALA C 11 -29.68 -7.48 -89.81
CA ALA C 11 -29.14 -7.51 -91.15
C ALA C 11 -29.64 -8.75 -91.88
N PHE C 12 -29.24 -9.91 -91.36
CA PHE C 12 -29.63 -11.21 -91.92
C PHE C 12 -31.15 -11.43 -91.86
N CYS C 13 -31.87 -10.47 -91.29
CA CYS C 13 -33.33 -10.57 -91.18
C CYS C 13 -34.02 -9.59 -92.12
N ASN C 14 -33.60 -8.33 -92.08
CA ASN C 14 -34.19 -7.30 -92.92
C ASN C 14 -33.66 -7.35 -94.35
N ALA C 15 -32.52 -8.01 -94.54
CA ALA C 15 -31.90 -8.08 -95.86
C ALA C 15 -32.49 -9.19 -96.74
N ASP C 16 -32.75 -8.86 -98.00
CA ASP C 16 -33.30 -9.81 -98.95
C ASP C 16 -32.33 -10.97 -99.19
N VAL C 17 -31.09 -10.63 -99.56
CA VAL C 17 -30.07 -11.63 -99.85
C VAL C 17 -28.73 -11.28 -99.19
N VAL C 18 -28.04 -12.29 -98.68
CA VAL C 18 -26.74 -12.09 -98.03
C VAL C 18 -25.74 -13.13 -98.53
N ILE C 19 -24.61 -12.68 -99.08
CA ILE C 19 -23.60 -13.60 -99.59
C ILE C 19 -22.23 -12.92 -99.59
N ARG C 20 -21.16 -13.71 -99.69
CA ARG C 20 -19.83 -13.09 -99.78
C ARG C 20 -19.32 -13.02 -101.21
N ALA C 21 -19.34 -11.82 -101.77
CA ALA C 21 -18.89 -11.56 -103.12
C ALA C 21 -17.62 -10.73 -103.11
N LYS C 22 -17.08 -10.46 -104.29
CA LYS C 22 -15.85 -9.73 -104.45
C LYS C 22 -15.85 -9.04 -105.80
N ALA C 23 -14.94 -8.09 -106.02
CA ALA C 23 -14.90 -7.37 -107.28
C ALA C 23 -13.76 -7.85 -108.19
N VAL C 24 -14.10 -8.43 -109.33
CA VAL C 24 -13.10 -8.88 -110.31
C VAL C 24 -12.75 -7.72 -111.21
N SER C 25 -13.76 -7.17 -111.87
CA SER C 25 -13.60 -5.99 -112.72
C SER C 25 -14.86 -5.15 -112.55
N GLU C 26 -14.69 -3.96 -112.01
CA GLU C 26 -15.83 -3.08 -111.75
C GLU C 26 -16.60 -2.79 -113.02
N LYS C 27 -17.91 -3.01 -112.98
CA LYS C 27 -18.75 -2.69 -114.11
C LYS C 27 -18.87 -1.17 -114.17
N GLU C 28 -17.80 -0.55 -114.65
CA GLU C 28 -17.72 0.90 -114.74
C GLU C 28 -19.07 1.60 -114.81
N VAL C 29 -19.49 2.13 -113.67
CA VAL C 29 -20.67 2.96 -113.55
C VAL C 29 -21.05 3.63 -114.87
N ASP C 30 -22.08 3.13 -115.54
CA ASP C 30 -22.46 3.74 -116.82
C ASP C 30 -23.65 4.72 -116.75
N SER C 31 -24.07 5.17 -117.93
CA SER C 31 -25.10 6.20 -118.14
C SER C 31 -26.42 6.16 -117.34
N GLY C 32 -27.19 7.23 -117.52
CA GLY C 32 -28.49 7.40 -116.89
C GLY C 32 -29.06 8.79 -117.14
N ASN C 33 -30.14 9.15 -116.43
CA ASN C 33 -30.76 10.48 -116.52
C ASN C 33 -31.74 10.72 -115.36
N ASP C 34 -32.14 11.97 -115.12
CA ASP C 34 -33.00 12.29 -113.98
C ASP C 34 -33.64 13.68 -114.08
N ILE C 35 -34.19 14.15 -112.96
CA ILE C 35 -34.85 15.46 -112.88
C ILE C 35 -34.15 16.60 -113.62
N TYR C 36 -32.99 17.03 -113.11
CA TYR C 36 -32.24 18.11 -113.74
C TYR C 36 -31.97 17.79 -115.20
N GLY C 37 -32.01 16.51 -115.53
CA GLY C 37 -31.75 16.05 -116.87
C GLY C 37 -30.57 15.10 -116.86
N ASN C 38 -29.38 15.67 -116.72
CA ASN C 38 -28.12 14.92 -116.70
C ASN C 38 -28.19 13.44 -116.27
N PRO C 39 -27.33 12.64 -116.88
CA PRO C 39 -27.26 11.19 -116.65
C PRO C 39 -27.09 10.74 -115.20
N ILE C 40 -27.76 9.65 -114.87
CA ILE C 40 -27.66 9.01 -113.57
C ILE C 40 -26.33 8.26 -113.48
N LYS C 41 -25.62 8.45 -112.39
CA LYS C 41 -24.33 7.80 -112.19
C LYS C 41 -24.46 6.70 -111.15
N ARG C 42 -23.93 5.52 -111.46
CA ARG C 42 -24.08 4.37 -110.59
C ARG C 42 -22.90 3.42 -110.70
N ILE C 43 -22.22 3.15 -109.58
CA ILE C 43 -21.09 2.23 -109.59
C ILE C 43 -21.60 0.80 -109.79
N GLN C 44 -20.81 -0.03 -110.47
CA GLN C 44 -21.20 -1.40 -110.76
C GLN C 44 -19.99 -2.34 -110.64
N TYR C 45 -20.16 -3.43 -109.88
CA TYR C 45 -19.06 -4.36 -109.62
C TYR C 45 -19.24 -5.74 -110.24
N GLU C 46 -18.19 -6.26 -110.87
CA GLU C 46 -18.21 -7.62 -111.39
C GLU C 46 -17.85 -8.53 -110.24
N ILE C 47 -18.76 -9.41 -109.84
CA ILE C 47 -18.51 -10.20 -108.64
C ILE C 47 -18.51 -11.72 -108.77
N LYS C 48 -17.81 -12.36 -107.84
CA LYS C 48 -17.70 -13.80 -107.75
C LYS C 48 -18.20 -14.24 -106.37
N GLN C 49 -19.42 -14.77 -106.33
CA GLN C 49 -20.04 -15.19 -105.08
C GLN C 49 -19.57 -16.57 -104.62
N ILE C 50 -19.04 -16.64 -103.41
CA ILE C 50 -18.61 -17.91 -102.85
C ILE C 50 -19.83 -18.75 -102.52
N LYS C 51 -20.62 -18.27 -101.57
CA LYS C 51 -21.84 -18.94 -101.16
C LYS C 51 -22.94 -17.92 -100.88
N MET C 52 -24.18 -18.39 -100.80
CA MET C 52 -25.32 -17.52 -100.55
C MET C 52 -25.91 -17.77 -99.16
N PHE C 53 -26.28 -16.70 -98.48
CA PHE C 53 -26.90 -16.78 -97.16
C PHE C 53 -28.26 -16.09 -97.25
N LYS C 54 -29.34 -16.85 -97.16
CA LYS C 54 -30.69 -16.30 -97.31
C LYS C 54 -30.86 -15.83 -98.77
N GLY C 55 -31.93 -15.06 -99.04
CA GLY C 55 -32.20 -14.58 -100.39
C GLY C 55 -32.62 -15.47 -101.55
N PRO C 56 -33.15 -14.84 -102.59
CA PRO C 56 -33.60 -15.51 -103.82
C PRO C 56 -32.46 -16.14 -104.64
N GLU C 57 -32.81 -17.19 -105.39
CA GLU C 57 -31.82 -18.01 -106.13
C GLU C 57 -31.03 -17.37 -107.28
N LYS C 58 -31.62 -16.40 -107.99
CA LYS C 58 -30.92 -15.77 -109.12
C LYS C 58 -29.62 -15.08 -108.69
N ASP C 59 -28.57 -15.88 -108.54
CA ASP C 59 -27.27 -15.43 -108.03
C ASP C 59 -26.70 -14.13 -108.58
N ILE C 60 -26.14 -13.34 -107.66
CA ILE C 60 -25.57 -12.03 -107.98
C ILE C 60 -24.30 -12.11 -108.83
N GLU C 61 -24.32 -11.43 -109.97
CA GLU C 61 -23.17 -11.41 -110.89
C GLU C 61 -22.43 -10.09 -110.82
N PHE C 62 -23.17 -9.01 -110.55
CA PHE C 62 -22.59 -7.67 -110.45
C PHE C 62 -23.24 -6.87 -109.33
N ILE C 63 -22.43 -6.14 -108.56
CA ILE C 63 -22.97 -5.30 -107.50
C ILE C 63 -23.14 -3.87 -108.00
N TYR C 64 -24.07 -3.13 -107.39
CA TYR C 64 -24.31 -1.75 -107.80
C TYR C 64 -24.41 -0.83 -106.59
N THR C 65 -24.03 0.42 -106.78
CA THR C 65 -24.06 1.39 -105.69
C THR C 65 -24.23 2.83 -106.16
N ALA C 66 -24.91 3.62 -105.33
CA ALA C 66 -25.12 5.04 -105.62
C ALA C 66 -23.82 5.68 -106.05
N PRO C 67 -23.90 6.74 -106.84
CA PRO C 67 -22.71 7.39 -107.39
C PRO C 67 -21.66 7.71 -106.35
N SER C 68 -21.96 8.72 -105.53
CA SER C 68 -21.01 9.24 -104.56
C SER C 68 -21.17 8.73 -103.13
N SER C 69 -20.03 8.56 -102.48
CA SER C 69 -20.00 8.20 -101.06
C SER C 69 -20.96 9.12 -100.32
N ALA C 70 -20.91 10.40 -100.68
CA ALA C 70 -21.77 11.41 -100.07
C ALA C 70 -23.20 10.90 -99.92
N VAL C 71 -23.73 10.29 -100.98
CA VAL C 71 -25.08 9.73 -100.91
C VAL C 71 -25.07 8.34 -100.29
N CYS C 72 -24.09 7.52 -100.65
CA CYS C 72 -23.93 6.17 -100.09
C CYS C 72 -22.79 5.42 -100.76
N GLY C 73 -21.55 5.78 -100.41
CA GLY C 73 -20.39 5.21 -101.05
C GLY C 73 -19.93 3.86 -100.53
N VAL C 74 -20.26 2.80 -101.27
CA VAL C 74 -19.80 1.48 -100.92
C VAL C 74 -18.59 1.14 -101.78
N SER C 75 -17.70 2.11 -101.91
CA SER C 75 -16.47 1.92 -102.65
C SER C 75 -15.67 0.78 -102.04
N LEU C 76 -15.51 -0.31 -102.79
CA LEU C 76 -14.70 -1.43 -102.35
C LEU C 76 -13.65 -1.69 -103.40
N ASP C 77 -12.69 -2.56 -103.09
CA ASP C 77 -11.59 -2.82 -104.01
C ASP C 77 -11.80 -3.98 -104.96
N VAL C 78 -10.95 -4.02 -105.97
CA VAL C 78 -10.95 -5.06 -106.98
C VAL C 78 -9.53 -5.62 -106.95
N GLY C 79 -9.27 -6.67 -107.72
CA GLY C 79 -7.95 -7.27 -107.72
C GLY C 79 -7.67 -7.82 -106.33
N GLY C 80 -7.26 -6.95 -105.42
CA GLY C 80 -6.99 -7.33 -104.04
C GLY C 80 -7.40 -8.75 -103.70
N LYS C 81 -8.71 -8.99 -103.72
CA LYS C 81 -9.27 -10.31 -103.44
C LYS C 81 -9.65 -10.46 -101.96
N LYS C 82 -10.39 -9.48 -101.47
CA LYS C 82 -10.99 -9.52 -100.13
C LYS C 82 -12.44 -9.92 -100.37
N GLU C 83 -13.09 -10.49 -99.36
CA GLU C 83 -14.48 -10.89 -99.51
C GLU C 83 -15.43 -9.98 -98.74
N TYR C 84 -16.67 -9.85 -99.22
CA TYR C 84 -17.67 -9.01 -98.59
C TYR C 84 -19.05 -9.66 -98.66
N LEU C 85 -19.64 -9.88 -97.49
CA LEU C 85 -20.94 -10.56 -97.38
C LEU C 85 -22.10 -9.65 -97.76
N ILE C 86 -21.87 -8.35 -97.63
CA ILE C 86 -22.85 -7.31 -97.93
C ILE C 86 -24.19 -7.75 -98.49
N ALA C 87 -25.20 -7.69 -97.63
CA ALA C 87 -26.56 -8.10 -97.97
C ALA C 87 -27.40 -6.94 -98.49
N GLY C 88 -27.04 -6.42 -99.66
CA GLY C 88 -27.79 -5.33 -100.26
C GLY C 88 -29.15 -5.78 -100.78
N LYS C 89 -29.96 -4.82 -101.19
CA LYS C 89 -31.29 -5.10 -101.72
C LYS C 89 -31.24 -5.94 -102.99
N ALA C 90 -31.80 -7.15 -102.93
CA ALA C 90 -31.79 -8.07 -104.06
C ALA C 90 -32.63 -7.59 -105.24
N GLU C 91 -31.99 -7.47 -106.40
CA GLU C 91 -32.68 -7.08 -107.63
C GLU C 91 -32.60 -8.21 -108.65
N GLY C 92 -33.64 -8.35 -109.45
CA GLY C 92 -33.71 -9.42 -110.45
C GLY C 92 -32.40 -9.72 -111.16
N ASP C 93 -32.01 -11.00 -111.21
CA ASP C 93 -30.87 -11.51 -111.91
C ASP C 93 -29.58 -10.90 -111.40
N GLY C 94 -29.00 -11.51 -110.36
CA GLY C 94 -27.63 -11.05 -109.97
C GLY C 94 -27.52 -9.57 -109.64
N LYS C 95 -28.64 -8.88 -109.58
CA LYS C 95 -28.62 -7.47 -109.26
C LYS C 95 -28.90 -7.26 -107.79
N MET C 96 -28.02 -6.53 -107.12
CA MET C 96 -28.19 -6.24 -105.70
C MET C 96 -27.50 -4.93 -105.40
N HIS C 97 -28.20 -4.04 -104.70
CA HIS C 97 -27.63 -2.74 -104.39
C HIS C 97 -27.05 -2.67 -102.99
N ILE C 98 -25.86 -2.07 -102.90
CA ILE C 98 -25.20 -1.89 -101.63
C ILE C 98 -25.14 -0.41 -101.30
N THR C 99 -25.86 -0.01 -100.25
CA THR C 99 -25.82 1.38 -99.80
C THR C 99 -24.84 1.44 -98.63
N LEU C 100 -23.89 2.37 -98.67
CA LEU C 100 -22.92 2.49 -97.58
C LEU C 100 -23.67 2.11 -96.31
N CYS C 101 -24.93 2.50 -96.28
CA CYS C 101 -25.85 2.28 -95.18
C CYS C 101 -26.14 0.81 -94.85
N ASP C 102 -25.62 -0.12 -95.65
CA ASP C 102 -25.94 -1.54 -95.42
C ASP C 102 -24.86 -2.30 -94.65
N PHE C 103 -25.27 -3.40 -94.01
CA PHE C 103 -24.37 -4.26 -93.25
C PHE C 103 -23.29 -4.81 -94.17
N ILE C 104 -22.15 -4.12 -94.19
CA ILE C 104 -21.09 -4.40 -95.13
C ILE C 104 -19.70 -4.42 -94.49
N VAL C 105 -19.08 -5.60 -94.44
CA VAL C 105 -17.76 -5.74 -93.83
C VAL C 105 -16.86 -6.77 -94.51
N PRO C 106 -15.59 -6.40 -94.68
CA PRO C 106 -14.58 -7.33 -95.21
C PRO C 106 -14.64 -8.63 -94.43
N TRP C 107 -14.49 -9.76 -95.12
CA TRP C 107 -14.61 -11.07 -94.51
C TRP C 107 -13.82 -11.23 -93.21
N ASP C 108 -12.60 -10.71 -93.20
CA ASP C 108 -11.69 -10.88 -92.06
C ASP C 108 -12.14 -10.20 -90.77
N THR C 109 -13.02 -9.21 -90.88
CA THR C 109 -13.50 -8.47 -89.71
C THR C 109 -14.29 -9.34 -88.72
N LEU C 110 -15.27 -10.06 -89.24
CA LEU C 110 -16.15 -10.90 -88.43
C LEU C 110 -15.41 -11.92 -87.56
N SER C 111 -15.98 -12.25 -86.41
CA SER C 111 -15.37 -13.20 -85.48
C SER C 111 -15.83 -14.62 -85.71
N THR C 112 -15.10 -15.58 -85.13
CA THR C 112 -15.42 -17.00 -85.23
C THR C 112 -16.91 -17.26 -85.00
N THR C 113 -17.54 -16.41 -84.21
CA THR C 113 -18.95 -16.54 -83.90
C THR C 113 -19.84 -15.88 -84.97
N GLN C 114 -19.46 -14.68 -85.39
CA GLN C 114 -20.23 -13.92 -86.37
C GLN C 114 -20.50 -14.68 -87.67
N LYS C 115 -19.50 -15.36 -88.18
CA LYS C 115 -19.65 -16.12 -89.42
C LYS C 115 -20.66 -17.26 -89.24
N LYS C 116 -20.43 -18.10 -88.23
CA LYS C 116 -21.27 -19.26 -87.97
C LYS C 116 -22.74 -18.96 -87.68
N SER C 117 -23.08 -17.68 -87.54
CA SER C 117 -24.45 -17.28 -87.29
C SER C 117 -25.21 -17.14 -88.60
N LEU C 118 -24.50 -17.35 -89.70
CA LEU C 118 -25.03 -17.20 -91.04
C LEU C 118 -26.01 -18.30 -91.47
N ASN C 119 -25.78 -19.52 -91.00
CA ASN C 119 -26.58 -20.66 -91.43
C ASN C 119 -27.89 -20.88 -90.66
N HIS C 120 -27.82 -20.82 -89.34
CA HIS C 120 -28.96 -21.14 -88.51
C HIS C 120 -29.25 -20.12 -87.42
N ARG C 121 -28.20 -19.68 -86.74
CA ARG C 121 -28.30 -18.77 -85.61
C ARG C 121 -29.20 -17.56 -85.86
N TYR C 122 -28.59 -16.46 -86.31
CA TYR C 122 -29.35 -15.25 -86.62
C TYR C 122 -30.74 -15.57 -87.13
N GLN C 123 -30.82 -16.52 -88.05
CA GLN C 123 -32.08 -16.93 -88.69
C GLN C 123 -33.16 -17.41 -87.71
N MET C 124 -32.79 -17.66 -86.46
CA MET C 124 -33.76 -18.13 -85.48
C MET C 124 -34.41 -17.02 -84.67
N GLY C 125 -33.84 -15.82 -84.72
CA GLY C 125 -34.37 -14.72 -83.92
C GLY C 125 -35.00 -13.58 -84.70
N CYS C 126 -35.47 -13.86 -85.92
CA CYS C 126 -36.07 -12.82 -86.74
C CYS C 126 -37.51 -12.50 -86.30
N GLU C 127 -38.19 -13.48 -85.73
CA GLU C 127 -39.52 -13.25 -85.19
C GLU C 127 -39.34 -12.47 -83.89
N CYS C 128 -38.15 -11.88 -83.75
CA CYS C 128 -37.77 -11.12 -82.57
C CYS C 128 -37.23 -9.75 -82.92
N LYS C 129 -37.35 -8.82 -81.97
CA LYS C 129 -36.84 -7.48 -82.13
C LYS C 129 -35.50 -7.37 -81.41
N ILE C 130 -34.84 -6.22 -81.53
CA ILE C 130 -33.56 -6.01 -80.87
C ILE C 130 -33.39 -4.55 -80.47
N THR C 131 -34.01 -4.20 -79.35
CA THR C 131 -33.98 -2.85 -78.80
C THR C 131 -32.57 -2.32 -78.68
N ARG C 132 -32.37 -1.04 -78.99
CA ARG C 132 -31.08 -0.40 -78.78
C ARG C 132 -31.22 0.55 -77.58
N CYS C 133 -30.36 0.38 -76.59
CA CYS C 133 -30.45 1.15 -75.36
C CYS C 133 -29.99 2.59 -75.53
N PRO C 134 -30.88 3.53 -75.27
CA PRO C 134 -30.54 4.96 -75.31
C PRO C 134 -29.48 5.32 -74.28
N MET C 135 -29.90 5.46 -73.02
CA MET C 135 -28.98 5.85 -71.96
C MET C 135 -29.16 5.02 -70.71
N ILE C 136 -28.07 4.56 -70.10
CA ILE C 136 -28.21 3.98 -68.78
C ILE C 136 -28.94 5.15 -68.17
N PRO C 137 -30.12 4.94 -67.60
CA PRO C 137 -30.74 3.62 -67.36
C PRO C 137 -31.82 3.25 -68.37
N CYS C 138 -31.84 1.99 -68.82
CA CYS C 138 -32.85 1.57 -69.80
C CYS C 138 -33.58 0.28 -69.44
N TYR C 139 -34.76 0.09 -70.03
CA TYR C 139 -35.58 -1.09 -69.74
C TYR C 139 -36.18 -1.77 -70.97
N ILE C 140 -36.73 -2.95 -70.74
CA ILE C 140 -37.39 -3.75 -71.75
C ILE C 140 -38.67 -4.30 -71.14
N SER C 141 -39.78 -4.13 -71.85
CA SER C 141 -41.07 -4.59 -71.34
C SER C 141 -41.51 -5.89 -71.97
N SER C 142 -41.73 -5.89 -73.28
CA SER C 142 -42.23 -7.06 -73.99
C SER C 142 -41.38 -8.32 -73.79
N PRO C 143 -42.05 -9.46 -73.69
CA PRO C 143 -41.37 -10.76 -73.53
C PRO C 143 -40.54 -11.18 -74.75
N ASP C 144 -40.65 -10.45 -75.86
CA ASP C 144 -39.89 -10.80 -77.05
C ASP C 144 -38.73 -9.84 -77.30
N GLU C 145 -38.65 -8.77 -76.51
CA GLU C 145 -37.59 -7.78 -76.67
C GLU C 145 -36.28 -8.19 -76.01
N CYS C 146 -35.19 -7.80 -76.65
CA CYS C 146 -33.85 -8.04 -76.11
C CYS C 146 -33.10 -6.71 -76.06
N LEU C 147 -32.61 -6.35 -74.88
CA LEU C 147 -31.89 -5.11 -74.67
C LEU C 147 -30.52 -5.08 -75.34
N TRP C 148 -30.34 -4.18 -76.29
CA TRP C 148 -29.05 -4.05 -76.97
C TRP C 148 -28.43 -2.71 -76.62
N MET C 149 -27.35 -2.75 -75.83
CA MET C 149 -26.71 -1.53 -75.38
C MET C 149 -25.21 -1.46 -75.67
N ASP C 150 -24.84 -1.35 -76.94
CA ASP C 150 -23.45 -1.21 -77.29
C ASP C 150 -23.04 0.26 -77.17
N TRP C 151 -23.97 1.17 -77.42
CA TRP C 151 -23.72 2.59 -77.25
C TRP C 151 -23.16 2.78 -75.85
N VAL C 152 -23.65 1.97 -74.92
CA VAL C 152 -23.21 2.02 -73.54
C VAL C 152 -21.81 1.45 -73.37
N THR C 153 -21.59 0.22 -73.85
CA THR C 153 -20.30 -0.45 -73.70
C THR C 153 -19.28 0.03 -74.73
N GLU C 154 -19.61 -0.15 -76.01
CA GLU C 154 -18.75 0.33 -77.08
C GLU C 154 -19.59 1.17 -78.05
N LYS C 155 -19.45 2.48 -77.95
CA LYS C 155 -20.22 3.42 -78.78
C LYS C 155 -20.51 2.93 -80.20
N ASN C 156 -19.54 2.28 -80.82
CA ASN C 156 -19.67 1.88 -82.21
C ASN C 156 -20.47 0.60 -82.46
N ILE C 157 -20.83 0.39 -83.72
CA ILE C 157 -21.59 -0.80 -84.12
C ILE C 157 -20.93 -2.05 -83.60
N ASN C 158 -19.68 -2.25 -84.00
CA ASN C 158 -18.92 -3.41 -83.57
C ASN C 158 -18.68 -3.31 -82.07
N GLY C 159 -19.35 -4.18 -81.33
CA GLY C 159 -19.23 -4.20 -79.89
C GLY C 159 -19.70 -5.53 -79.34
N HIS C 160 -19.09 -5.96 -78.24
CA HIS C 160 -19.43 -7.22 -77.60
C HIS C 160 -20.75 -7.82 -78.11
N GLN C 161 -21.85 -7.22 -77.69
CA GLN C 161 -23.19 -7.73 -78.02
C GLN C 161 -23.45 -7.93 -79.50
N ALA C 162 -22.66 -7.30 -80.35
CA ALA C 162 -22.81 -7.48 -81.79
C ALA C 162 -21.79 -8.51 -82.27
N LYS C 163 -20.60 -8.44 -81.70
CA LYS C 163 -19.52 -9.36 -82.07
C LYS C 163 -19.85 -10.81 -81.70
N PHE C 164 -20.52 -11.00 -80.56
CA PHE C 164 -20.80 -12.36 -80.10
C PHE C 164 -22.26 -12.68 -79.76
N PHE C 165 -23.18 -11.75 -79.99
CA PHE C 165 -24.56 -12.01 -79.55
C PHE C 165 -25.62 -12.22 -80.63
N ALA C 166 -26.67 -12.94 -80.25
CA ALA C 166 -27.82 -13.24 -81.12
C ALA C 166 -29.07 -13.48 -80.28
N CYS C 167 -30.06 -12.61 -80.46
CA CYS C 167 -31.32 -12.69 -79.70
C CYS C 167 -32.34 -13.68 -80.28
N ILE C 168 -32.24 -14.94 -79.85
CA ILE C 168 -33.12 -16.03 -80.30
C ILE C 168 -34.54 -15.90 -79.76
N LYS C 169 -35.42 -16.79 -80.21
CA LYS C 169 -36.81 -16.80 -79.74
C LYS C 169 -37.11 -17.98 -78.81
N ARG C 170 -37.62 -17.68 -77.61
CA ARG C 170 -37.96 -18.72 -76.64
C ARG C 170 -39.14 -19.59 -77.08
N SER C 171 -39.25 -20.76 -76.46
CA SER C 171 -40.30 -21.72 -76.80
C SER C 171 -41.69 -21.27 -76.38
N ASP C 172 -41.79 -20.12 -75.73
CA ASP C 172 -43.07 -19.59 -75.29
C ASP C 172 -43.52 -18.46 -76.20
N GLY C 173 -42.62 -18.04 -77.08
CA GLY C 173 -42.89 -16.96 -78.00
C GLY C 173 -42.10 -15.73 -77.65
N SER C 174 -41.36 -15.82 -76.54
CA SER C 174 -40.53 -14.72 -76.06
C SER C 174 -39.12 -14.86 -76.62
N CYS C 175 -38.24 -13.91 -76.32
CA CYS C 175 -36.90 -13.93 -76.90
C CYS C 175 -35.76 -13.70 -75.91
N ALA C 176 -34.53 -13.99 -76.33
CA ALA C 176 -33.35 -13.84 -75.48
C ALA C 176 -32.02 -14.11 -76.20
N TRP C 177 -30.93 -13.54 -75.68
CA TRP C 177 -29.61 -13.66 -76.30
C TRP C 177 -28.93 -15.02 -76.11
N TYR C 178 -27.72 -15.14 -76.68
CA TYR C 178 -26.95 -16.37 -76.58
C TYR C 178 -25.44 -16.24 -76.87
N ARG C 179 -24.72 -17.34 -76.67
CA ARG C 179 -23.29 -17.46 -76.97
C ARG C 179 -22.88 -18.92 -76.96
N GLY C 180 -22.77 -19.52 -78.13
CA GLY C 180 -22.38 -20.92 -78.23
C GLY C 180 -23.19 -21.70 -79.24
N ALA C 181 -23.12 -23.02 -79.18
CA ALA C 181 -23.86 -23.85 -80.13
C ALA C 181 -24.88 -24.78 -79.48
N ALA C 182 -25.35 -24.43 -78.28
CA ALA C 182 -26.30 -25.28 -77.56
C ALA C 182 -27.59 -24.55 -77.12
N PRO C 183 -28.64 -24.66 -77.91
CA PRO C 183 -29.94 -24.03 -77.62
C PRO C 183 -30.95 -24.68 -76.61
N PRO C 184 -30.81 -25.96 -76.25
CA PRO C 184 -31.86 -26.69 -75.51
C PRO C 184 -32.19 -26.52 -74.00
N LYS C 185 -32.05 -25.38 -73.31
CA LYS C 185 -32.45 -25.39 -71.88
C LYS C 185 -32.72 -24.07 -71.14
N GLN C 186 -33.48 -24.19 -70.05
CA GLN C 186 -33.93 -23.06 -69.21
C GLN C 186 -32.98 -22.68 -68.06
N GLU C 187 -32.86 -23.55 -67.05
CA GLU C 187 -31.95 -23.27 -65.91
C GLU C 187 -31.37 -24.56 -65.31
N PHE C 188 -30.05 -24.59 -65.16
CA PHE C 188 -29.34 -25.76 -64.66
C PHE C 188 -29.94 -26.34 -63.39
N LEU C 189 -30.35 -27.61 -63.47
CA LEU C 189 -31.00 -28.28 -62.36
C LEU C 189 -30.61 -29.75 -62.24
N ASP C 190 -30.96 -30.34 -61.11
CA ASP C 190 -30.69 -31.73 -60.82
C ASP C 190 -31.97 -32.38 -60.29
N ILE C 191 -32.07 -33.70 -60.41
CA ILE C 191 -33.26 -34.41 -59.95
C ILE C 191 -33.27 -34.51 -58.41
N GLU C 192 -34.23 -33.82 -57.80
CA GLU C 192 -34.32 -33.80 -56.35
C GLU C 192 -35.51 -34.61 -55.85
N CYS D 1 52.25 19.83 80.87
CA CYS D 1 51.79 18.64 81.64
C CYS D 1 51.08 17.65 80.72
N SER D 2 51.52 16.40 80.76
CA SER D 2 50.92 15.36 79.93
C SER D 2 49.73 14.72 80.62
N CYS D 3 48.67 15.50 80.79
CA CYS D 3 47.44 14.99 81.37
C CYS D 3 46.71 14.18 80.31
N SER D 4 46.31 12.97 80.68
CA SER D 4 45.67 12.05 79.75
C SER D 4 44.15 12.16 79.74
N PRO D 5 43.53 11.68 78.65
CA PRO D 5 42.07 11.71 78.53
C PRO D 5 41.40 10.77 79.53
N VAL D 6 40.38 11.27 80.20
CA VAL D 6 39.62 10.47 81.15
C VAL D 6 38.18 10.94 81.13
N HIS D 7 37.25 9.99 81.20
CA HIS D 7 35.84 10.33 81.19
C HIS D 7 35.49 11.07 82.48
N PRO D 8 34.94 12.27 82.35
CA PRO D 8 34.54 13.06 83.52
C PRO D 8 33.97 12.17 84.60
N GLN D 9 33.16 11.18 84.21
CA GLN D 9 32.61 10.23 85.17
C GLN D 9 33.66 9.21 85.59
N GLN D 10 34.61 8.97 84.71
CA GLN D 10 35.66 7.99 84.95
C GLN D 10 36.59 8.40 86.09
N ALA D 11 36.96 9.68 86.13
CA ALA D 11 37.83 10.19 87.18
C ALA D 11 37.06 10.37 88.49
N PHE D 12 35.91 11.01 88.41
CA PHE D 12 35.05 11.22 89.57
C PHE D 12 34.85 9.91 90.33
N CYS D 13 34.94 8.80 89.63
CA CYS D 13 34.82 7.49 90.26
C CYS D 13 36.13 7.09 90.92
N ASN D 14 37.23 7.42 90.25
CA ASN D 14 38.56 7.07 90.76
C ASN D 14 39.05 8.03 91.85
N ALA D 15 38.23 9.02 92.18
CA ALA D 15 38.62 10.03 93.15
C ALA D 15 38.45 9.56 94.59
N ASP D 16 39.45 9.81 95.42
CA ASP D 16 39.35 9.48 96.83
C ASP D 16 38.37 10.45 97.47
N VAL D 17 38.06 11.51 96.74
CA VAL D 17 37.13 12.54 97.20
C VAL D 17 36.65 13.43 96.06
N VAL D 18 35.53 14.09 96.29
CA VAL D 18 34.96 15.05 95.35
C VAL D 18 34.25 16.07 96.22
N ILE D 19 34.61 17.34 96.09
CA ILE D 19 34.02 18.36 96.97
C ILE D 19 33.63 19.68 96.32
N ARG D 20 32.94 20.49 97.13
CA ARG D 20 32.44 21.80 96.74
C ARG D 20 33.19 22.88 97.51
N ALA D 21 34.52 22.85 97.44
CA ALA D 21 35.32 23.81 98.20
C ALA D 21 35.34 25.21 97.58
N LYS D 22 35.90 26.15 98.34
CA LYS D 22 36.05 27.53 97.89
C LYS D 22 37.30 28.10 98.56
N ALA D 23 38.34 28.32 97.75
CA ALA D 23 39.62 28.81 98.26
C ALA D 23 39.55 30.17 98.93
N VAL D 24 40.07 30.25 100.16
CA VAL D 24 40.05 31.48 100.93
C VAL D 24 41.46 32.02 101.21
N SER D 25 42.41 31.11 101.39
CA SER D 25 43.79 31.49 101.68
C SER D 25 44.77 30.63 100.89
N GLU D 26 45.86 31.26 100.42
CA GLU D 26 46.87 30.52 99.69
C GLU D 26 48.28 30.92 100.08
N LYS D 27 49.13 29.92 100.30
CA LYS D 27 50.52 30.15 100.64
C LYS D 27 51.36 28.91 100.38
N GLU D 28 52.50 29.10 99.74
CA GLU D 28 53.43 28.02 99.48
C GLU D 28 53.99 27.59 100.83
N VAL D 29 54.04 26.29 101.08
CA VAL D 29 54.55 25.80 102.36
C VAL D 29 55.47 24.59 102.20
N ASP D 30 56.34 24.40 103.18
CA ASP D 30 57.24 23.26 103.22
C ASP D 30 56.43 22.03 103.55
N SER D 31 56.70 20.92 102.85
CA SER D 31 55.97 19.70 103.16
C SER D 31 56.85 18.50 103.50
N GLY D 32 57.96 18.33 102.78
CA GLY D 32 58.83 17.20 103.05
C GLY D 32 60.26 17.36 102.58
N ASN D 33 61.08 16.35 102.85
CA ASN D 33 62.48 16.37 102.46
C ASN D 33 62.89 15.16 101.64
N ASP D 34 63.78 15.39 100.68
CA ASP D 34 64.29 14.33 99.82
C ASP D 34 65.81 14.45 99.67
N ILE D 35 66.49 13.29 99.71
CA ILE D 35 67.94 13.25 99.57
C ILE D 35 68.66 14.07 100.64
N TYR D 36 68.20 13.94 101.87
CA TYR D 36 68.80 14.55 103.06
C TYR D 36 68.95 16.09 103.11
N GLY D 37 68.67 16.80 102.03
CA GLY D 37 68.85 18.24 102.08
C GLY D 37 68.04 19.03 101.09
N ASN D 38 67.41 18.34 100.16
CA ASN D 38 66.60 19.00 99.16
C ASN D 38 65.12 18.79 99.43
N PRO D 39 64.51 19.79 100.06
CA PRO D 39 63.10 19.75 100.44
C PRO D 39 62.16 19.86 99.26
N ILE D 40 60.92 19.42 99.44
CA ILE D 40 59.91 19.55 98.42
C ILE D 40 58.83 20.50 98.93
N LYS D 41 58.56 21.55 98.16
CA LYS D 41 57.58 22.55 98.55
C LYS D 41 56.31 22.47 97.72
N ARG D 42 55.17 22.46 98.39
CA ARG D 42 53.88 22.42 97.73
C ARG D 42 53.05 23.64 98.08
N ILE D 43 52.18 24.05 97.18
CA ILE D 43 51.29 25.19 97.45
C ILE D 43 50.13 24.64 98.27
N GLN D 44 49.47 25.51 99.04
CA GLN D 44 48.39 25.06 99.90
C GLN D 44 47.26 26.07 100.02
N TYR D 45 46.05 25.65 99.68
CA TYR D 45 44.89 26.53 99.84
C TYR D 45 44.13 26.14 101.10
N GLU D 46 43.66 27.14 101.84
CA GLU D 46 42.79 26.87 102.97
C GLU D 46 41.39 26.90 102.42
N ILE D 47 40.97 25.79 101.81
CA ILE D 47 39.66 25.69 101.21
C ILE D 47 38.59 25.47 102.27
N LYS D 48 37.35 25.41 101.83
CA LYS D 48 36.24 25.16 102.73
C LYS D 48 35.20 24.28 102.04
N GLN D 49 35.08 23.04 102.53
CA GLN D 49 34.11 22.11 101.98
C GLN D 49 32.70 22.44 102.44
N ILE D 50 31.87 22.96 101.55
CA ILE D 50 30.49 23.21 101.89
C ILE D 50 29.68 21.96 101.60
N LYS D 51 30.05 21.26 100.53
CA LYS D 51 29.38 20.02 100.15
C LYS D 51 30.35 18.89 99.78
N MET D 52 30.24 17.78 100.51
CA MET D 52 31.05 16.60 100.28
C MET D 52 30.31 15.70 99.29
N PHE D 53 31.06 14.94 98.51
CA PHE D 53 30.44 13.99 97.58
C PHE D 53 30.87 12.56 97.90
N LYS D 54 32.17 12.33 97.99
CA LYS D 54 32.67 11.02 98.42
C LYS D 54 34.10 11.11 98.97
N GLY D 55 34.26 10.75 100.24
CA GLY D 55 35.55 10.81 100.90
C GLY D 55 35.41 10.96 102.41
N PRO D 56 36.50 10.66 103.12
CA PRO D 56 36.53 10.70 104.60
C PRO D 56 35.53 11.66 105.26
N GLU D 57 34.74 11.13 106.19
CA GLU D 57 33.73 11.94 106.88
C GLU D 57 34.37 13.06 107.70
N LYS D 58 35.57 13.47 107.30
CA LYS D 58 36.24 14.59 107.95
C LYS D 58 36.48 15.70 106.94
N ASP D 59 35.67 16.75 107.03
CA ASP D 59 35.75 17.90 106.13
C ASP D 59 37.17 18.23 105.71
N ILE D 60 37.43 18.11 104.42
CA ILE D 60 38.75 18.45 103.91
C ILE D 60 38.96 19.95 104.08
N GLU D 61 39.95 20.30 104.89
CA GLU D 61 40.23 21.69 105.21
C GLU D 61 41.24 22.29 104.22
N PHE D 62 42.19 21.47 103.78
CA PHE D 62 43.25 21.97 102.92
C PHE D 62 43.40 21.19 101.61
N ILE D 63 43.85 21.89 100.57
CA ILE D 63 44.09 21.29 99.26
C ILE D 63 45.48 21.69 98.78
N TYR D 64 46.37 20.71 98.65
CA TYR D 64 47.73 20.98 98.23
C TYR D 64 47.91 20.87 96.71
N THR D 65 48.95 21.52 96.19
CA THR D 65 49.22 21.48 94.76
C THR D 65 50.66 21.82 94.41
N ALA D 66 51.00 21.73 93.13
CA ALA D 66 52.36 21.99 92.64
C ALA D 66 52.72 23.48 92.62
N PRO D 67 54.02 23.76 92.74
CA PRO D 67 54.55 25.13 92.84
C PRO D 67 54.42 26.04 91.60
N SER D 68 54.47 25.48 90.39
CA SER D 68 54.37 26.32 89.19
C SER D 68 53.39 25.77 88.16
N SER D 69 52.94 26.65 87.26
CA SER D 69 51.98 26.28 86.23
C SER D 69 52.40 25.05 85.43
N ALA D 70 53.51 25.18 84.71
CA ALA D 70 54.01 24.10 83.86
C ALA D 70 54.42 22.84 84.62
N VAL D 71 54.29 22.86 85.95
CA VAL D 71 54.65 21.68 86.72
C VAL D 71 53.42 20.86 87.12
N CYS D 72 52.34 21.01 86.36
CA CYS D 72 51.11 20.29 86.63
C CYS D 72 50.42 20.85 87.87
N GLY D 73 50.49 22.17 88.05
CA GLY D 73 49.91 22.80 89.21
C GLY D 73 48.59 23.52 88.98
N VAL D 74 47.67 23.36 89.94
CA VAL D 74 46.35 23.98 89.85
C VAL D 74 46.31 25.36 90.49
N SER D 75 45.65 26.29 89.83
CA SER D 75 45.47 27.63 90.36
C SER D 75 44.02 27.79 90.79
N LEU D 76 43.79 28.44 91.92
CA LEU D 76 42.44 28.63 92.43
C LEU D 76 42.20 30.07 92.87
N ASP D 77 40.93 30.46 92.92
CA ASP D 77 40.56 31.81 93.30
C ASP D 77 40.51 32.00 94.81
N VAL D 78 41.56 32.63 95.35
CA VAL D 78 41.66 32.91 96.78
C VAL D 78 40.72 34.06 97.14
N GLY D 79 40.59 34.34 98.44
CA GLY D 79 39.75 35.44 98.90
C GLY D 79 38.26 35.18 98.77
N GLY D 80 37.88 34.29 97.87
CA GLY D 80 36.48 33.96 97.66
C GLY D 80 35.94 34.59 96.39
N LYS D 81 36.72 34.52 95.32
CA LYS D 81 36.30 35.06 94.03
C LYS D 81 35.37 34.05 93.35
N LYS D 82 35.70 32.77 93.51
CA LYS D 82 34.92 31.69 92.92
C LYS D 82 34.80 30.50 93.86
N GLU D 83 34.43 29.35 93.30
CA GLU D 83 34.31 28.10 94.03
C GLU D 83 34.38 26.99 93.00
N TYR D 84 34.94 25.84 93.37
CA TYR D 84 35.12 24.76 92.42
C TYR D 84 34.66 23.40 92.92
N LEU D 85 34.17 22.59 91.98
CA LEU D 85 33.83 21.20 92.27
C LEU D 85 35.11 20.42 92.01
N ILE D 86 35.92 20.25 93.05
CA ILE D 86 37.20 19.57 92.92
C ILE D 86 37.09 18.09 93.26
N ALA D 87 38.07 17.32 92.79
CA ALA D 87 38.11 15.88 93.02
C ALA D 87 39.50 15.33 92.71
N GLY D 88 39.97 14.41 93.55
CA GLY D 88 41.27 13.80 93.36
C GLY D 88 41.68 12.91 94.51
N LYS D 89 42.97 12.60 94.58
CA LYS D 89 43.49 11.74 95.64
C LYS D 89 43.54 12.48 96.97
N ALA D 90 43.13 11.78 98.03
CA ALA D 90 43.10 12.38 99.36
C ALA D 90 44.41 12.17 100.08
N GLU D 91 44.93 13.24 100.67
CA GLU D 91 46.18 13.17 101.40
C GLU D 91 45.97 13.34 102.90
N GLY D 92 45.67 12.22 103.57
CA GLY D 92 45.50 12.21 105.00
C GLY D 92 44.32 12.99 105.54
N ASP D 93 44.10 12.86 106.85
CA ASP D 93 43.03 13.45 107.58
C ASP D 93 43.01 14.95 107.41
N GLY D 94 42.10 15.45 106.56
CA GLY D 94 41.91 16.88 106.37
C GLY D 94 42.65 17.53 105.21
N LYS D 95 43.45 16.75 104.50
CA LYS D 95 44.20 17.30 103.36
C LYS D 95 43.97 16.50 102.09
N MET D 96 44.28 17.11 100.94
CA MET D 96 44.14 16.45 99.64
C MET D 96 45.14 16.99 98.63
N HIS D 97 45.53 16.16 97.68
CA HIS D 97 46.46 16.54 96.64
C HIS D 97 45.80 16.50 95.27
N ILE D 98 45.96 17.57 94.50
CA ILE D 98 45.35 17.63 93.17
C ILE D 98 46.31 18.04 92.06
N THR D 99 46.05 17.51 90.86
CA THR D 99 46.83 17.84 89.67
C THR D 99 45.85 18.32 88.61
N LEU D 100 46.35 18.67 87.43
CA LEU D 100 45.47 19.19 86.38
C LEU D 100 44.55 18.14 85.77
N CYS D 101 45.05 16.92 85.59
CA CYS D 101 44.27 15.83 85.02
C CYS D 101 43.04 15.54 85.85
N ASP D 102 42.97 16.16 87.01
CA ASP D 102 41.86 15.93 87.92
C ASP D 102 40.61 16.68 87.48
N PHE D 103 39.48 16.00 87.60
CA PHE D 103 38.18 16.56 87.26
C PHE D 103 38.04 17.98 87.79
N ILE D 104 38.46 18.97 87.00
CA ILE D 104 38.39 20.36 87.39
C ILE D 104 37.22 21.07 86.70
N VAL D 105 36.35 21.69 87.49
CA VAL D 105 35.19 22.40 86.97
C VAL D 105 34.64 23.38 87.99
N PRO D 106 34.49 24.64 87.60
CA PRO D 106 33.84 25.63 88.46
C PRO D 106 32.40 25.20 88.74
N TRP D 107 31.82 25.65 89.84
CA TRP D 107 30.44 25.28 90.16
C TRP D 107 29.51 25.98 89.18
N ASP D 108 29.67 27.30 89.06
CA ASP D 108 28.96 28.03 88.04
C ASP D 108 29.49 27.43 86.75
N THR D 109 28.69 27.45 85.69
CA THR D 109 29.08 26.84 84.43
C THR D 109 29.01 25.31 84.55
N LEU D 110 27.99 24.84 85.25
CA LEU D 110 27.70 23.41 85.34
C LEU D 110 26.24 23.22 84.93
N SER D 111 25.90 22.00 84.54
CA SER D 111 24.53 21.70 84.13
C SER D 111 23.90 20.72 85.10
N THR D 112 22.57 20.69 85.14
CA THR D 112 21.85 19.78 86.03
C THR D 112 22.26 18.34 85.75
N THR D 113 22.80 18.12 84.56
CA THR D 113 23.26 16.79 84.16
C THR D 113 24.57 16.43 84.85
N GLN D 114 25.17 17.40 85.53
CA GLN D 114 26.40 17.18 86.27
C GLN D 114 26.23 17.64 87.70
N LYS D 115 25.54 18.76 87.88
CA LYS D 115 25.35 19.30 89.22
C LYS D 115 24.31 18.52 90.04
N LYS D 116 23.71 17.52 89.40
CA LYS D 116 22.71 16.71 90.09
C LYS D 116 23.13 15.25 90.14
N SER D 117 23.96 14.83 89.19
CA SER D 117 24.35 13.43 89.10
C SER D 117 25.60 13.03 89.89
N LEU D 118 25.92 13.77 90.95
CA LEU D 118 27.12 13.49 91.75
C LEU D 118 26.85 12.67 93.01
N ASN D 119 25.65 12.84 93.59
CA ASN D 119 25.27 12.14 94.82
C ASN D 119 25.45 10.63 94.75
N HIS D 120 24.52 9.99 94.04
CA HIS D 120 24.48 8.54 93.92
C HIS D 120 24.57 8.15 92.43
N ARG D 121 24.15 9.07 91.57
CA ARG D 121 24.06 8.80 90.13
C ARG D 121 25.40 8.68 89.38
N TYR D 122 26.47 9.23 89.93
CA TYR D 122 27.78 9.13 89.27
C TYR D 122 28.53 7.88 89.68
N GLN D 123 28.45 7.55 90.97
CA GLN D 123 29.10 6.36 91.50
C GLN D 123 28.65 5.12 90.75
N MET D 124 27.33 4.98 90.57
CA MET D 124 26.77 3.83 89.88
C MET D 124 27.71 3.30 88.79
N GLY D 125 28.33 4.20 88.05
CA GLY D 125 29.26 3.82 87.00
C GLY D 125 30.68 3.57 87.47
N CYS D 126 30.82 3.09 88.70
CA CYS D 126 32.16 2.80 89.24
C CYS D 126 32.62 1.39 88.93
N GLU D 127 31.87 0.38 89.38
CA GLU D 127 32.22 -1.00 89.07
C GLU D 127 32.69 -0.95 87.64
N CYS D 128 31.85 -0.33 86.83
CA CYS D 128 32.04 -0.13 85.42
C CYS D 128 33.41 0.44 85.03
N LYS D 129 33.89 0.07 83.84
CA LYS D 129 35.17 0.57 83.35
C LYS D 129 35.11 0.94 81.87
N ILE D 130 34.98 2.24 81.62
CA ILE D 130 34.88 2.80 80.27
C ILE D 130 36.16 2.65 79.46
N THR D 131 36.03 2.15 78.24
CA THR D 131 37.20 1.96 77.38
C THR D 131 37.54 3.23 76.61
N ARG D 132 38.09 3.05 75.42
CA ARG D 132 38.55 4.18 74.62
C ARG D 132 38.57 3.82 73.14
N CYS D 133 38.06 4.72 72.30
CA CYS D 133 38.10 4.52 70.86
C CYS D 133 39.47 4.91 70.36
N PRO D 134 40.33 3.91 70.08
CA PRO D 134 41.68 4.18 69.61
C PRO D 134 41.64 4.94 68.30
N MET D 135 40.67 4.59 67.45
CA MET D 135 40.56 5.20 66.14
C MET D 135 39.24 4.80 65.48
N ILE D 136 38.96 5.39 64.32
CA ILE D 136 37.81 5.04 63.53
C ILE D 136 38.12 3.71 62.83
N PRO D 137 37.35 2.65 63.06
CA PRO D 137 36.26 2.57 64.05
C PRO D 137 36.68 1.73 65.26
N CYS D 138 35.77 1.49 66.22
CA CYS D 138 36.11 0.75 67.45
C CYS D 138 35.08 -0.29 67.96
N TYR D 139 35.45 -1.03 69.00
CA TYR D 139 34.58 -2.05 69.64
C TYR D 139 34.73 -2.05 71.17
N ILE D 140 33.93 -2.89 71.83
CA ILE D 140 34.05 -3.15 73.27
C ILE D 140 34.19 -4.66 73.51
N SER D 141 35.44 -5.13 73.62
CA SER D 141 35.72 -6.54 73.81
C SER D 141 35.15 -7.16 75.10
N SER D 142 35.20 -6.40 76.18
CA SER D 142 34.68 -6.88 77.46
C SER D 142 33.19 -6.58 77.59
N PRO D 143 32.46 -7.44 78.31
CA PRO D 143 31.02 -7.25 78.52
C PRO D 143 30.69 -6.05 79.42
N ASP D 144 31.35 -5.94 80.57
CA ASP D 144 31.09 -4.81 81.46
C ASP D 144 32.02 -3.63 81.22
N GLU D 145 32.01 -3.13 79.98
CA GLU D 145 32.81 -1.98 79.59
C GLU D 145 32.11 -1.18 78.50
N CYS D 146 32.20 0.14 78.56
CA CYS D 146 31.56 1.00 77.58
C CYS D 146 32.56 1.63 76.60
N LEU D 147 32.15 1.75 75.35
CA LEU D 147 32.98 2.34 74.28
C LEU D 147 32.76 3.85 74.17
N TRP D 148 33.84 4.59 74.41
CA TRP D 148 33.81 6.04 74.43
C TRP D 148 34.18 6.66 73.08
N MET D 149 33.25 7.39 72.49
CA MET D 149 33.51 8.07 71.22
C MET D 149 33.36 9.59 71.35
N ASP D 150 33.58 10.09 72.57
CA ASP D 150 33.50 11.51 72.89
C ASP D 150 34.30 12.34 71.90
N TRP D 151 35.58 12.03 71.86
CA TRP D 151 36.55 12.72 71.04
C TRP D 151 36.32 12.46 69.56
N VAL D 152 35.49 11.48 69.23
CA VAL D 152 35.27 11.20 67.81
C VAL D 152 33.86 11.58 67.35
N THR D 153 33.02 11.99 68.30
CA THR D 153 31.67 12.41 67.98
C THR D 153 31.70 13.72 67.19
N GLU D 154 31.35 14.82 67.86
CA GLU D 154 31.34 16.12 67.21
C GLU D 154 32.72 16.43 66.70
N LYS D 155 33.70 15.80 67.31
CA LYS D 155 35.10 16.13 67.09
C LYS D 155 35.32 17.19 68.16
N ASN D 156 34.54 17.02 69.22
CA ASN D 156 34.53 17.86 70.40
C ASN D 156 34.38 16.90 71.58
N ILE D 157 35.22 17.04 72.60
CA ILE D 157 35.15 16.16 73.76
C ILE D 157 34.02 16.62 74.69
N ASN D 158 33.75 17.92 74.66
CA ASN D 158 32.68 18.50 75.46
C ASN D 158 31.33 18.32 74.76
N GLY D 159 30.71 17.16 74.99
CA GLY D 159 29.43 16.85 74.38
C GLY D 159 28.60 15.88 75.20
N HIS D 160 27.54 15.37 74.61
CA HIS D 160 26.64 14.44 75.29
C HIS D 160 27.20 13.04 75.44
N GLN D 161 28.49 12.87 75.15
CA GLN D 161 29.11 11.56 75.23
C GLN D 161 29.68 11.31 76.63
N ALA D 162 29.82 12.39 77.40
CA ALA D 162 30.38 12.29 78.74
C ALA D 162 29.47 12.89 79.80
N LYS D 163 28.89 14.04 79.48
CA LYS D 163 28.03 14.76 80.41
C LYS D 163 26.80 13.94 80.78
N PHE D 164 25.88 13.83 79.83
CA PHE D 164 24.63 13.12 80.04
C PHE D 164 24.83 11.61 80.10
N PHE D 165 25.94 11.13 79.57
CA PHE D 165 26.19 9.70 79.54
C PHE D 165 26.89 9.18 80.79
N ALA D 166 26.46 8.01 81.23
CA ALA D 166 27.00 7.36 82.41
C ALA D 166 27.03 5.86 82.17
N CYS D 167 28.19 5.24 82.43
CA CYS D 167 28.34 3.81 82.20
C CYS D 167 27.84 3.00 83.39
N ILE D 168 26.53 2.79 83.46
CA ILE D 168 25.91 2.04 84.55
C ILE D 168 26.07 0.53 84.33
N LYS D 169 26.06 -0.22 85.42
CA LYS D 169 26.17 -1.68 85.36
C LYS D 169 24.80 -2.35 85.23
N ARG D 170 24.65 -3.17 84.20
CA ARG D 170 23.40 -3.90 83.97
C ARG D 170 23.11 -4.90 85.09
N SER D 171 21.92 -5.48 85.05
CA SER D 171 21.49 -6.43 86.07
C SER D 171 22.18 -7.79 85.99
N ASP D 172 22.93 -8.04 84.93
CA ASP D 172 23.60 -9.33 84.75
C ASP D 172 25.10 -9.27 84.98
N GLY D 173 25.63 -8.07 85.19
CA GLY D 173 27.06 -7.92 85.45
C GLY D 173 27.80 -7.11 84.41
N SER D 174 27.10 -6.69 83.36
CA SER D 174 27.71 -5.90 82.29
C SER D 174 27.28 -4.44 82.38
N CYS D 175 27.78 -3.61 81.48
CA CYS D 175 27.45 -2.19 81.49
C CYS D 175 26.72 -1.61 80.28
N ALA D 176 26.37 -0.33 80.36
CA ALA D 176 25.71 0.40 79.27
C ALA D 176 25.47 1.87 79.64
N TRP D 177 25.42 2.75 78.63
CA TRP D 177 25.19 4.17 78.86
C TRP D 177 23.74 4.51 79.19
N TYR D 178 23.48 5.77 79.50
CA TYR D 178 22.17 6.22 79.91
C TYR D 178 22.05 7.73 79.77
N ARG D 179 20.89 8.27 80.11
CA ARG D 179 20.68 9.72 80.09
C ARG D 179 19.32 10.15 80.64
N GLY D 180 19.30 10.55 81.91
CA GLY D 180 18.08 11.02 82.54
C GLY D 180 17.83 10.48 83.94
N ALA D 181 16.62 10.68 84.44
CA ALA D 181 16.24 10.21 85.76
C ALA D 181 15.30 9.02 85.62
N ALA D 182 15.87 7.84 85.44
CA ALA D 182 15.05 6.65 85.23
C ALA D 182 15.64 5.37 85.82
N PRO D 183 14.76 4.43 86.17
CA PRO D 183 15.13 3.13 86.74
C PRO D 183 15.44 2.11 85.64
N PRO D 184 14.86 0.91 85.72
CA PRO D 184 15.08 -0.11 84.69
C PRO D 184 14.47 0.32 83.37
N LYS D 185 15.19 0.06 82.29
CA LYS D 185 14.72 0.43 80.97
C LYS D 185 15.13 -0.62 79.95
N GLN D 186 14.18 -1.48 79.58
CA GLN D 186 14.43 -2.47 78.54
C GLN D 186 13.79 -1.97 77.25
N GLU D 187 12.76 -2.67 76.78
CA GLU D 187 12.10 -2.30 75.54
C GLU D 187 10.84 -1.48 75.78
N PHE D 188 10.67 -0.37 75.07
CA PHE D 188 9.38 0.33 75.18
C PHE D 188 8.38 -0.79 75.00
N LEU D 189 7.45 -0.92 75.93
CA LEU D 189 6.52 -2.04 75.85
C LEU D 189 5.04 -1.63 75.99
N ASP D 190 4.18 -2.35 75.27
CA ASP D 190 2.75 -2.13 75.37
C ASP D 190 2.10 -3.44 75.82
N ILE D 191 1.55 -3.43 77.03
CA ILE D 191 0.86 -4.60 77.55
C ILE D 191 0.12 -5.31 76.42
N GLU D 192 0.72 -6.38 75.89
CA GLU D 192 0.12 -7.15 74.80
C GLU D 192 -0.22 -8.57 75.26
S SO4 E . 2.33 3.30 6.10
O1 SO4 E . 1.85 2.12 6.80
O2 SO4 E . 1.75 3.35 4.76
O3 SO4 E . 1.90 4.46 6.87
O4 SO4 E . 3.79 3.28 6.00
ZN ZN F . -3.99 9.87 -17.39
ZN ZN G . -6.46 9.24 -29.29
CA CA H . -13.06 3.12 -19.64
S SO4 I . -1.68 0.19 -7.13
O1 SO4 I . -2.02 -1.15 -6.68
O2 SO4 I . -2.10 0.32 -8.52
O3 SO4 I . -2.38 1.17 -6.31
O4 SO4 I . -0.25 0.43 -7.02
ZN ZN J . 15.60 2.93 11.24
ZN ZN K . 20.51 5.80 21.96
CA CA L . 10.76 -3.09 19.55
#